data_5FCL
#
_entry.id   5FCL
#
_cell.length_a   261.359
_cell.length_b   164.065
_cell.length_c   78.685
_cell.angle_alpha   90.00
_cell.angle_beta   90.09
_cell.angle_gamma   90.00
#
_symmetry.space_group_name_H-M   'C 1 2 1'
#
loop_
_entity.id
_entity.type
_entity.pdbx_description
1 polymer 'CRISPR-associated endonuclease Cas1'
2 water water
#
_entity_poly.entity_id   1
_entity_poly.type   'polypeptide(L)'
_entity_poly.pdbx_seq_one_letter_code
;MRGSHHHHHHGSMDNAFSPSDLKTILHSKRANVYYLQHCRILVNGGRVEYVTEEGNQSLYWNIPIANTSVVMLGTGTSVT
QAAMREFARAGVMIGFCGGGGTPLFAANEAEVAVSWLSPQSEYRPTEYLQDWVSFWFDDEKRLAAAIAFQQVRITQIRQH
WLGSRLSRESRFTFKSEHLQALLDRYQKGLTDCRTSNDVLVQEAMMTKALYRLAANAVSYGDFTRAKRGGGTDLANRFLD
HGNYLAYGLAAVSTWVLGLPHGLAVLHGKTRRGGLVFDVADLIKDALVLPQAFIAAMEGEDEQEFRQRCLTAFQQSEALD
VMIGSLQDVASKLSQVVR
;
_entity_poly.pdbx_strand_id   A,B,C,D,E,F
#
# COMPACT_ATOMS: atom_id res chain seq x y z
N THR A 24 -1.20 -15.64 -18.05
CA THR A 24 -2.36 -14.79 -17.82
C THR A 24 -2.10 -13.36 -18.29
N ILE A 25 -0.94 -12.82 -17.90
CA ILE A 25 -0.54 -11.49 -18.35
C ILE A 25 0.41 -11.55 -19.55
N LEU A 26 1.03 -12.71 -19.81
CA LEU A 26 1.90 -12.88 -20.96
C LEU A 26 1.04 -13.23 -22.17
N HIS A 27 0.81 -12.25 -23.04
CA HIS A 27 -0.05 -12.46 -24.19
C HIS A 27 0.67 -13.11 -25.37
N SER A 28 2.00 -13.09 -25.38
CA SER A 28 2.77 -13.74 -26.44
C SER A 28 3.99 -14.42 -25.84
N LYS A 29 4.08 -15.73 -26.02
CA LYS A 29 5.28 -16.46 -25.62
C LYS A 29 6.43 -16.24 -26.60
N ARG A 30 6.11 -15.97 -27.86
CA ARG A 30 7.13 -15.79 -28.90
C ARG A 30 7.83 -14.44 -28.83
N ALA A 31 7.13 -13.40 -28.37
CA ALA A 31 7.68 -12.05 -28.35
C ALA A 31 7.78 -11.46 -26.94
N ASN A 32 7.41 -12.20 -25.91
CA ASN A 32 7.42 -11.73 -24.53
C ASN A 32 6.61 -10.43 -24.39
N VAL A 33 5.33 -10.53 -24.75
CA VAL A 33 4.42 -9.39 -24.70
C VAL A 33 3.57 -9.53 -23.45
N TYR A 34 3.75 -8.61 -22.51
CA TYR A 34 2.99 -8.61 -21.27
C TYR A 34 1.89 -7.56 -21.34
N TYR A 35 0.72 -7.92 -20.82
CA TYR A 35 -0.43 -7.03 -20.80
C TYR A 35 -0.68 -6.59 -19.36
N LEU A 36 -0.82 -5.28 -19.16
CA LEU A 36 -1.06 -4.71 -17.84
C LEU A 36 -2.34 -3.90 -17.85
N GLN A 37 -3.04 -3.92 -16.73
CA GLN A 37 -4.26 -3.14 -16.57
C GLN A 37 -4.44 -2.75 -15.11
N HIS A 38 -5.12 -1.63 -14.90
CA HIS A 38 -5.50 -1.15 -13.57
C HIS A 38 -4.29 -0.99 -12.65
N CYS A 39 -3.30 -0.23 -13.12
CA CYS A 39 -2.11 0.03 -12.33
C CYS A 39 -1.46 1.30 -12.84
N ARG A 40 -0.96 2.10 -11.90
CA ARG A 40 -0.14 3.26 -12.22
C ARG A 40 1.32 2.84 -12.22
N ILE A 41 2.02 3.14 -13.32
CA ILE A 41 3.44 2.83 -13.45
C ILE A 41 4.22 4.11 -13.23
N LEU A 42 5.09 4.11 -12.21
CA LEU A 42 5.89 5.27 -11.86
C LEU A 42 7.26 4.79 -11.40
N VAL A 43 8.10 5.74 -10.99
CA VAL A 43 9.43 5.45 -10.48
C VAL A 43 9.50 5.94 -9.03
N ASN A 44 9.82 5.02 -8.12
CA ASN A 44 9.99 5.32 -6.71
C ASN A 44 11.37 4.84 -6.29
N GLY A 45 12.16 5.72 -5.69
CA GLY A 45 13.52 5.36 -5.29
C GLY A 45 14.38 4.91 -6.45
N GLY A 46 14.22 5.54 -7.61
CA GLY A 46 14.97 5.15 -8.78
C GLY A 46 14.58 3.82 -9.40
N ARG A 47 13.56 3.15 -8.87
CA ARG A 47 13.10 1.87 -9.38
C ARG A 47 11.72 2.03 -10.01
N VAL A 48 11.46 1.24 -11.05
CA VAL A 48 10.12 1.20 -11.61
C VAL A 48 9.22 0.39 -10.69
N GLU A 49 8.10 0.99 -10.29
CA GLU A 49 7.15 0.30 -9.42
C GLU A 49 5.75 0.38 -10.01
N TYR A 50 4.97 -0.66 -9.76
CA TYR A 50 3.62 -0.82 -10.32
C TYR A 50 2.63 -0.73 -9.18
N VAL A 51 1.90 0.38 -9.11
CA VAL A 51 0.90 0.58 -8.07
C VAL A 51 -0.43 0.07 -8.63
N THR A 52 -0.76 -1.18 -8.32
CA THR A 52 -1.98 -1.80 -8.82
C THR A 52 -3.14 -1.49 -7.87
N GLU A 53 -4.33 -1.42 -8.45
CA GLU A 53 -5.53 -1.19 -7.65
C GLU A 53 -5.83 -2.44 -6.82
N GLU A 54 -6.26 -2.22 -5.59
CA GLU A 54 -6.58 -3.35 -4.72
C GLU A 54 -7.71 -4.17 -5.34
N GLY A 55 -7.44 -5.45 -5.59
CA GLY A 55 -8.29 -6.32 -6.38
C GLY A 55 -7.60 -6.89 -7.60
N ASN A 56 -6.67 -6.14 -8.19
CA ASN A 56 -5.82 -6.65 -9.26
C ASN A 56 -4.68 -7.42 -8.61
N GLN A 57 -4.81 -8.74 -8.61
CA GLN A 57 -3.79 -9.62 -8.03
C GLN A 57 -2.87 -10.20 -9.10
N SER A 58 -2.53 -9.39 -10.10
CA SER A 58 -1.53 -9.78 -11.08
C SER A 58 -0.14 -9.55 -10.53
N LEU A 59 0.86 -10.13 -11.21
CA LEU A 59 2.25 -10.08 -10.79
C LEU A 59 3.05 -9.35 -11.87
N TYR A 60 3.03 -8.01 -11.80
CA TYR A 60 3.77 -7.22 -12.77
C TYR A 60 5.22 -7.00 -12.38
N TRP A 61 5.55 -7.13 -11.09
CA TRP A 61 6.92 -6.96 -10.64
C TRP A 61 7.83 -8.05 -11.16
N ASN A 62 7.27 -9.14 -11.66
CA ASN A 62 8.06 -10.24 -12.21
C ASN A 62 8.50 -9.99 -13.64
N ILE A 63 7.99 -8.94 -14.28
CA ILE A 63 8.32 -8.63 -15.68
C ILE A 63 9.76 -8.16 -15.76
N PRO A 64 10.61 -8.84 -16.53
CA PRO A 64 12.01 -8.40 -16.66
C PRO A 64 12.10 -7.04 -17.34
N ILE A 65 12.74 -6.09 -16.66
CA ILE A 65 12.99 -4.76 -17.22
C ILE A 65 14.22 -4.85 -18.11
N ALA A 66 14.09 -5.57 -19.22
CA ALA A 66 15.18 -5.78 -20.17
C ALA A 66 14.63 -5.62 -21.58
N ASN A 67 15.53 -5.52 -22.55
CA ASN A 67 15.11 -5.26 -23.93
C ASN A 67 14.40 -6.44 -24.59
N THR A 68 14.24 -7.57 -23.88
CA THR A 68 13.51 -8.70 -24.41
C THR A 68 12.02 -8.61 -24.12
N SER A 69 11.60 -7.69 -23.26
CA SER A 69 10.21 -7.61 -22.81
C SER A 69 9.47 -6.51 -23.54
N VAL A 70 8.23 -6.79 -23.90
CA VAL A 70 7.31 -5.82 -24.49
C VAL A 70 6.16 -5.65 -23.52
N VAL A 71 5.81 -4.39 -23.25
CA VAL A 71 4.79 -4.08 -22.25
C VAL A 71 3.68 -3.30 -22.95
N MET A 72 2.47 -3.87 -22.92
CA MET A 72 1.27 -3.19 -23.38
C MET A 72 0.47 -2.71 -22.19
N LEU A 73 0.03 -1.47 -22.23
CA LEU A 73 -0.73 -0.85 -21.16
C LEU A 73 -2.20 -0.78 -21.57
N GLY A 74 -3.06 -1.48 -20.85
CA GLY A 74 -4.47 -1.60 -21.18
C GLY A 74 -5.36 -0.72 -20.33
N THR A 75 -6.57 -1.23 -20.05
CA THR A 75 -7.58 -0.47 -19.33
C THR A 75 -7.06 -0.04 -17.96
N GLY A 76 -7.28 1.23 -17.64
CA GLY A 76 -6.97 1.72 -16.30
C GLY A 76 -5.49 1.83 -15.98
N THR A 77 -4.66 2.11 -16.98
CA THR A 77 -3.23 2.27 -16.77
C THR A 77 -2.82 3.74 -16.95
N SER A 78 -1.69 4.07 -16.34
CA SER A 78 -1.05 5.36 -16.58
C SER A 78 0.45 5.17 -16.43
N VAL A 79 1.22 6.05 -17.07
CA VAL A 79 2.67 5.98 -16.99
C VAL A 79 3.21 7.39 -16.91
N THR A 80 4.26 7.57 -16.12
CA THR A 80 4.92 8.85 -15.91
C THR A 80 6.10 8.98 -16.86
N GLN A 81 6.55 10.22 -17.03
CA GLN A 81 7.74 10.47 -17.83
C GLN A 81 8.95 9.75 -17.24
N ALA A 82 9.05 9.72 -15.91
CA ALA A 82 10.19 9.05 -15.27
C ALA A 82 10.21 7.56 -15.56
N ALA A 83 9.05 6.92 -15.60
CA ALA A 83 9.01 5.50 -15.95
C ALA A 83 9.37 5.29 -17.42
N MET A 84 8.90 6.19 -18.30
CA MET A 84 9.28 6.07 -19.71
C MET A 84 10.79 6.18 -19.86
N ARG A 85 11.45 7.01 -19.04
CA ARG A 85 12.90 7.10 -19.07
C ARG A 85 13.53 5.76 -18.71
N GLU A 86 13.03 5.10 -17.67
CA GLU A 86 13.56 3.79 -17.29
C GLU A 86 13.33 2.76 -18.39
N PHE A 87 12.14 2.77 -19.00
CA PHE A 87 11.88 1.88 -20.12
C PHE A 87 12.78 2.20 -21.29
N ALA A 88 13.01 3.49 -21.55
CA ALA A 88 13.94 3.88 -22.60
C ALA A 88 15.35 3.42 -22.28
N ARG A 89 15.76 3.54 -21.01
CA ARG A 89 17.09 3.08 -20.62
C ARG A 89 17.21 1.57 -20.81
N ALA A 90 16.18 0.82 -20.42
CA ALA A 90 16.23 -0.63 -20.51
C ALA A 90 15.92 -1.17 -21.91
N GLY A 91 15.45 -0.33 -22.82
CA GLY A 91 15.08 -0.81 -24.14
C GLY A 91 13.79 -1.59 -24.16
N VAL A 92 12.85 -1.26 -23.28
CA VAL A 92 11.55 -1.92 -23.21
C VAL A 92 10.58 -1.13 -24.07
N MET A 93 10.01 -1.79 -25.08
CA MET A 93 9.00 -1.15 -25.91
C MET A 93 7.68 -1.02 -25.14
N ILE A 94 7.10 0.17 -25.17
CA ILE A 94 5.85 0.45 -24.48
C ILE A 94 4.76 0.66 -25.53
N GLY A 95 3.59 0.09 -25.27
CA GLY A 95 2.44 0.29 -26.13
C GLY A 95 1.18 0.47 -25.31
N PHE A 96 0.20 1.10 -25.91
CA PHE A 96 -1.12 1.29 -25.32
C PHE A 96 -2.16 0.54 -26.14
N CYS A 97 -2.98 -0.26 -25.48
CA CYS A 97 -3.97 -1.07 -26.16
C CYS A 97 -5.29 -1.02 -25.42
N GLY A 98 -6.35 -1.46 -26.09
CA GLY A 98 -7.65 -1.59 -25.46
C GLY A 98 -7.70 -2.81 -24.54
N GLY A 99 -8.84 -2.94 -23.87
CA GLY A 99 -9.03 -4.02 -22.90
C GLY A 99 -8.81 -5.42 -23.43
N GLY A 100 -8.01 -6.20 -22.71
CA GLY A 100 -7.72 -7.57 -23.10
C GLY A 100 -6.62 -7.73 -24.12
N GLY A 101 -5.94 -6.64 -24.49
CA GLY A 101 -4.82 -6.71 -25.41
C GLY A 101 -5.12 -6.31 -26.84
N THR A 102 -6.25 -5.65 -27.09
CA THR A 102 -6.61 -5.22 -28.44
C THR A 102 -7.72 -4.18 -28.39
N PRO A 103 -7.68 -3.18 -29.28
CA PRO A 103 -6.69 -2.95 -30.34
C PRO A 103 -5.47 -2.17 -29.86
N LEU A 104 -4.41 -2.16 -30.66
CA LEU A 104 -3.23 -1.36 -30.36
C LEU A 104 -3.49 0.10 -30.72
N PHE A 105 -3.37 0.99 -29.74
CA PHE A 105 -3.60 2.42 -29.95
C PHE A 105 -2.32 3.10 -30.44
N ALA A 106 -1.30 3.16 -29.59
CA ALA A 106 -0.05 3.84 -29.90
C ALA A 106 1.10 3.06 -29.26
N ALA A 107 2.29 3.22 -29.83
CA ALA A 107 3.38 2.37 -29.39
C ALA A 107 4.72 2.91 -29.88
N ASN A 108 5.77 2.65 -29.10
CA ASN A 108 7.13 2.82 -29.60
C ASN A 108 7.34 1.93 -30.81
N GLU A 109 8.27 2.34 -31.67
CA GLU A 109 8.59 1.61 -32.88
C GLU A 109 9.85 0.77 -32.68
N ALA A 110 9.85 -0.44 -33.23
CA ALA A 110 11.02 -1.30 -33.21
C ALA A 110 11.89 -1.00 -34.43
N GLU A 111 13.12 -0.58 -34.19
CA GLU A 111 14.01 -0.13 -35.26
C GLU A 111 14.71 -1.30 -35.94
N VAL A 112 14.98 -1.14 -37.24
CA VAL A 112 15.71 -2.13 -38.03
C VAL A 112 17.16 -1.67 -38.09
N ALA A 113 18.03 -2.32 -37.34
CA ALA A 113 19.45 -1.97 -37.28
C ALA A 113 20.27 -2.97 -38.07
N VAL A 114 20.94 -2.51 -39.12
CA VAL A 114 21.90 -3.31 -39.88
C VAL A 114 23.30 -2.90 -39.42
N SER A 115 24.31 -3.18 -40.25
CA SER A 115 25.67 -2.79 -39.89
C SER A 115 25.90 -1.28 -39.96
N TRP A 116 25.01 -0.53 -40.62
CA TRP A 116 25.17 0.89 -40.83
C TRP A 116 24.28 1.76 -39.94
N LEU A 117 23.51 1.14 -39.04
CA LEU A 117 22.67 1.87 -38.07
C LEU A 117 22.93 1.26 -36.69
N SER A 118 24.05 1.64 -36.09
CA SER A 118 24.49 1.10 -34.80
C SER A 118 24.33 2.17 -33.72
N PRO A 119 23.15 2.30 -33.11
CA PRO A 119 22.96 3.30 -32.06
C PRO A 119 23.38 2.77 -30.69
N GLN A 120 23.62 3.72 -29.79
CA GLN A 120 23.99 3.41 -28.41
C GLN A 120 22.75 3.34 -27.51
N SER A 121 21.75 2.56 -27.93
CA SER A 121 20.53 2.33 -27.17
C SER A 121 20.40 0.85 -26.86
N GLU A 122 19.82 0.54 -25.71
CA GLU A 122 19.66 -0.83 -25.28
C GLU A 122 18.50 -1.54 -25.98
N TYR A 123 17.77 -0.86 -26.86
CA TYR A 123 16.66 -1.48 -27.57
C TYR A 123 17.14 -2.62 -28.46
N ARG A 124 16.27 -3.61 -28.64
CA ARG A 124 16.60 -4.80 -29.42
C ARG A 124 16.05 -4.63 -30.83
N PRO A 125 16.90 -4.51 -31.85
CA PRO A 125 16.41 -4.31 -33.22
C PRO A 125 15.92 -5.60 -33.86
N THR A 126 14.95 -5.45 -34.77
CA THR A 126 14.35 -6.58 -35.44
C THR A 126 15.00 -6.81 -36.81
N GLU A 127 15.29 -8.07 -37.11
CA GLU A 127 15.79 -8.53 -38.39
C GLU A 127 14.67 -8.79 -39.40
N TYR A 128 13.42 -8.82 -38.95
CA TYR A 128 12.31 -9.24 -39.81
C TYR A 128 12.01 -8.24 -40.91
N LEU A 129 12.23 -6.94 -40.68
CA LEU A 129 11.96 -5.96 -41.73
C LEU A 129 12.88 -6.16 -42.93
N GLN A 130 14.17 -6.43 -42.68
CA GLN A 130 15.07 -6.67 -43.79
C GLN A 130 14.73 -7.96 -44.52
N ASP A 131 14.37 -9.00 -43.77
CA ASP A 131 13.90 -10.24 -44.39
C ASP A 131 12.68 -9.98 -45.27
N TRP A 132 11.74 -9.17 -44.79
CA TRP A 132 10.53 -8.90 -45.54
C TRP A 132 10.83 -8.16 -46.83
N VAL A 133 11.65 -7.11 -46.75
CA VAL A 133 11.95 -6.31 -47.93
C VAL A 133 12.78 -7.10 -48.94
N SER A 134 13.54 -8.09 -48.48
CA SER A 134 14.41 -8.83 -49.40
C SER A 134 13.63 -9.67 -50.39
N PHE A 135 12.34 -9.93 -50.15
CA PHE A 135 11.54 -10.69 -51.10
C PHE A 135 10.26 -9.97 -51.54
N TRP A 136 9.86 -8.91 -50.87
CA TRP A 136 8.52 -8.35 -51.09
C TRP A 136 8.35 -7.84 -52.52
N PHE A 137 9.40 -7.27 -53.10
CA PHE A 137 9.27 -6.72 -54.44
C PHE A 137 9.31 -7.77 -55.53
N ASP A 138 9.61 -9.02 -55.20
CA ASP A 138 9.54 -10.12 -56.15
C ASP A 138 8.10 -10.63 -56.21
N ASP A 139 7.42 -10.41 -57.33
CA ASP A 139 6.01 -10.76 -57.44
C ASP A 139 5.78 -12.25 -57.20
N GLU A 140 6.74 -13.09 -57.57
CA GLU A 140 6.61 -14.52 -57.29
C GLU A 140 6.80 -14.81 -55.81
N LYS A 141 7.78 -14.16 -55.17
CA LYS A 141 7.98 -14.35 -53.74
C LYS A 141 6.82 -13.77 -52.95
N ARG A 142 6.30 -12.61 -53.36
CA ARG A 142 5.15 -12.04 -52.67
C ARG A 142 3.93 -12.95 -52.77
N LEU A 143 3.78 -13.64 -53.90
CA LEU A 143 2.67 -14.58 -54.05
C LEU A 143 2.83 -15.79 -53.15
N ALA A 144 4.05 -16.33 -53.04
CA ALA A 144 4.27 -17.48 -52.16
C ALA A 144 3.93 -17.15 -50.72
N ALA A 145 4.23 -15.93 -50.29
CA ALA A 145 3.87 -15.50 -48.94
C ALA A 145 2.36 -15.46 -48.78
N ALA A 146 1.65 -14.94 -49.78
CA ALA A 146 0.19 -14.85 -49.70
C ALA A 146 -0.44 -16.23 -49.63
N ILE A 147 0.07 -17.18 -50.41
CA ILE A 147 -0.45 -18.54 -50.39
C ILE A 147 -0.10 -19.22 -49.07
N ALA A 148 1.11 -18.96 -48.55
CA ALA A 148 1.48 -19.50 -47.24
C ALA A 148 0.53 -19.01 -46.16
N PHE A 149 0.11 -17.75 -46.25
CA PHE A 149 -0.84 -17.21 -45.29
C PHE A 149 -2.18 -17.95 -45.36
N GLN A 150 -2.66 -18.21 -46.58
CA GLN A 150 -3.93 -18.91 -46.72
C GLN A 150 -3.83 -20.36 -46.25
N GLN A 151 -2.64 -20.97 -46.37
CA GLN A 151 -2.46 -22.31 -45.83
C GLN A 151 -2.58 -22.31 -44.30
N VAL A 152 -1.92 -21.36 -43.64
CA VAL A 152 -2.08 -21.21 -42.20
C VAL A 152 -3.54 -20.95 -41.86
N ARG A 153 -4.20 -20.12 -42.68
CA ARG A 153 -5.62 -19.84 -42.46
C ARG A 153 -6.46 -21.11 -42.53
N ILE A 154 -6.17 -21.99 -43.49
CA ILE A 154 -6.92 -23.23 -43.62
C ILE A 154 -6.71 -24.11 -42.39
N THR A 155 -5.46 -24.22 -41.94
CA THR A 155 -5.16 -25.00 -40.74
C THR A 155 -5.93 -24.48 -39.54
N GLN A 156 -5.93 -23.15 -39.36
CA GLN A 156 -6.58 -22.56 -38.19
C GLN A 156 -8.08 -22.80 -38.19
N ILE A 157 -8.72 -22.67 -39.35
CA ILE A 157 -10.15 -22.95 -39.45
C ILE A 157 -10.42 -24.42 -39.15
N ARG A 158 -9.69 -25.30 -39.82
CA ARG A 158 -9.82 -26.73 -39.59
C ARG A 158 -9.65 -27.06 -38.12
N GLN A 159 -8.67 -26.44 -37.47
CA GLN A 159 -8.36 -26.78 -36.09
C GLN A 159 -9.40 -26.23 -35.12
N HIS A 160 -9.75 -24.95 -35.26
CA HIS A 160 -10.55 -24.30 -34.23
C HIS A 160 -12.05 -24.39 -34.46
N TRP A 161 -12.49 -24.75 -35.67
CA TRP A 161 -13.90 -25.06 -35.88
C TRP A 161 -14.29 -26.45 -35.37
N LEU A 162 -13.32 -27.35 -35.24
CA LEU A 162 -13.58 -28.72 -34.80
C LEU A 162 -12.97 -29.04 -33.43
N GLY A 163 -12.33 -28.07 -32.78
CA GLY A 163 -11.70 -28.29 -31.49
C GLY A 163 -12.69 -28.37 -30.34
N SER A 164 -12.14 -28.48 -29.13
CA SER A 164 -12.95 -28.66 -27.94
C SER A 164 -13.79 -27.43 -27.62
N ARG A 165 -13.20 -26.24 -27.74
CA ARG A 165 -13.89 -25.03 -27.31
C ARG A 165 -15.16 -24.80 -28.10
N LEU A 166 -15.08 -24.92 -29.43
CA LEU A 166 -16.26 -24.66 -30.24
C LEU A 166 -17.28 -25.80 -30.16
N SER A 167 -16.82 -27.03 -29.94
CA SER A 167 -17.75 -28.14 -29.79
C SER A 167 -18.64 -28.00 -28.56
N ARG A 168 -18.21 -27.25 -27.55
CA ARG A 168 -19.06 -26.98 -26.40
C ARG A 168 -20.24 -26.09 -26.74
N GLU A 169 -20.20 -25.39 -27.87
CA GLU A 169 -21.29 -24.51 -28.28
C GLU A 169 -22.36 -25.33 -28.99
N SER A 170 -23.47 -25.57 -28.30
CA SER A 170 -24.57 -26.32 -28.88
C SER A 170 -25.33 -25.54 -29.94
N ARG A 171 -25.25 -24.20 -29.93
CA ARG A 171 -25.94 -23.40 -30.94
C ARG A 171 -25.29 -23.54 -32.31
N PHE A 172 -24.00 -23.86 -32.35
CA PHE A 172 -23.23 -23.90 -33.60
C PHE A 172 -23.01 -25.36 -33.99
N THR A 173 -23.93 -25.89 -34.79
CA THR A 173 -23.93 -27.30 -35.19
C THR A 173 -23.84 -27.42 -36.71
N PHE A 174 -22.91 -28.25 -37.18
CA PHE A 174 -22.70 -28.46 -38.60
C PHE A 174 -22.02 -29.82 -38.79
N LYS A 175 -22.08 -30.33 -40.02
CA LYS A 175 -21.44 -31.60 -40.36
C LYS A 175 -19.99 -31.35 -40.74
N SER A 176 -19.07 -32.02 -40.05
CA SER A 176 -17.65 -31.76 -40.26
C SER A 176 -17.20 -32.06 -41.69
N GLU A 177 -17.92 -32.95 -42.40
CA GLU A 177 -17.56 -33.23 -43.78
C GLU A 177 -17.76 -32.00 -44.66
N HIS A 178 -18.79 -31.21 -44.38
CA HIS A 178 -19.04 -30.00 -45.16
C HIS A 178 -17.87 -29.03 -45.04
N LEU A 179 -17.36 -28.84 -43.82
CA LEU A 179 -16.19 -27.98 -43.62
C LEU A 179 -14.96 -28.58 -44.27
N GLN A 180 -14.76 -29.88 -44.14
CA GLN A 180 -13.59 -30.52 -44.74
C GLN A 180 -13.59 -30.36 -46.26
N ALA A 181 -14.73 -30.65 -46.90
CA ALA A 181 -14.83 -30.52 -48.34
C ALA A 181 -14.65 -29.07 -48.78
N LEU A 182 -15.21 -28.13 -48.01
CA LEU A 182 -15.05 -26.72 -48.32
C LEU A 182 -13.58 -26.32 -48.30
N LEU A 183 -12.86 -26.73 -47.24
CA LEU A 183 -11.45 -26.36 -47.12
C LEU A 183 -10.60 -27.12 -48.13
N ASP A 184 -10.93 -28.38 -48.40
CA ASP A 184 -10.19 -29.14 -49.40
C ASP A 184 -10.38 -28.53 -50.79
N ARG A 185 -11.57 -28.02 -51.07
CA ARG A 185 -11.81 -27.34 -52.35
C ARG A 185 -10.92 -26.11 -52.49
N TYR A 186 -10.85 -25.31 -51.42
CA TYR A 186 -10.03 -24.11 -51.45
C TYR A 186 -8.54 -24.42 -51.58
N GLN A 187 -8.08 -25.48 -50.89
CA GLN A 187 -6.68 -25.85 -50.96
C GLN A 187 -6.28 -26.26 -52.37
N LYS A 188 -7.17 -26.98 -53.07
CA LYS A 188 -6.88 -27.35 -54.45
C LYS A 188 -6.81 -26.13 -55.35
N GLY A 189 -7.67 -25.14 -55.11
CA GLY A 189 -7.63 -23.91 -55.89
C GLY A 189 -6.36 -23.11 -55.70
N LEU A 190 -5.81 -23.12 -54.48
CA LEU A 190 -4.62 -22.31 -54.21
C LEU A 190 -3.42 -22.80 -55.00
N THR A 191 -3.27 -24.13 -55.14
CA THR A 191 -2.15 -24.68 -55.88
C THR A 191 -2.23 -24.38 -57.38
N ASP A 192 -3.42 -24.08 -57.89
CA ASP A 192 -3.56 -23.70 -59.29
C ASP A 192 -3.31 -22.21 -59.53
N CYS A 193 -3.27 -21.39 -58.48
CA CYS A 193 -3.10 -19.96 -58.64
C CYS A 193 -1.67 -19.61 -59.04
N ARG A 194 -1.55 -18.63 -59.95
CA ARG A 194 -0.27 -18.15 -60.44
C ARG A 194 -0.06 -16.65 -60.27
N THR A 195 -1.11 -15.90 -59.94
CA THR A 195 -1.01 -14.47 -59.71
C THR A 195 -1.73 -14.11 -58.42
N SER A 196 -1.57 -12.85 -58.02
CA SER A 196 -2.27 -12.36 -56.83
C SER A 196 -3.78 -12.34 -57.05
N ASN A 197 -4.23 -12.06 -58.29
CA ASN A 197 -5.66 -12.02 -58.56
C ASN A 197 -6.30 -13.39 -58.52
N ASP A 198 -5.56 -14.44 -58.91
CA ASP A 198 -6.10 -15.79 -58.80
C ASP A 198 -6.41 -16.15 -57.35
N VAL A 199 -5.52 -15.77 -56.44
CA VAL A 199 -5.74 -16.06 -55.02
C VAL A 199 -6.94 -15.29 -54.50
N LEU A 200 -7.12 -14.05 -54.97
CA LEU A 200 -8.25 -13.25 -54.53
C LEU A 200 -9.57 -13.87 -54.96
N VAL A 201 -9.61 -14.47 -56.14
CA VAL A 201 -10.84 -15.09 -56.63
C VAL A 201 -11.14 -16.37 -55.84
N GLN A 202 -10.11 -17.18 -55.58
CA GLN A 202 -10.33 -18.40 -54.81
C GLN A 202 -10.75 -18.08 -53.37
N GLU A 203 -10.12 -17.07 -52.76
CA GLU A 203 -10.48 -16.69 -51.40
C GLU A 203 -11.93 -16.22 -51.32
N ALA A 204 -12.38 -15.47 -52.32
CA ALA A 204 -13.76 -14.99 -52.33
C ALA A 204 -14.76 -16.14 -52.38
N MET A 205 -14.44 -17.18 -53.15
CA MET A 205 -15.33 -18.34 -53.20
C MET A 205 -15.34 -19.09 -51.88
N MET A 206 -14.16 -19.32 -51.31
CA MET A 206 -14.10 -20.01 -50.02
C MET A 206 -14.81 -19.21 -48.95
N THR A 207 -14.58 -17.90 -48.93
CA THR A 207 -15.16 -17.08 -47.88
C THR A 207 -16.68 -17.03 -48.00
N LYS A 208 -17.21 -16.93 -49.22
CA LYS A 208 -18.66 -16.94 -49.39
C LYS A 208 -19.25 -18.27 -48.91
N ALA A 209 -18.59 -19.38 -49.20
CA ALA A 209 -19.08 -20.68 -48.76
C ALA A 209 -18.97 -20.84 -47.25
N LEU A 210 -17.90 -20.31 -46.66
CA LEU A 210 -17.71 -20.43 -45.21
C LEU A 210 -18.75 -19.60 -44.45
N TYR A 211 -19.06 -18.40 -44.95
CA TYR A 211 -20.09 -17.60 -44.30
C TYR A 211 -21.45 -18.28 -44.37
N ARG A 212 -21.74 -18.97 -45.49
CA ARG A 212 -22.98 -19.72 -45.58
C ARG A 212 -22.99 -20.87 -44.57
N LEU A 213 -21.86 -21.58 -44.45
CA LEU A 213 -21.77 -22.67 -43.50
C LEU A 213 -21.99 -22.19 -42.08
N ALA A 214 -21.45 -21.01 -41.73
CA ALA A 214 -21.64 -20.46 -40.40
C ALA A 214 -23.08 -20.04 -40.19
N ALA A 215 -23.67 -19.33 -41.16
CA ALA A 215 -25.05 -18.89 -41.02
C ALA A 215 -25.99 -20.08 -40.88
N ASN A 216 -25.75 -21.15 -41.65
CA ASN A 216 -26.57 -22.34 -41.53
C ASN A 216 -26.32 -23.05 -40.20
N ALA A 217 -25.08 -23.01 -39.70
CA ALA A 217 -24.75 -23.70 -38.45
C ALA A 217 -25.56 -23.19 -37.28
N VAL A 218 -26.02 -21.94 -37.33
CA VAL A 218 -26.86 -21.37 -36.30
C VAL A 218 -28.30 -21.19 -36.77
N SER A 219 -28.62 -21.64 -37.98
CA SER A 219 -29.96 -21.48 -38.57
C SER A 219 -30.34 -20.00 -38.66
N TYR A 220 -29.40 -19.19 -39.16
CA TYR A 220 -29.59 -17.74 -39.23
C TYR A 220 -30.57 -17.33 -40.33
N GLY A 221 -30.59 -18.06 -41.44
CA GLY A 221 -31.44 -17.69 -42.57
C GLY A 221 -30.70 -16.95 -43.65
N ASP A 222 -31.29 -15.89 -44.19
CA ASP A 222 -30.61 -15.10 -45.21
C ASP A 222 -29.47 -14.31 -44.58
N PHE A 223 -28.32 -14.33 -45.23
CA PHE A 223 -27.19 -13.52 -44.79
C PHE A 223 -26.44 -13.00 -45.99
N THR A 224 -26.26 -11.69 -46.04
CA THR A 224 -25.41 -11.04 -47.03
C THR A 224 -24.41 -10.17 -46.30
N ARG A 225 -23.13 -10.40 -46.55
CA ARG A 225 -22.08 -9.62 -45.88
C ARG A 225 -22.14 -8.18 -46.37
N ALA A 226 -22.41 -7.26 -45.47
CA ALA A 226 -22.54 -5.84 -45.82
C ALA A 226 -21.16 -5.20 -45.78
N LYS A 227 -20.64 -4.87 -46.95
CA LYS A 227 -19.36 -4.18 -47.02
C LYS A 227 -19.51 -2.74 -46.52
N ARG A 228 -18.35 -2.09 -46.35
CA ARG A 228 -18.25 -0.69 -45.91
C ARG A 228 -18.90 -0.46 -44.54
N GLY A 229 -19.06 -1.51 -43.75
CA GLY A 229 -19.65 -1.37 -42.43
C GLY A 229 -21.09 -0.89 -42.43
N GLY A 230 -21.85 -1.19 -43.48
CA GLY A 230 -23.20 -0.69 -43.61
C GLY A 230 -24.28 -1.74 -43.39
N GLY A 231 -24.08 -2.59 -42.38
CA GLY A 231 -25.02 -3.66 -42.06
C GLY A 231 -25.77 -3.36 -40.77
N THR A 232 -27.07 -3.58 -40.79
CA THR A 232 -27.94 -3.32 -39.65
C THR A 232 -28.27 -4.56 -38.84
N ASP A 233 -28.13 -5.75 -39.43
CA ASP A 233 -28.40 -6.99 -38.74
C ASP A 233 -27.25 -7.33 -37.79
N LEU A 234 -27.60 -8.07 -36.72
CA LEU A 234 -26.63 -8.36 -35.68
C LEU A 234 -25.42 -9.13 -36.21
N ALA A 235 -25.62 -9.97 -37.22
CA ALA A 235 -24.49 -10.74 -37.74
C ALA A 235 -23.44 -9.83 -38.36
N ASN A 236 -23.86 -8.88 -39.21
CA ASN A 236 -22.90 -7.98 -39.83
C ASN A 236 -22.27 -7.04 -38.80
N ARG A 237 -23.05 -6.59 -37.82
CA ARG A 237 -22.52 -5.69 -36.81
C ARG A 237 -21.43 -6.38 -35.98
N PHE A 238 -21.71 -7.59 -35.51
CA PHE A 238 -20.72 -8.33 -34.75
C PHE A 238 -19.50 -8.67 -35.61
N LEU A 239 -19.73 -9.02 -36.88
CA LEU A 239 -18.60 -9.26 -37.77
C LEU A 239 -17.75 -8.00 -37.95
N ASP A 240 -18.39 -6.83 -37.98
CA ASP A 240 -17.63 -5.58 -38.08
C ASP A 240 -16.82 -5.34 -36.81
N HIS A 241 -17.41 -5.56 -35.64
CA HIS A 241 -16.71 -5.34 -34.38
C HIS A 241 -15.59 -6.37 -34.21
N GLY A 242 -15.85 -7.63 -34.54
CA GLY A 242 -14.83 -8.66 -34.42
C GLY A 242 -13.64 -8.44 -35.34
N ASN A 243 -13.89 -7.89 -36.53
CA ASN A 243 -12.78 -7.53 -37.41
C ASN A 243 -11.92 -6.45 -36.77
N TYR A 244 -12.56 -5.49 -36.10
CA TYR A 244 -11.81 -4.45 -35.41
C TYR A 244 -10.89 -5.04 -34.34
N LEU A 245 -11.38 -6.02 -33.58
CA LEU A 245 -10.56 -6.67 -32.57
C LEU A 245 -9.46 -7.52 -33.18
N ALA A 246 -9.73 -8.15 -34.32
CA ALA A 246 -8.71 -8.95 -34.99
C ALA A 246 -7.63 -8.07 -35.64
N TYR A 247 -8.04 -6.98 -36.30
CA TYR A 247 -7.07 -6.06 -36.86
C TYR A 247 -6.21 -5.44 -35.77
N GLY A 248 -6.82 -5.14 -34.62
CA GLY A 248 -6.05 -4.57 -33.53
C GLY A 248 -5.03 -5.54 -32.97
N LEU A 249 -5.38 -6.83 -32.90
CA LEU A 249 -4.42 -7.81 -32.44
C LEU A 249 -3.33 -8.03 -33.48
N ALA A 250 -3.69 -8.04 -34.76
CA ALA A 250 -2.67 -8.17 -35.80
C ALA A 250 -1.70 -7.00 -35.79
N ALA A 251 -2.18 -5.80 -35.44
CA ALA A 251 -1.29 -4.66 -35.29
C ALA A 251 -0.23 -4.91 -34.22
N VAL A 252 -0.59 -5.66 -33.16
CA VAL A 252 0.39 -6.02 -32.13
C VAL A 252 1.48 -6.91 -32.72
N SER A 253 1.10 -7.84 -33.61
CA SER A 253 2.10 -8.76 -34.15
C SER A 253 3.08 -8.04 -35.07
N THR A 254 2.59 -7.15 -35.92
CA THR A 254 3.50 -6.39 -36.77
C THR A 254 4.32 -5.39 -35.95
N TRP A 255 3.76 -4.89 -34.85
CA TRP A 255 4.49 -3.93 -34.03
C TRP A 255 5.72 -4.58 -33.39
N VAL A 256 5.54 -5.74 -32.74
CA VAL A 256 6.66 -6.37 -32.05
C VAL A 256 7.72 -6.88 -33.03
N LEU A 257 7.33 -7.18 -34.27
CA LEU A 257 8.30 -7.62 -35.26
C LEU A 257 8.89 -6.46 -36.07
N GLY A 258 8.44 -5.23 -35.81
CA GLY A 258 8.91 -4.10 -36.58
C GLY A 258 8.51 -4.12 -38.03
N LEU A 259 7.39 -4.72 -38.35
CA LEU A 259 6.93 -4.74 -39.73
C LEU A 259 5.94 -3.61 -39.97
N PRO A 260 6.07 -2.87 -41.07
CA PRO A 260 5.13 -1.77 -41.34
C PRO A 260 3.87 -2.27 -42.02
N HIS A 261 2.78 -1.52 -41.81
CA HIS A 261 1.48 -1.92 -42.32
C HIS A 261 1.41 -1.89 -43.85
N GLY A 262 2.30 -1.17 -44.51
CA GLY A 262 2.20 -0.96 -45.94
C GLY A 262 2.81 -2.04 -46.82
N LEU A 263 3.21 -3.17 -46.26
CA LEU A 263 3.81 -4.22 -47.07
C LEU A 263 2.97 -5.49 -47.08
N ALA A 264 1.75 -5.41 -47.59
CA ALA A 264 0.85 -6.56 -47.61
C ALA A 264 1.34 -7.59 -48.62
N VAL A 265 0.83 -8.81 -48.46
CA VAL A 265 1.18 -9.90 -49.35
C VAL A 265 0.03 -10.32 -50.24
N LEU A 266 -1.22 -10.13 -49.81
CA LEU A 266 -2.38 -10.46 -50.62
C LEU A 266 -3.19 -9.23 -50.99
N HIS A 267 -3.45 -8.34 -50.04
CA HIS A 267 -4.17 -7.12 -50.34
C HIS A 267 -3.38 -6.27 -51.34
N GLY A 268 -4.10 -5.37 -52.01
CA GLY A 268 -3.47 -4.50 -52.99
C GLY A 268 -2.39 -3.65 -52.37
N LYS A 269 -1.32 -3.41 -53.15
CA LYS A 269 -0.19 -2.66 -52.63
C LYS A 269 -0.55 -1.25 -52.23
N THR A 270 -1.64 -0.69 -52.77
CA THR A 270 -2.09 0.66 -52.42
C THR A 270 -3.07 0.67 -51.25
N ARG A 271 -3.39 -0.48 -50.68
CA ARG A 271 -4.40 -0.55 -49.62
C ARG A 271 -3.78 -0.21 -48.27
N ARG A 272 -4.31 0.83 -47.63
CA ARG A 272 -3.79 1.27 -46.35
C ARG A 272 -4.09 0.22 -45.28
N GLY A 273 -3.06 -0.13 -44.50
CA GLY A 273 -3.22 -1.16 -43.50
C GLY A 273 -3.31 -2.57 -44.05
N GLY A 274 -2.83 -2.78 -45.28
CA GLY A 274 -3.00 -4.06 -45.93
C GLY A 274 -2.36 -5.22 -45.20
N LEU A 275 -1.15 -5.02 -44.68
CA LEU A 275 -0.46 -6.11 -43.98
C LEU A 275 -1.20 -6.50 -42.71
N VAL A 276 -1.76 -5.52 -41.99
CA VAL A 276 -2.53 -5.82 -40.79
C VAL A 276 -3.73 -6.69 -41.14
N PHE A 277 -4.40 -6.37 -42.26
CA PHE A 277 -5.55 -7.17 -42.68
C PHE A 277 -5.14 -8.58 -43.08
N ASP A 278 -4.03 -8.70 -43.81
CA ASP A 278 -3.54 -10.03 -44.19
C ASP A 278 -3.21 -10.85 -42.95
N VAL A 279 -2.56 -10.24 -41.95
CA VAL A 279 -2.19 -10.97 -40.75
C VAL A 279 -3.43 -11.36 -39.96
N ALA A 280 -4.42 -10.47 -39.90
CA ALA A 280 -5.65 -10.78 -39.20
C ALA A 280 -6.44 -11.89 -39.88
N ASP A 281 -6.33 -12.00 -41.21
CA ASP A 281 -7.02 -13.06 -41.93
C ASP A 281 -6.53 -14.46 -41.54
N LEU A 282 -5.36 -14.56 -40.90
CA LEU A 282 -4.85 -15.88 -40.49
C LEU A 282 -5.77 -16.54 -39.46
N ILE A 283 -6.44 -15.75 -38.61
CA ILE A 283 -7.23 -16.30 -37.52
C ILE A 283 -8.65 -15.76 -37.48
N LYS A 284 -9.00 -14.81 -38.36
CA LYS A 284 -10.29 -14.14 -38.26
C LYS A 284 -11.44 -15.12 -38.48
N ASP A 285 -11.46 -15.80 -39.64
CA ASP A 285 -12.54 -16.76 -39.90
C ASP A 285 -12.49 -17.95 -38.96
N ALA A 286 -11.31 -18.27 -38.43
CA ALA A 286 -11.18 -19.41 -37.54
C ALA A 286 -11.79 -19.14 -36.17
N LEU A 287 -11.75 -17.89 -35.71
CA LEU A 287 -12.12 -17.55 -34.33
C LEU A 287 -13.30 -16.59 -34.25
N VAL A 288 -13.30 -15.53 -35.06
CA VAL A 288 -14.32 -14.49 -34.93
C VAL A 288 -15.61 -14.91 -35.61
N LEU A 289 -15.53 -15.45 -36.83
CA LEU A 289 -16.71 -15.75 -37.62
C LEU A 289 -17.74 -16.62 -36.88
N PRO A 290 -17.38 -17.75 -36.25
CA PRO A 290 -18.41 -18.52 -35.54
C PRO A 290 -19.02 -17.78 -34.37
N GLN A 291 -18.22 -16.99 -33.63
CA GLN A 291 -18.74 -16.30 -32.46
C GLN A 291 -19.76 -15.22 -32.84
N ALA A 292 -19.59 -14.55 -33.98
CA ALA A 292 -20.52 -13.50 -34.37
C ALA A 292 -21.91 -14.08 -34.63
N PHE A 293 -21.99 -15.22 -35.32
CA PHE A 293 -23.29 -15.82 -35.59
C PHE A 293 -23.91 -16.42 -34.33
N ILE A 294 -23.10 -16.97 -33.44
CA ILE A 294 -23.64 -17.47 -32.18
C ILE A 294 -24.22 -16.32 -31.37
N ALA A 295 -23.43 -15.25 -31.19
CA ALA A 295 -23.90 -14.12 -30.41
C ALA A 295 -25.10 -13.44 -31.04
N ALA A 296 -25.15 -13.41 -32.38
CA ALA A 296 -26.32 -12.84 -33.05
C ALA A 296 -27.58 -13.64 -32.73
N MET A 297 -27.50 -14.98 -32.81
CA MET A 297 -28.67 -15.81 -32.54
C MET A 297 -29.07 -15.80 -31.07
N GLU A 298 -28.13 -15.49 -30.17
CA GLU A 298 -28.43 -15.40 -28.73
C GLU A 298 -28.87 -14.01 -28.31
N GLY A 299 -28.85 -13.04 -29.21
CA GLY A 299 -29.26 -11.68 -28.88
C GLY A 299 -28.38 -11.01 -27.84
N GLU A 300 -27.08 -11.24 -27.91
CA GLU A 300 -26.13 -10.66 -26.96
C GLU A 300 -25.78 -9.23 -27.38
N ASP A 301 -25.12 -8.51 -26.46
CA ASP A 301 -24.77 -7.11 -26.70
C ASP A 301 -23.30 -7.01 -27.11
N GLU A 302 -22.79 -5.78 -27.19
CA GLU A 302 -21.43 -5.56 -27.65
C GLU A 302 -20.40 -6.11 -26.68
N GLN A 303 -20.59 -5.85 -25.38
CA GLN A 303 -19.62 -6.30 -24.39
C GLN A 303 -19.56 -7.83 -24.34
N GLU A 304 -20.71 -8.49 -24.46
CA GLU A 304 -20.73 -9.95 -24.41
C GLU A 304 -20.03 -10.57 -25.62
N PHE A 305 -20.26 -10.00 -26.82
CA PHE A 305 -19.60 -10.53 -27.99
C PHE A 305 -18.09 -10.26 -27.94
N ARG A 306 -17.71 -9.09 -27.43
CA ARG A 306 -16.29 -8.77 -27.28
C ARG A 306 -15.60 -9.79 -26.39
N GLN A 307 -16.27 -10.22 -25.32
CA GLN A 307 -15.69 -11.23 -24.44
C GLN A 307 -15.52 -12.57 -25.14
N ARG A 308 -16.50 -12.95 -25.97
CA ARG A 308 -16.35 -14.18 -26.76
C ARG A 308 -15.10 -14.15 -27.62
N CYS A 309 -14.83 -13.00 -28.25
CA CYS A 309 -13.66 -12.88 -29.12
C CYS A 309 -12.37 -12.91 -28.32
N LEU A 310 -12.33 -12.20 -27.19
CA LEU A 310 -11.13 -12.20 -26.37
C LEU A 310 -10.82 -13.61 -25.86
N THR A 311 -11.84 -14.31 -25.37
CA THR A 311 -11.65 -15.67 -24.91
C THR A 311 -11.13 -16.57 -26.03
N ALA A 312 -11.66 -16.41 -27.24
CA ALA A 312 -11.17 -17.19 -28.37
C ALA A 312 -9.73 -16.83 -28.71
N PHE A 313 -9.39 -15.53 -28.70
CA PHE A 313 -8.01 -15.14 -28.97
C PHE A 313 -7.06 -15.75 -27.95
N GLN A 314 -7.44 -15.70 -26.67
CA GLN A 314 -6.57 -16.19 -25.60
C GLN A 314 -6.41 -17.71 -25.67
N GLN A 315 -7.51 -18.44 -25.78
CA GLN A 315 -7.41 -19.90 -25.73
C GLN A 315 -6.82 -20.48 -27.01
N SER A 316 -6.95 -19.79 -28.13
CA SER A 316 -6.38 -20.26 -29.40
C SER A 316 -4.99 -19.69 -29.68
N GLU A 317 -4.46 -18.85 -28.78
CA GLU A 317 -3.15 -18.22 -28.94
C GLU A 317 -3.07 -17.47 -30.28
N ALA A 318 -4.07 -16.64 -30.53
CA ALA A 318 -4.14 -15.94 -31.81
C ALA A 318 -2.91 -15.08 -32.04
N LEU A 319 -2.44 -14.38 -31.01
CA LEU A 319 -1.28 -13.51 -31.15
C LEU A 319 -0.04 -14.32 -31.52
N ASP A 320 0.16 -15.45 -30.85
CA ASP A 320 1.33 -16.27 -31.16
C ASP A 320 1.23 -16.91 -32.54
N VAL A 321 0.01 -17.23 -32.98
CA VAL A 321 -0.14 -17.78 -34.33
C VAL A 321 0.25 -16.73 -35.36
N MET A 322 -0.19 -15.48 -35.16
CA MET A 322 0.15 -14.43 -36.11
C MET A 322 1.64 -14.10 -36.06
N ILE A 323 2.21 -13.97 -34.86
CA ILE A 323 3.63 -13.67 -34.75
C ILE A 323 4.47 -14.80 -35.36
N GLY A 324 4.10 -16.05 -35.06
CA GLY A 324 4.85 -17.17 -35.59
C GLY A 324 4.72 -17.31 -37.09
N SER A 325 3.54 -17.07 -37.64
CA SER A 325 3.37 -17.17 -39.09
C SER A 325 4.23 -16.15 -39.80
N LEU A 326 4.22 -14.89 -39.33
CA LEU A 326 5.08 -13.88 -39.94
C LEU A 326 6.55 -14.27 -39.84
N GLN A 327 6.96 -14.85 -38.71
CA GLN A 327 8.34 -15.29 -38.58
C GLN A 327 8.66 -16.42 -39.56
N ASP A 328 7.75 -17.39 -39.69
CA ASP A 328 8.00 -18.52 -40.57
C ASP A 328 8.11 -18.08 -42.02
N VAL A 329 7.18 -17.22 -42.46
CA VAL A 329 7.23 -16.71 -43.84
C VAL A 329 8.49 -15.87 -44.04
N ALA A 330 8.84 -15.04 -43.05
CA ALA A 330 10.00 -14.16 -43.20
C ALA A 330 11.29 -14.95 -43.36
N SER A 331 11.52 -15.94 -42.49
CA SER A 331 12.75 -16.72 -42.58
C SER A 331 12.75 -17.63 -43.80
N LYS A 332 11.59 -18.15 -44.21
CA LYS A 332 11.56 -19.07 -45.34
C LYS A 332 11.85 -18.35 -46.65
N LEU A 333 11.34 -17.13 -46.82
CA LEU A 333 11.43 -16.40 -48.08
C LEU A 333 12.55 -15.36 -48.10
N SER A 334 13.32 -15.25 -47.01
CA SER A 334 14.36 -14.24 -46.94
C SER A 334 15.43 -14.46 -48.00
N GLN A 335 16.03 -13.36 -48.45
CA GLN A 335 17.10 -13.40 -49.45
C GLN A 335 18.40 -12.81 -48.91
N VAL A 336 18.48 -12.55 -47.61
CA VAL A 336 19.64 -11.90 -47.02
C VAL A 336 20.67 -12.97 -46.67
N VAL A 337 21.95 -12.58 -46.71
CA VAL A 337 23.08 -13.42 -46.32
C VAL A 337 23.02 -14.81 -46.98
N THR B 24 -12.08 15.16 -39.91
CA THR B 24 -10.64 15.10 -39.67
C THR B 24 -9.92 16.25 -40.40
N ILE B 25 -9.06 16.96 -39.68
CA ILE B 25 -8.25 18.05 -40.23
C ILE B 25 -6.90 17.48 -40.67
N LEU B 26 -6.41 17.96 -41.81
CA LEU B 26 -5.12 17.52 -42.31
C LEU B 26 -4.01 18.00 -41.38
N HIS B 27 -2.92 17.22 -41.31
CA HIS B 27 -1.89 17.51 -40.33
C HIS B 27 -1.15 18.80 -40.63
N SER B 28 -0.91 19.10 -41.91
CA SER B 28 -0.26 20.34 -42.29
C SER B 28 -1.15 21.56 -42.05
N LYS B 29 -2.46 21.36 -41.87
CA LYS B 29 -3.37 22.45 -41.55
C LYS B 29 -3.63 22.59 -40.04
N ARG B 30 -3.16 21.63 -39.24
CA ARG B 30 -3.35 21.73 -37.79
C ARG B 30 -2.42 22.80 -37.22
N ALA B 31 -2.96 23.61 -36.30
CA ALA B 31 -2.30 24.82 -35.85
C ALA B 31 -1.67 24.71 -34.46
N ASN B 32 -1.79 23.57 -33.78
CA ASN B 32 -1.37 23.47 -32.39
C ASN B 32 -0.22 22.49 -32.23
N VAL B 33 0.83 22.92 -31.54
CA VAL B 33 1.91 22.07 -31.06
C VAL B 33 2.06 22.37 -29.58
N TYR B 34 2.06 21.33 -28.75
CA TYR B 34 2.04 21.49 -27.31
C TYR B 34 3.33 20.96 -26.69
N TYR B 35 3.84 21.72 -25.72
CA TYR B 35 4.94 21.27 -24.87
C TYR B 35 4.47 21.44 -23.44
N LEU B 36 4.31 20.33 -22.72
CA LEU B 36 3.72 20.33 -21.39
C LEU B 36 4.69 19.78 -20.36
N GLN B 37 4.66 20.36 -19.16
CA GLN B 37 5.44 19.89 -18.03
C GLN B 37 4.60 20.00 -16.76
N HIS B 38 4.91 19.15 -15.79
CA HIS B 38 4.32 19.18 -14.45
C HIS B 38 2.79 19.18 -14.52
N CYS B 39 2.24 18.12 -15.10
CA CYS B 39 0.79 17.99 -15.23
C CYS B 39 0.44 16.55 -15.56
N ARG B 40 -0.79 16.19 -15.25
CA ARG B 40 -1.33 14.87 -15.55
C ARG B 40 -2.30 14.99 -16.72
N ILE B 41 -2.11 14.14 -17.72
CA ILE B 41 -2.96 14.13 -18.91
C ILE B 41 -3.88 12.92 -18.82
N LEU B 42 -5.18 13.20 -18.78
CA LEU B 42 -6.19 12.16 -18.66
C LEU B 42 -7.39 12.57 -19.49
N VAL B 43 -8.46 11.77 -19.41
CA VAL B 43 -9.73 12.05 -20.08
C VAL B 43 -10.77 12.35 -19.01
N ASN B 44 -11.39 13.52 -19.11
CA ASN B 44 -12.44 13.93 -18.18
C ASN B 44 -13.67 14.30 -18.97
N GLY B 45 -14.75 13.55 -18.77
CA GLY B 45 -15.98 13.76 -19.54
C GLY B 45 -15.80 13.63 -21.03
N GLY B 46 -15.06 12.61 -21.47
CA GLY B 46 -14.81 12.40 -22.88
C GLY B 46 -13.85 13.38 -23.54
N ARG B 47 -13.34 14.37 -22.81
CA ARG B 47 -12.43 15.37 -23.37
C ARG B 47 -11.03 15.15 -22.82
N VAL B 48 -10.02 15.40 -23.66
CA VAL B 48 -8.63 15.25 -23.27
C VAL B 48 -8.17 16.54 -22.59
N GLU B 49 -7.67 16.41 -21.36
CA GLU B 49 -7.25 17.55 -20.57
C GLU B 49 -5.94 17.24 -19.85
N TYR B 50 -5.14 18.28 -19.64
CA TYR B 50 -3.96 18.19 -18.79
C TYR B 50 -4.21 18.97 -17.50
N VAL B 51 -3.90 18.35 -16.37
CA VAL B 51 -4.26 18.85 -15.05
C VAL B 51 -3.00 19.35 -14.35
N THR B 52 -2.96 20.63 -14.03
CA THR B 52 -1.90 21.21 -13.22
C THR B 52 -2.37 21.33 -11.78
N GLU B 53 -1.47 21.05 -10.84
CA GLU B 53 -1.77 21.07 -9.41
C GLU B 53 -0.81 22.02 -8.70
N GLU B 54 -0.93 23.30 -9.01
CA GLU B 54 -0.17 24.35 -8.30
C GLU B 54 -0.99 24.75 -7.07
N GLY B 55 -0.58 24.24 -5.90
CA GLY B 55 -1.35 24.43 -4.69
C GLY B 55 -2.13 23.18 -4.33
N ASN B 56 -3.26 23.35 -3.64
CA ASN B 56 -4.15 22.24 -3.31
C ASN B 56 -5.37 22.19 -4.22
N GLN B 57 -5.40 23.00 -5.28
CA GLN B 57 -6.50 23.05 -6.23
C GLN B 57 -6.01 22.58 -7.58
N SER B 58 -6.78 21.71 -8.23
CA SER B 58 -6.46 21.22 -9.56
C SER B 58 -7.11 22.11 -10.62
N LEU B 59 -6.42 22.26 -11.75
CA LEU B 59 -6.90 23.08 -12.84
C LEU B 59 -6.90 22.25 -14.12
N TYR B 60 -8.04 22.24 -14.81
CA TYR B 60 -8.23 21.41 -15.99
C TYR B 60 -8.17 22.27 -17.24
N TRP B 61 -7.34 21.84 -18.20
CA TRP B 61 -7.10 22.59 -19.42
C TRP B 61 -7.36 21.68 -20.61
N ASN B 62 -8.30 22.07 -21.47
CA ASN B 62 -8.67 21.23 -22.61
C ASN B 62 -7.58 21.23 -23.67
N ILE B 63 -7.38 20.09 -24.30
CA ILE B 63 -6.47 19.95 -25.43
C ILE B 63 -7.31 19.65 -26.67
N PRO B 64 -7.31 20.54 -27.67
CA PRO B 64 -8.07 20.23 -28.90
C PRO B 64 -7.29 19.30 -29.81
N ILE B 65 -7.53 17.99 -29.66
CA ILE B 65 -6.68 17.02 -30.35
C ILE B 65 -6.97 17.01 -31.84
N ALA B 66 -8.18 17.40 -32.26
CA ALA B 66 -8.49 17.44 -33.68
C ALA B 66 -7.68 18.52 -34.41
N ASN B 67 -7.29 19.57 -33.69
CA ASN B 67 -6.52 20.66 -34.25
C ASN B 67 -5.06 20.64 -33.77
N THR B 68 -4.59 19.50 -33.28
CA THR B 68 -3.25 19.36 -32.71
C THR B 68 -2.49 18.28 -33.46
N SER B 69 -1.23 18.57 -33.79
CA SER B 69 -0.40 17.62 -34.51
C SER B 69 0.55 16.83 -33.61
N VAL B 70 1.09 17.46 -32.57
CA VAL B 70 2.06 16.78 -31.70
C VAL B 70 2.00 17.41 -30.32
N VAL B 71 2.12 16.56 -29.30
CA VAL B 71 2.20 16.99 -27.91
C VAL B 71 3.49 16.41 -27.35
N MET B 72 4.36 17.28 -26.84
CA MET B 72 5.62 16.87 -26.22
C MET B 72 5.46 16.91 -24.70
N LEU B 73 5.88 15.85 -24.04
CA LEU B 73 5.74 15.69 -22.59
C LEU B 73 7.11 15.71 -21.94
N GLY B 74 7.33 16.67 -21.05
CA GLY B 74 8.58 16.84 -20.34
C GLY B 74 8.52 16.34 -18.91
N THR B 75 9.26 17.02 -18.05
CA THR B 75 9.39 16.60 -16.65
C THR B 75 8.05 16.67 -15.93
N GLY B 76 7.81 15.67 -15.08
CA GLY B 76 6.64 15.67 -14.23
C GLY B 76 5.32 15.47 -14.94
N THR B 77 5.34 14.79 -16.09
CA THR B 77 4.14 14.52 -16.85
C THR B 77 3.75 13.05 -16.74
N SER B 78 2.46 12.79 -16.90
CA SER B 78 1.95 11.43 -16.98
C SER B 78 0.77 11.43 -17.94
N VAL B 79 0.48 10.25 -18.49
CA VAL B 79 -0.63 10.09 -19.42
C VAL B 79 -1.33 8.77 -19.10
N THR B 80 -2.65 8.75 -19.27
CA THR B 80 -3.49 7.58 -19.07
C THR B 80 -3.74 6.87 -20.39
N GLN B 81 -4.19 5.61 -20.29
CA GLN B 81 -4.50 4.84 -21.49
C GLN B 81 -5.68 5.44 -22.24
N ALA B 82 -6.69 5.95 -21.51
CA ALA B 82 -7.81 6.58 -22.17
C ALA B 82 -7.37 7.81 -22.95
N ALA B 83 -6.43 8.57 -22.40
CA ALA B 83 -5.92 9.73 -23.12
C ALA B 83 -5.12 9.30 -24.35
N MET B 84 -4.30 8.26 -24.21
CA MET B 84 -3.55 7.75 -25.36
C MET B 84 -4.49 7.20 -26.42
N ARG B 85 -5.67 6.73 -26.01
CA ARG B 85 -6.64 6.24 -26.97
C ARG B 85 -7.15 7.36 -27.84
N GLU B 86 -7.49 8.50 -27.23
CA GLU B 86 -7.98 9.64 -27.99
C GLU B 86 -6.89 10.26 -28.85
N PHE B 87 -5.67 10.34 -28.32
CA PHE B 87 -4.56 10.87 -29.11
C PHE B 87 -4.39 10.08 -30.41
N ALA B 88 -4.34 8.75 -30.29
CA ALA B 88 -4.12 7.90 -31.46
C ALA B 88 -5.27 7.98 -32.46
N ARG B 89 -6.52 7.97 -31.98
CA ARG B 89 -7.65 8.06 -32.90
C ARG B 89 -7.66 9.38 -33.65
N ALA B 90 -7.15 10.44 -33.03
CA ALA B 90 -7.05 11.75 -33.69
C ALA B 90 -5.77 11.91 -34.49
N GLY B 91 -4.90 10.91 -34.52
CA GLY B 91 -3.64 11.01 -35.23
C GLY B 91 -2.64 11.95 -34.61
N VAL B 92 -2.64 12.08 -33.29
CA VAL B 92 -1.73 12.98 -32.59
C VAL B 92 -0.48 12.22 -32.17
N MET B 93 0.69 12.70 -32.61
CA MET B 93 1.94 12.11 -32.19
C MET B 93 2.27 12.54 -30.76
N ILE B 94 2.66 11.56 -29.93
CA ILE B 94 2.99 11.79 -28.53
C ILE B 94 4.45 11.43 -28.32
N GLY B 95 5.19 12.33 -27.69
CA GLY B 95 6.57 12.07 -27.37
C GLY B 95 6.95 12.49 -25.97
N PHE B 96 7.70 11.65 -25.28
CA PHE B 96 8.26 11.97 -23.97
C PHE B 96 9.69 12.43 -24.16
N CYS B 97 9.98 13.66 -23.74
CA CYS B 97 11.32 14.22 -23.79
C CYS B 97 11.79 14.57 -22.38
N GLY B 98 13.08 14.87 -22.26
CA GLY B 98 13.65 15.13 -20.95
C GLY B 98 13.14 16.41 -20.31
N GLY B 99 12.81 17.42 -21.11
CA GLY B 99 12.36 18.68 -20.57
C GLY B 99 13.48 19.70 -20.47
N GLY B 100 13.21 20.93 -20.88
CA GLY B 100 14.22 21.97 -20.83
C GLY B 100 15.36 21.78 -21.80
N GLY B 101 15.11 21.13 -22.94
CA GLY B 101 16.15 20.92 -23.92
C GLY B 101 17.04 19.71 -23.68
N THR B 102 16.73 18.88 -22.67
CA THR B 102 17.52 17.71 -22.37
C THR B 102 16.88 16.46 -22.96
N PRO B 103 17.67 15.43 -23.25
CA PRO B 103 17.08 14.16 -23.72
C PRO B 103 16.33 13.44 -22.61
N LEU B 104 15.42 12.56 -23.03
CA LEU B 104 14.65 11.76 -22.07
C LEU B 104 15.59 10.92 -21.21
N PHE B 105 16.53 10.21 -21.86
CA PHE B 105 17.54 9.44 -21.17
C PHE B 105 18.90 9.81 -21.71
N ALA B 106 19.80 10.22 -20.82
CA ALA B 106 21.16 10.58 -21.18
C ALA B 106 22.13 9.71 -20.40
N ALA B 107 23.22 9.33 -21.06
CA ALA B 107 24.29 8.56 -20.42
C ALA B 107 25.62 9.13 -20.92
N ASN B 108 26.70 8.37 -20.69
CA ASN B 108 28.02 8.82 -21.15
C ASN B 108 28.05 8.93 -22.67
N GLU B 109 27.60 7.88 -23.36
CA GLU B 109 27.51 7.91 -24.81
C GLU B 109 26.10 7.51 -25.25
N ALA B 110 25.42 6.74 -24.40
CA ALA B 110 24.04 6.34 -24.69
C ALA B 110 23.10 7.53 -24.47
N GLU B 111 22.11 7.64 -25.36
CA GLU B 111 21.17 8.77 -25.28
C GLU B 111 19.93 8.45 -26.10
N VAL B 112 18.76 8.71 -25.53
CA VAL B 112 17.48 8.63 -26.21
C VAL B 112 16.83 9.99 -26.06
N ALA B 113 16.71 10.73 -27.17
CA ALA B 113 16.20 12.10 -27.10
C ALA B 113 14.72 12.11 -26.75
N VAL B 114 13.91 11.40 -27.54
CA VAL B 114 12.46 11.36 -27.33
C VAL B 114 11.99 9.91 -27.50
N SER B 115 11.14 9.45 -26.59
CA SER B 115 10.42 8.19 -26.74
C SER B 115 9.10 8.47 -27.43
N TRP B 116 8.98 8.04 -28.69
CA TRP B 116 7.80 8.35 -29.50
C TRP B 116 6.74 7.26 -29.35
N LEU B 117 5.51 7.68 -29.13
CA LEU B 117 4.35 6.81 -29.10
C LEU B 117 3.54 7.09 -30.36
N SER B 118 3.86 6.38 -31.43
CA SER B 118 3.22 6.60 -32.73
C SER B 118 1.83 5.97 -32.75
N PRO B 119 0.81 6.68 -33.22
CA PRO B 119 -0.50 6.03 -33.38
C PRO B 119 -0.41 4.86 -34.33
N GLN B 120 -1.05 3.75 -33.95
CA GLN B 120 -1.04 2.52 -34.72
C GLN B 120 -2.40 2.18 -35.32
N SER B 121 -3.43 2.99 -35.03
CA SER B 121 -4.80 2.68 -35.41
C SER B 121 -5.24 3.36 -36.70
N GLU B 122 -4.70 4.54 -37.01
CA GLU B 122 -5.05 5.25 -38.23
C GLU B 122 -4.07 4.85 -39.33
N TYR B 123 -4.55 4.08 -40.29
CA TYR B 123 -3.67 3.48 -41.28
C TYR B 123 -3.18 4.53 -42.28
N ARG B 124 -1.88 4.55 -42.50
CA ARG B 124 -1.21 5.53 -43.34
C ARG B 124 -1.10 5.02 -44.77
N PRO B 125 -0.85 5.92 -45.72
CA PRO B 125 -0.62 5.47 -47.10
C PRO B 125 0.59 4.55 -47.19
N THR B 126 0.67 3.82 -48.30
CA THR B 126 1.70 2.82 -48.48
C THR B 126 2.77 3.20 -49.50
N GLU B 127 2.49 4.14 -50.40
CA GLU B 127 3.36 4.34 -51.56
C GLU B 127 4.74 4.86 -51.16
N TYR B 128 4.80 5.78 -50.20
CA TYR B 128 6.09 6.35 -49.83
C TYR B 128 6.92 5.34 -49.04
N LEU B 129 6.27 4.52 -48.22
CA LEU B 129 6.99 3.47 -47.50
C LEU B 129 7.62 2.48 -48.47
N GLN B 130 6.86 2.06 -49.49
CA GLN B 130 7.41 1.13 -50.47
C GLN B 130 8.56 1.77 -51.25
N ASP B 131 8.44 3.06 -51.58
CA ASP B 131 9.55 3.78 -52.21
C ASP B 131 10.77 3.82 -51.29
N TRP B 132 10.55 4.06 -49.99
CA TRP B 132 11.67 4.22 -49.07
C TRP B 132 12.45 2.92 -48.88
N VAL B 133 11.76 1.82 -48.59
CA VAL B 133 12.45 0.54 -48.37
C VAL B 133 13.04 -0.03 -49.65
N SER B 134 12.63 0.48 -50.82
CA SER B 134 13.17 -0.03 -52.07
C SER B 134 14.62 0.39 -52.30
N PHE B 135 15.08 1.44 -51.61
CA PHE B 135 16.46 1.89 -51.75
C PHE B 135 17.20 1.98 -50.42
N TRP B 136 16.51 1.90 -49.28
CA TRP B 136 17.13 2.24 -48.01
C TRP B 136 18.29 1.31 -47.66
N PHE B 137 18.27 0.06 -48.14
CA PHE B 137 19.34 -0.87 -47.83
C PHE B 137 20.53 -0.73 -48.76
N ASP B 138 20.46 0.16 -49.75
CA ASP B 138 21.61 0.49 -50.60
C ASP B 138 22.39 1.61 -49.94
N ASP B 139 23.68 1.37 -49.68
CA ASP B 139 24.50 2.37 -49.00
C ASP B 139 24.62 3.66 -49.81
N GLU B 140 24.80 3.52 -51.13
CA GLU B 140 24.94 4.71 -51.98
C GLU B 140 23.64 5.49 -52.06
N LYS B 141 22.51 4.80 -52.17
CA LYS B 141 21.22 5.50 -52.24
C LYS B 141 20.89 6.18 -50.91
N ARG B 142 21.32 5.61 -49.79
CA ARG B 142 21.11 6.28 -48.51
C ARG B 142 21.98 7.54 -48.41
N LEU B 143 23.19 7.50 -48.97
CA LEU B 143 24.01 8.70 -49.02
C LEU B 143 23.39 9.78 -49.90
N ALA B 144 22.78 9.37 -51.02
CA ALA B 144 22.14 10.34 -51.90
C ALA B 144 20.96 11.02 -51.20
N ALA B 145 20.23 10.27 -50.38
CA ALA B 145 19.13 10.88 -49.64
C ALA B 145 19.64 11.90 -48.63
N ALA B 146 20.75 11.57 -47.95
CA ALA B 146 21.30 12.49 -46.96
C ALA B 146 21.75 13.80 -47.60
N ILE B 147 22.44 13.70 -48.73
CA ILE B 147 22.86 14.91 -49.45
C ILE B 147 21.64 15.70 -49.90
N ALA B 148 20.64 15.02 -50.45
CA ALA B 148 19.42 15.69 -50.89
C ALA B 148 18.73 16.41 -49.75
N PHE B 149 18.84 15.90 -48.52
CA PHE B 149 18.31 16.62 -47.37
C PHE B 149 19.08 17.91 -47.14
N GLN B 150 20.42 17.83 -47.18
CA GLN B 150 21.24 19.01 -46.92
C GLN B 150 21.04 20.07 -47.99
N GLN B 151 20.75 19.67 -49.22
CA GLN B 151 20.47 20.64 -50.28
C GLN B 151 19.15 21.36 -50.02
N VAL B 152 18.14 20.64 -49.52
CA VAL B 152 16.91 21.28 -49.09
C VAL B 152 17.19 22.23 -47.93
N ARG B 153 18.07 21.81 -47.02
CA ARG B 153 18.46 22.65 -45.89
C ARG B 153 19.09 23.96 -46.38
N ILE B 154 19.99 23.87 -47.35
CA ILE B 154 20.58 25.07 -47.93
C ILE B 154 19.51 25.95 -48.53
N THR B 155 18.58 25.36 -49.28
CA THR B 155 17.51 26.14 -49.88
C THR B 155 16.66 26.82 -48.81
N GLN B 156 16.33 26.09 -47.74
CA GLN B 156 15.47 26.65 -46.70
C GLN B 156 16.16 27.81 -45.97
N ILE B 157 17.46 27.67 -45.69
CA ILE B 157 18.17 28.73 -44.99
C ILE B 157 18.21 30.00 -45.84
N ARG B 158 18.63 29.86 -47.10
CA ARG B 158 18.67 31.01 -47.99
C ARG B 158 17.31 31.69 -48.08
N GLN B 159 16.24 30.90 -48.11
CA GLN B 159 14.91 31.46 -48.32
C GLN B 159 14.44 32.24 -47.10
N HIS B 160 14.54 31.64 -45.91
CA HIS B 160 13.93 32.22 -44.72
C HIS B 160 14.84 33.21 -43.99
N TRP B 161 16.16 33.09 -44.16
CA TRP B 161 17.05 34.10 -43.60
C TRP B 161 17.02 35.40 -44.40
N LEU B 162 16.62 35.36 -45.67
CA LEU B 162 16.56 36.53 -46.52
C LEU B 162 15.14 36.92 -46.89
N GLY B 163 14.14 36.19 -46.39
CA GLY B 163 12.76 36.44 -46.74
C GLY B 163 12.18 37.67 -46.09
N SER B 164 10.88 37.88 -46.34
CA SER B 164 10.22 39.06 -45.82
C SER B 164 9.97 38.95 -44.31
N ARG B 165 9.66 37.74 -43.83
CA ARG B 165 9.31 37.57 -42.43
C ARG B 165 10.46 37.93 -41.51
N LEU B 166 11.67 37.46 -41.83
CA LEU B 166 12.83 37.76 -40.99
C LEU B 166 13.36 39.17 -41.22
N SER B 167 13.11 39.75 -42.39
CA SER B 167 13.54 41.13 -42.64
C SER B 167 12.79 42.12 -41.76
N ARG B 168 11.58 41.77 -41.32
CA ARG B 168 10.85 42.62 -40.39
C ARG B 168 11.52 42.68 -39.03
N GLU B 169 12.39 41.73 -38.72
CA GLU B 169 13.15 41.73 -37.46
C GLU B 169 14.38 42.60 -37.64
N SER B 170 14.32 43.83 -37.11
CA SER B 170 15.46 44.73 -37.19
C SER B 170 16.61 44.31 -36.29
N ARG B 171 16.36 43.43 -35.31
CA ARG B 171 17.41 42.93 -34.44
C ARG B 171 18.36 41.99 -35.16
N PHE B 172 17.95 41.41 -36.29
CA PHE B 172 18.74 40.42 -37.03
C PHE B 172 19.29 41.07 -38.29
N THR B 173 20.53 41.53 -38.22
CA THR B 173 21.18 42.25 -39.32
C THR B 173 22.48 41.56 -39.67
N PHE B 174 22.60 41.14 -40.93
CA PHE B 174 23.80 40.45 -41.39
C PHE B 174 24.01 40.76 -42.86
N LYS B 175 25.24 40.53 -43.32
CA LYS B 175 25.59 40.78 -44.72
C LYS B 175 25.17 39.59 -45.58
N SER B 176 24.30 39.84 -46.56
CA SER B 176 23.76 38.76 -47.38
C SER B 176 24.86 38.04 -48.14
N GLU B 177 25.93 38.73 -48.50
CA GLU B 177 27.02 38.08 -49.21
C GLU B 177 27.71 37.05 -48.33
N HIS B 178 27.78 37.28 -47.02
CA HIS B 178 28.41 36.33 -46.11
C HIS B 178 27.63 35.03 -46.06
N LEU B 179 26.30 35.10 -45.94
CA LEU B 179 25.50 33.90 -45.95
C LEU B 179 25.58 33.18 -47.29
N GLN B 180 25.55 33.93 -48.38
CA GLN B 180 25.63 33.31 -49.71
C GLN B 180 26.93 32.55 -49.89
N ALA B 181 28.06 33.16 -49.50
CA ALA B 181 29.34 32.48 -49.60
C ALA B 181 29.35 31.22 -48.75
N LEU B 182 28.69 31.27 -47.58
CA LEU B 182 28.64 30.10 -46.72
C LEU B 182 27.84 28.97 -47.36
N LEU B 183 26.63 29.28 -47.83
CA LEU B 183 25.78 28.24 -48.41
C LEU B 183 26.38 27.66 -49.67
N ASP B 184 27.01 28.51 -50.50
CA ASP B 184 27.65 28.03 -51.71
C ASP B 184 28.89 27.20 -51.39
N ARG B 185 29.62 27.55 -50.32
CA ARG B 185 30.77 26.73 -49.92
C ARG B 185 30.32 25.36 -49.44
N TYR B 186 29.23 25.30 -48.70
CA TYR B 186 28.68 24.03 -48.25
C TYR B 186 28.10 23.23 -49.43
N GLN B 187 27.48 23.93 -50.38
CA GLN B 187 26.93 23.26 -51.55
C GLN B 187 28.02 22.56 -52.35
N LYS B 188 29.17 23.23 -52.53
CA LYS B 188 30.28 22.60 -53.24
C LYS B 188 30.93 21.49 -52.42
N GLY B 189 30.97 21.65 -51.09
CA GLY B 189 31.53 20.60 -50.26
C GLY B 189 30.73 19.32 -50.29
N LEU B 190 29.40 19.42 -50.45
CA LEU B 190 28.55 18.24 -50.48
C LEU B 190 28.83 17.37 -51.70
N THR B 191 29.16 17.99 -52.84
CA THR B 191 29.45 17.21 -54.04
C THR B 191 30.73 16.39 -53.88
N ASP B 192 31.68 16.87 -53.09
CA ASP B 192 32.92 16.13 -52.89
C ASP B 192 32.75 14.96 -51.92
N CYS B 193 31.66 14.92 -51.16
CA CYS B 193 31.48 13.86 -50.17
C CYS B 193 31.25 12.52 -50.85
N ARG B 194 31.81 11.47 -50.26
CA ARG B 194 31.61 10.11 -50.73
C ARG B 194 31.10 9.15 -49.67
N THR B 195 31.15 9.53 -48.39
CA THR B 195 30.62 8.71 -47.31
C THR B 195 29.70 9.57 -46.45
N SER B 196 28.95 8.92 -45.56
CA SER B 196 28.10 9.67 -44.65
C SER B 196 28.93 10.45 -43.64
N ASN B 197 30.12 9.97 -43.31
CA ASN B 197 30.99 10.73 -42.40
C ASN B 197 31.50 11.99 -43.07
N ASP B 198 31.77 11.95 -44.38
CA ASP B 198 32.17 13.14 -45.09
C ASP B 198 31.12 14.24 -44.99
N VAL B 199 29.85 13.86 -45.10
CA VAL B 199 28.78 14.84 -45.00
C VAL B 199 28.70 15.42 -43.59
N LEU B 200 28.88 14.56 -42.57
CA LEU B 200 28.86 15.05 -41.19
C LEU B 200 29.96 16.07 -40.93
N VAL B 201 31.12 15.88 -41.56
CA VAL B 201 32.22 16.82 -41.40
C VAL B 201 31.85 18.16 -42.02
N GLN B 202 31.27 18.14 -43.22
CA GLN B 202 30.86 19.38 -43.88
C GLN B 202 29.73 20.07 -43.12
N GLU B 203 28.80 19.30 -42.56
CA GLU B 203 27.72 19.90 -41.77
C GLU B 203 28.29 20.61 -40.56
N ALA B 204 29.31 20.04 -39.93
CA ALA B 204 29.92 20.65 -38.75
C ALA B 204 30.58 21.98 -39.12
N MET B 205 31.33 22.00 -40.21
CA MET B 205 31.98 23.24 -40.65
C MET B 205 30.94 24.31 -40.97
N MET B 206 29.88 23.93 -41.70
CA MET B 206 28.85 24.87 -42.10
C MET B 206 28.10 25.40 -40.87
N THR B 207 27.68 24.51 -39.98
CA THR B 207 26.88 24.95 -38.83
C THR B 207 27.69 25.81 -37.88
N LYS B 208 29.00 25.56 -37.79
CA LYS B 208 29.84 26.40 -36.93
C LYS B 208 29.88 27.83 -37.46
N ALA B 209 30.12 28.00 -38.76
CA ALA B 209 30.13 29.33 -39.33
C ALA B 209 28.74 29.97 -39.30
N LEU B 210 27.69 29.15 -39.41
CA LEU B 210 26.34 29.68 -39.37
C LEU B 210 25.95 30.17 -37.98
N TYR B 211 26.45 29.50 -36.93
CA TYR B 211 26.22 29.97 -35.55
C TYR B 211 26.87 31.33 -35.33
N ARG B 212 28.11 31.49 -35.81
CA ARG B 212 28.79 32.76 -35.66
C ARG B 212 28.06 33.87 -36.40
N LEU B 213 27.56 33.56 -37.60
CA LEU B 213 26.84 34.55 -38.39
C LEU B 213 25.57 34.99 -37.68
N ALA B 214 24.84 34.04 -37.08
CA ALA B 214 23.62 34.40 -36.37
C ALA B 214 23.93 35.16 -35.08
N ALA B 215 25.02 34.79 -34.40
CA ALA B 215 25.42 35.49 -33.19
C ALA B 215 25.78 36.94 -33.48
N ASN B 216 26.61 37.17 -34.49
CA ASN B 216 27.00 38.54 -34.83
C ASN B 216 25.82 39.35 -35.34
N ALA B 217 24.83 38.68 -35.93
CA ALA B 217 23.67 39.38 -36.49
C ALA B 217 22.87 40.09 -35.41
N VAL B 218 22.94 39.63 -34.17
CA VAL B 218 22.20 40.23 -33.07
C VAL B 218 23.11 40.89 -32.04
N SER B 219 24.41 40.98 -32.34
CA SER B 219 25.42 41.53 -31.41
C SER B 219 25.43 40.73 -30.10
N TYR B 220 25.44 39.40 -30.23
CA TYR B 220 25.38 38.52 -29.08
C TYR B 220 26.71 38.51 -28.32
N GLY B 221 27.81 38.69 -29.03
CA GLY B 221 29.13 38.55 -28.46
C GLY B 221 29.72 37.17 -28.71
N ASP B 222 30.53 36.68 -27.78
CA ASP B 222 31.14 35.37 -27.97
C ASP B 222 30.10 34.28 -27.82
N PHE B 223 30.17 33.26 -28.68
CA PHE B 223 29.23 32.15 -28.63
C PHE B 223 29.91 30.87 -29.07
N THR B 224 29.67 29.79 -28.32
CA THR B 224 30.08 28.44 -28.68
C THR B 224 28.92 27.52 -28.42
N ARG B 225 28.57 26.70 -29.41
CA ARG B 225 27.43 25.80 -29.30
C ARG B 225 27.73 24.71 -28.27
N ALA B 226 26.84 24.56 -27.30
CA ALA B 226 26.98 23.50 -26.29
C ALA B 226 26.41 22.22 -26.87
N LYS B 227 27.29 21.40 -27.45
CA LYS B 227 26.86 20.17 -28.10
C LYS B 227 26.31 19.17 -27.10
N ARG B 228 26.82 19.15 -25.87
CA ARG B 228 26.33 18.24 -24.84
C ARG B 228 25.05 18.75 -24.18
N GLY B 229 24.55 19.93 -24.54
CA GLY B 229 23.33 20.45 -23.96
C GLY B 229 23.48 21.06 -22.58
N GLY B 230 24.71 21.30 -22.12
CA GLY B 230 24.92 21.89 -20.81
C GLY B 230 25.25 23.37 -20.89
N GLY B 231 24.68 24.06 -21.88
CA GLY B 231 24.92 25.49 -22.01
C GLY B 231 24.07 26.30 -21.05
N THR B 232 24.69 27.33 -20.47
CA THR B 232 24.03 28.19 -19.49
C THR B 232 23.48 29.47 -20.10
N ASP B 233 24.07 29.95 -21.19
CA ASP B 233 23.59 31.17 -21.83
C ASP B 233 22.27 30.92 -22.56
N LEU B 234 21.50 32.00 -22.74
CA LEU B 234 20.16 31.86 -23.27
C LEU B 234 20.15 31.29 -24.68
N ALA B 235 21.17 31.58 -25.48
CA ALA B 235 21.19 31.08 -26.85
C ALA B 235 21.24 29.56 -26.88
N ASN B 236 22.17 28.97 -26.12
CA ASN B 236 22.27 27.52 -26.10
C ASN B 236 21.02 26.88 -25.49
N ARG B 237 20.44 27.52 -24.48
CA ARG B 237 19.23 26.96 -23.88
C ARG B 237 18.07 26.98 -24.86
N PHE B 238 17.91 28.08 -25.62
CA PHE B 238 16.84 28.14 -26.60
C PHE B 238 17.10 27.22 -27.79
N LEU B 239 18.35 27.10 -28.20
CA LEU B 239 18.68 26.16 -29.28
C LEU B 239 18.35 24.73 -28.87
N ASP B 240 18.58 24.38 -27.60
CA ASP B 240 18.23 23.05 -27.13
C ASP B 240 16.73 22.84 -27.15
N HIS B 241 15.96 23.81 -26.63
CA HIS B 241 14.52 23.66 -26.59
C HIS B 241 13.92 23.70 -27.98
N GLY B 242 14.46 24.55 -28.86
CA GLY B 242 13.94 24.65 -30.21
C GLY B 242 14.13 23.39 -31.02
N ASN B 243 15.16 22.61 -30.73
CA ASN B 243 15.39 21.36 -31.45
C ASN B 243 14.28 20.36 -31.17
N TYR B 244 13.84 20.26 -29.90
CA TYR B 244 12.79 19.30 -29.58
C TYR B 244 11.45 19.71 -30.14
N LEU B 245 11.21 21.02 -30.31
CA LEU B 245 10.02 21.45 -31.04
C LEU B 245 10.09 20.99 -32.48
N ALA B 246 11.27 21.10 -33.10
CA ALA B 246 11.44 20.62 -34.47
C ALA B 246 11.34 19.10 -34.55
N TYR B 247 11.80 18.38 -33.53
CA TYR B 247 11.70 16.93 -33.53
C TYR B 247 10.24 16.48 -33.60
N GLY B 248 9.38 17.09 -32.78
CA GLY B 248 7.98 16.70 -32.80
C GLY B 248 7.32 16.95 -34.14
N LEU B 249 7.71 18.04 -34.81
CA LEU B 249 7.16 18.32 -36.13
C LEU B 249 7.68 17.31 -37.15
N ALA B 250 8.95 16.92 -37.01
CA ALA B 250 9.50 15.90 -37.90
C ALA B 250 8.90 14.53 -37.62
N ALA B 251 8.60 14.23 -36.36
CA ALA B 251 7.99 12.94 -36.03
C ALA B 251 6.60 12.83 -36.67
N VAL B 252 5.88 13.94 -36.75
CA VAL B 252 4.59 13.95 -37.43
C VAL B 252 4.78 13.76 -38.94
N SER B 253 5.83 14.37 -39.50
CA SER B 253 6.03 14.28 -40.95
C SER B 253 6.30 12.85 -41.40
N THR B 254 7.18 12.14 -40.70
CA THR B 254 7.48 10.77 -41.09
C THR B 254 6.28 9.87 -40.87
N TRP B 255 5.50 10.13 -39.81
CA TRP B 255 4.33 9.30 -39.53
C TRP B 255 3.25 9.48 -40.60
N VAL B 256 2.94 10.74 -40.95
CA VAL B 256 1.92 11.02 -41.95
C VAL B 256 2.18 10.26 -43.23
N LEU B 257 3.45 10.19 -43.64
CA LEU B 257 3.87 9.46 -44.83
C LEU B 257 4.17 7.99 -44.55
N GLY B 258 3.84 7.50 -43.35
CA GLY B 258 4.04 6.10 -43.02
C GLY B 258 5.48 5.66 -43.01
N LEU B 259 6.42 6.56 -42.72
CA LEU B 259 7.83 6.24 -42.68
C LEU B 259 8.24 5.95 -41.24
N PRO B 260 8.77 4.77 -40.94
CA PRO B 260 9.20 4.49 -39.57
C PRO B 260 10.43 5.31 -39.18
N HIS B 261 10.44 5.78 -37.93
CA HIS B 261 11.47 6.68 -37.46
C HIS B 261 12.87 6.10 -37.57
N GLY B 262 13.01 4.79 -37.57
CA GLY B 262 14.32 4.15 -37.58
C GLY B 262 15.02 4.08 -38.92
N LEU B 263 14.38 4.50 -40.01
CA LEU B 263 14.98 4.41 -41.34
C LEU B 263 15.64 5.75 -41.70
N ALA B 264 16.69 6.07 -40.96
CA ALA B 264 17.41 7.32 -41.12
C ALA B 264 18.38 7.24 -42.29
N VAL B 265 18.88 8.41 -42.69
CA VAL B 265 19.80 8.51 -43.81
C VAL B 265 21.14 9.11 -43.43
N LEU B 266 21.22 9.89 -42.34
CA LEU B 266 22.46 10.53 -41.94
C LEU B 266 22.77 10.30 -40.46
N HIS B 267 21.82 10.65 -39.58
CA HIS B 267 22.01 10.54 -38.14
C HIS B 267 21.55 9.20 -37.57
N GLY B 268 21.38 8.18 -38.41
CA GLY B 268 20.98 6.87 -37.91
C GLY B 268 22.08 6.12 -37.19
N LYS B 269 23.32 6.23 -37.69
CA LYS B 269 24.44 5.49 -37.12
C LYS B 269 24.81 5.91 -35.71
N THR B 270 24.08 6.84 -35.10
CA THR B 270 24.40 7.26 -33.74
C THR B 270 23.19 7.24 -32.82
N ARG B 271 22.02 7.63 -33.31
CA ARG B 271 20.87 7.93 -32.47
C ARG B 271 19.66 7.11 -32.88
N ARG B 272 18.86 6.73 -31.89
CA ARG B 272 17.61 6.02 -32.13
C ARG B 272 16.54 6.99 -32.59
N GLY B 273 15.73 6.57 -33.56
CA GLY B 273 14.77 7.46 -34.18
C GLY B 273 15.43 8.44 -35.13
N GLY B 274 16.42 7.96 -35.90
CA GLY B 274 17.30 8.88 -36.61
C GLY B 274 16.59 9.74 -37.63
N LEU B 275 15.62 9.17 -38.34
CA LEU B 275 14.96 9.93 -39.40
C LEU B 275 14.28 11.18 -38.85
N VAL B 276 13.85 11.15 -37.59
CA VAL B 276 13.28 12.35 -36.98
C VAL B 276 14.31 13.46 -36.92
N PHE B 277 15.57 13.11 -36.60
CA PHE B 277 16.62 14.12 -36.54
C PHE B 277 17.00 14.62 -37.93
N ASP B 278 17.06 13.72 -38.90
CA ASP B 278 17.39 14.13 -40.27
C ASP B 278 16.33 15.09 -40.81
N VAL B 279 15.05 14.76 -40.61
CA VAL B 279 13.98 15.61 -41.12
C VAL B 279 13.90 16.93 -40.36
N ALA B 280 14.25 16.93 -39.07
CA ALA B 280 14.26 18.20 -38.34
C ALA B 280 15.33 19.15 -38.87
N ASP B 281 16.45 18.60 -39.36
CA ASP B 281 17.51 19.43 -39.92
C ASP B 281 17.03 20.24 -41.13
N LEU B 282 15.91 19.86 -41.75
CA LEU B 282 15.43 20.57 -42.93
C LEU B 282 15.01 21.99 -42.60
N ILE B 283 14.53 22.24 -41.37
CA ILE B 283 13.97 23.52 -40.99
C ILE B 283 14.60 24.08 -39.71
N LYS B 284 15.48 23.34 -39.06
CA LYS B 284 15.99 23.76 -37.76
C LYS B 284 16.85 25.00 -37.87
N ASP B 285 17.87 24.97 -38.73
CA ASP B 285 18.74 26.13 -38.87
C ASP B 285 18.05 27.30 -39.55
N ALA B 286 17.06 27.02 -40.41
CA ALA B 286 16.41 28.10 -41.14
C ALA B 286 15.39 28.85 -40.31
N LEU B 287 14.73 28.18 -39.36
CA LEU B 287 13.64 28.79 -38.61
C LEU B 287 13.94 28.95 -37.14
N VAL B 288 14.49 27.91 -36.50
CA VAL B 288 14.71 27.97 -35.06
C VAL B 288 15.94 28.80 -34.73
N LEU B 289 17.02 28.61 -35.48
CA LEU B 289 18.29 29.26 -35.16
C LEU B 289 18.20 30.77 -35.08
N PRO B 290 17.62 31.49 -36.05
CA PRO B 290 17.52 32.95 -35.87
C PRO B 290 16.64 33.35 -34.70
N GLN B 291 15.54 32.62 -34.45
CA GLN B 291 14.66 32.98 -33.36
C GLN B 291 15.33 32.77 -32.01
N ALA B 292 16.28 31.85 -31.92
CA ALA B 292 16.97 31.62 -30.65
C ALA B 292 17.79 32.84 -30.25
N PHE B 293 18.61 33.36 -31.18
CA PHE B 293 19.44 34.50 -30.87
C PHE B 293 18.62 35.77 -30.68
N ILE B 294 17.53 35.92 -31.46
CA ILE B 294 16.67 37.08 -31.27
C ILE B 294 16.10 37.10 -29.86
N ALA B 295 15.49 35.99 -29.44
CA ALA B 295 14.90 35.92 -28.12
C ALA B 295 15.93 36.10 -27.02
N ALA B 296 17.17 35.64 -27.27
CA ALA B 296 18.22 35.80 -26.27
C ALA B 296 18.51 37.27 -26.02
N MET B 297 18.68 38.05 -27.09
CA MET B 297 18.97 39.47 -26.93
C MET B 297 17.78 40.28 -26.43
N GLU B 298 16.57 39.73 -26.49
CA GLU B 298 15.39 40.37 -25.93
C GLU B 298 15.09 39.95 -24.49
N GLY B 299 15.90 39.06 -23.93
CA GLY B 299 15.70 38.65 -22.55
C GLY B 299 14.39 37.95 -22.29
N GLU B 300 13.96 37.05 -23.18
CA GLU B 300 12.69 36.38 -23.03
C GLU B 300 12.86 35.04 -22.30
N ASP B 301 11.75 34.52 -21.80
CA ASP B 301 11.77 33.23 -21.13
C ASP B 301 11.56 32.12 -22.15
N GLU B 302 11.32 30.89 -21.69
CA GLU B 302 11.21 29.77 -22.61
C GLU B 302 9.91 29.82 -23.40
N GLN B 303 8.79 30.17 -22.74
CA GLN B 303 7.50 30.19 -23.43
C GLN B 303 7.47 31.25 -24.51
N GLU B 304 8.08 32.42 -24.27
CA GLU B 304 8.11 33.46 -25.28
C GLU B 304 8.93 33.03 -26.48
N PHE B 305 10.04 32.33 -26.25
CA PHE B 305 10.81 31.77 -27.35
C PHE B 305 10.07 30.61 -28.01
N ARG B 306 9.27 29.87 -27.24
CA ARG B 306 8.48 28.80 -27.83
C ARG B 306 7.45 29.35 -28.79
N GLN B 307 6.78 30.45 -28.41
CA GLN B 307 5.80 31.06 -29.28
C GLN B 307 6.43 31.59 -30.56
N ARG B 308 7.72 31.98 -30.50
CA ARG B 308 8.40 32.42 -31.71
C ARG B 308 8.62 31.26 -32.67
N CYS B 309 9.11 30.13 -32.16
CA CYS B 309 9.34 28.97 -33.02
C CYS B 309 8.05 28.45 -33.59
N LEU B 310 7.03 28.33 -32.74
CA LEU B 310 5.74 27.81 -33.19
C LEU B 310 5.14 28.71 -34.27
N THR B 311 5.20 30.03 -34.07
CA THR B 311 4.70 30.95 -35.09
C THR B 311 5.50 30.84 -36.38
N ALA B 312 6.83 30.75 -36.26
CA ALA B 312 7.67 30.58 -37.44
C ALA B 312 7.34 29.27 -38.16
N PHE B 313 7.06 28.21 -37.40
CA PHE B 313 6.66 26.95 -38.02
C PHE B 313 5.35 27.11 -38.81
N GLN B 314 4.37 27.82 -38.24
CA GLN B 314 3.11 28.02 -38.93
C GLN B 314 3.30 28.88 -40.18
N GLN B 315 3.87 30.08 -40.03
CA GLN B 315 3.95 31.02 -41.14
C GLN B 315 4.82 30.52 -42.27
N SER B 316 5.85 29.73 -41.97
CA SER B 316 6.72 29.17 -43.00
C SER B 316 6.21 27.85 -43.53
N GLU B 317 5.11 27.33 -42.99
CA GLU B 317 4.57 26.02 -43.36
C GLU B 317 5.65 24.95 -43.23
N ALA B 318 6.28 24.91 -42.05
CA ALA B 318 7.41 24.01 -41.84
C ALA B 318 7.01 22.54 -41.99
N LEU B 319 5.80 22.19 -41.53
CA LEU B 319 5.35 20.82 -41.68
C LEU B 319 5.23 20.44 -43.15
N ASP B 320 4.72 21.36 -43.97
CA ASP B 320 4.64 21.09 -45.40
C ASP B 320 6.02 20.95 -46.02
N VAL B 321 7.00 21.69 -45.52
CA VAL B 321 8.35 21.59 -46.06
C VAL B 321 8.92 20.20 -45.80
N MET B 322 8.72 19.67 -44.59
CA MET B 322 9.26 18.36 -44.26
C MET B 322 8.52 17.26 -45.00
N ILE B 323 7.19 17.33 -45.04
CA ILE B 323 6.42 16.33 -45.77
C ILE B 323 6.76 16.37 -47.25
N GLY B 324 6.82 17.58 -47.83
CA GLY B 324 7.12 17.69 -49.25
C GLY B 324 8.53 17.24 -49.58
N SER B 325 9.49 17.50 -48.70
CA SER B 325 10.86 17.07 -48.93
C SER B 325 10.98 15.55 -48.93
N LEU B 326 10.33 14.89 -47.97
CA LEU B 326 10.35 13.43 -47.92
C LEU B 326 9.68 12.83 -49.15
N GLN B 327 8.58 13.42 -49.62
CA GLN B 327 7.93 12.91 -50.81
C GLN B 327 8.85 13.02 -52.04
N ASP B 328 9.55 14.14 -52.16
CA ASP B 328 10.47 14.31 -53.31
C ASP B 328 11.62 13.32 -53.25
N VAL B 329 12.23 13.16 -52.07
CA VAL B 329 13.37 12.26 -51.94
C VAL B 329 12.94 10.81 -52.19
N ALA B 330 11.75 10.44 -51.69
CA ALA B 330 11.27 9.08 -51.88
C ALA B 330 11.09 8.75 -53.36
N SER B 331 10.47 9.67 -54.12
CA SER B 331 10.28 9.42 -55.55
C SER B 331 11.59 9.45 -56.32
N LYS B 332 12.53 10.32 -55.91
CA LYS B 332 13.81 10.44 -56.62
C LYS B 332 14.60 9.13 -56.56
N LEU B 333 14.65 8.50 -55.39
CA LEU B 333 15.50 7.34 -55.19
C LEU B 333 14.73 6.02 -55.20
N SER B 334 13.41 6.06 -55.44
CA SER B 334 12.61 4.85 -55.49
C SER B 334 13.15 3.87 -56.52
N GLN B 335 13.08 2.58 -56.19
CA GLN B 335 13.52 1.52 -57.09
C GLN B 335 12.37 0.68 -57.61
N VAL B 336 11.13 1.13 -57.40
CA VAL B 336 9.96 0.42 -57.92
C VAL B 336 9.89 0.58 -59.44
N VAL B 337 9.25 -0.38 -60.09
CA VAL B 337 9.12 -0.40 -61.54
C VAL B 337 8.26 0.77 -62.04
N LYS C 23 28.46 19.56 27.48
CA LYS C 23 28.54 19.69 26.03
C LYS C 23 27.40 18.91 25.36
N THR C 24 27.59 17.59 25.21
CA THR C 24 26.59 16.75 24.56
C THR C 24 25.42 16.40 25.46
N ILE C 25 25.48 16.71 26.75
CA ILE C 25 24.35 16.47 27.63
C ILE C 25 23.46 17.69 27.79
N LEU C 26 23.96 18.88 27.46
CA LEU C 26 23.16 20.10 27.51
C LEU C 26 22.47 20.26 26.15
N HIS C 27 21.18 19.92 26.10
CA HIS C 27 20.44 19.95 24.85
C HIS C 27 19.88 21.33 24.51
N SER C 28 19.78 22.24 25.49
CA SER C 28 19.29 23.59 25.26
C SER C 28 20.11 24.58 26.06
N LYS C 29 20.75 25.52 25.37
CA LYS C 29 21.40 26.62 26.08
C LYS C 29 20.38 27.63 26.56
N ARG C 30 19.26 27.77 25.85
CA ARG C 30 18.27 28.80 26.20
C ARG C 30 17.44 28.41 27.42
N ALA C 31 17.17 27.12 27.62
CA ALA C 31 16.32 26.67 28.71
C ALA C 31 17.03 25.78 29.72
N ASN C 32 18.33 25.52 29.54
CA ASN C 32 19.11 24.67 30.44
C ASN C 32 18.46 23.29 30.57
N VAL C 33 18.36 22.60 29.44
CA VAL C 33 17.77 21.27 29.38
C VAL C 33 18.91 20.26 29.30
N TYR C 34 19.03 19.44 30.34
CA TYR C 34 20.04 18.39 30.38
C TYR C 34 19.41 17.04 30.08
N TYR C 35 20.09 16.25 29.26
CA TYR C 35 19.63 14.93 28.89
C TYR C 35 20.53 13.88 29.54
N LEU C 36 19.92 12.91 30.20
CA LEU C 36 20.64 11.85 30.90
C LEU C 36 20.21 10.49 30.35
N GLN C 37 21.16 9.56 30.33
CA GLN C 37 20.87 8.20 29.91
C GLN C 37 21.80 7.24 30.64
N HIS C 38 21.33 6.01 30.82
CA HIS C 38 22.11 4.91 31.39
C HIS C 38 22.67 5.27 32.76
N CYS C 39 21.79 5.68 33.66
CA CYS C 39 22.18 6.02 35.01
C CYS C 39 20.97 5.89 35.92
N ARG C 40 21.20 5.37 37.12
CA ARG C 40 20.18 5.35 38.17
C ARG C 40 20.32 6.60 39.03
N ILE C 41 19.21 7.31 39.21
CA ILE C 41 19.19 8.52 40.01
C ILE C 41 18.58 8.18 41.36
N LEU C 42 19.36 8.39 42.42
CA LEU C 42 18.94 8.09 43.78
C LEU C 42 19.54 9.14 44.71
N VAL C 43 19.29 8.96 46.02
CA VAL C 43 19.84 9.83 47.05
C VAL C 43 20.68 8.97 48.00
N ASN C 44 21.96 9.32 48.12
CA ASN C 44 22.90 8.66 49.03
C ASN C 44 23.56 9.71 49.90
N GLY C 45 23.50 9.50 51.22
CA GLY C 45 24.07 10.46 52.16
C GLY C 45 23.46 11.84 52.05
N GLY C 46 22.17 11.93 51.78
CA GLY C 46 21.49 13.20 51.62
C GLY C 46 21.77 13.94 50.33
N ARG C 47 22.53 13.37 49.40
CA ARG C 47 22.85 14.02 48.14
C ARG C 47 22.22 13.27 46.96
N VAL C 48 21.85 14.03 45.93
CA VAL C 48 21.45 13.42 44.66
C VAL C 48 22.70 12.92 43.96
N GLU C 49 22.72 11.62 43.63
CA GLU C 49 23.85 10.99 42.97
C GLU C 49 23.38 10.20 41.76
N TYR C 50 24.26 10.12 40.76
CA TYR C 50 23.97 9.48 39.47
C TYR C 50 24.86 8.24 39.36
N VAL C 51 24.26 7.06 39.50
CA VAL C 51 24.98 5.79 39.43
C VAL C 51 24.97 5.33 37.98
N THR C 52 26.05 5.61 37.26
CA THR C 52 26.19 5.26 35.86
C THR C 52 26.73 3.85 35.69
N GLU C 53 26.37 3.23 34.57
CA GLU C 53 26.87 1.90 34.26
C GLU C 53 28.33 1.97 33.82
N GLU C 54 29.05 0.87 34.05
CA GLU C 54 30.46 0.79 33.69
C GLU C 54 30.68 0.87 32.18
N LEU C 59 29.66 12.52 32.70
CA LEU C 59 29.75 13.31 33.92
C LEU C 59 28.49 14.16 34.14
N TYR C 60 27.48 13.53 34.74
CA TYR C 60 26.21 14.20 35.01
C TYR C 60 26.24 15.04 36.29
N TRP C 61 27.25 14.83 37.15
CA TRP C 61 27.36 15.56 38.41
C TRP C 61 27.55 17.07 38.22
N ASN C 62 27.80 17.53 36.99
CA ASN C 62 27.98 18.94 36.72
C ASN C 62 26.65 19.69 36.62
N ILE C 63 25.52 19.00 36.64
CA ILE C 63 24.20 19.60 36.53
C ILE C 63 23.84 20.39 37.79
N PRO C 64 23.58 21.69 37.68
CA PRO C 64 23.16 22.47 38.85
C PRO C 64 21.80 22.01 39.34
N ILE C 65 21.73 21.61 40.61
CA ILE C 65 20.46 21.23 41.23
C ILE C 65 19.74 22.52 41.64
N ALA C 66 19.32 23.31 40.65
CA ALA C 66 18.66 24.59 40.90
C ALA C 66 17.44 24.71 40.00
N ASN C 67 16.60 25.70 40.31
CA ASN C 67 15.34 25.90 39.60
C ASN C 67 15.53 26.43 38.18
N THR C 68 16.77 26.67 37.76
CA THR C 68 17.05 27.08 36.39
C THR C 68 17.29 25.91 35.45
N SER C 69 17.45 24.70 35.99
CA SER C 69 17.83 23.53 35.21
C SER C 69 16.62 22.66 34.95
N VAL C 70 16.55 22.11 33.73
CA VAL C 70 15.53 21.14 33.35
C VAL C 70 16.24 19.82 33.04
N VAL C 71 15.72 18.73 33.58
CA VAL C 71 16.37 17.42 33.49
C VAL C 71 15.43 16.48 32.76
N MET C 72 15.88 15.96 31.62
CA MET C 72 15.17 14.93 30.87
C MET C 72 15.85 13.58 31.09
N LEU C 73 15.05 12.56 31.38
CA LEU C 73 15.57 11.22 31.64
C LEU C 73 15.30 10.33 30.41
N GLY C 74 16.37 9.88 29.77
CA GLY C 74 16.29 9.13 28.54
C GLY C 74 16.47 7.64 28.73
N THR C 75 17.08 7.01 27.73
CA THR C 75 17.20 5.55 27.70
C THR C 75 18.00 5.05 28.90
N GLY C 76 17.48 4.02 29.56
CA GLY C 76 18.20 3.36 30.63
C GLY C 76 18.32 4.15 31.91
N THR C 77 17.36 5.01 32.22
CA THR C 77 17.39 5.79 33.45
C THR C 77 16.31 5.30 34.42
N SER C 78 16.53 5.62 35.69
CA SER C 78 15.53 5.41 36.72
C SER C 78 15.71 6.51 37.75
N VAL C 79 14.64 6.77 38.49
CA VAL C 79 14.64 7.80 39.52
C VAL C 79 13.85 7.27 40.71
N THR C 80 14.29 7.62 41.91
CA THR C 80 13.60 7.21 43.13
C THR C 80 12.69 8.32 43.62
N GLN C 81 11.75 7.95 44.48
CA GLN C 81 10.88 8.95 45.10
C GLN C 81 11.70 9.97 45.87
N ALA C 82 12.75 9.52 46.58
CA ALA C 82 13.57 10.46 47.35
C ALA C 82 14.26 11.46 46.45
N ALA C 83 14.71 11.03 45.26
CA ALA C 83 15.32 11.99 44.34
C ALA C 83 14.27 12.97 43.81
N MET C 84 13.06 12.47 43.51
CA MET C 84 12.00 13.36 43.08
C MET C 84 11.68 14.40 44.14
N ARG C 85 11.78 14.01 45.42
CA ARG C 85 11.61 14.98 46.50
C ARG C 85 12.67 16.07 46.42
N GLU C 86 13.93 15.68 46.17
CA GLU C 86 14.99 16.67 46.05
C GLU C 86 14.77 17.59 44.86
N PHE C 87 14.35 17.02 43.73
CA PHE C 87 14.04 17.83 42.56
C PHE C 87 12.88 18.78 42.83
N ALA C 88 11.87 18.32 43.55
CA ALA C 88 10.76 19.19 43.93
C ALA C 88 11.23 20.29 44.88
N ARG C 89 12.12 19.94 45.80
CA ARG C 89 12.64 20.95 46.72
C ARG C 89 13.42 22.02 45.97
N ALA C 90 14.27 21.61 45.02
CA ALA C 90 15.08 22.53 44.24
C ALA C 90 14.33 23.18 43.09
N GLY C 91 13.11 22.72 42.78
CA GLY C 91 12.36 23.29 41.69
C GLY C 91 12.84 22.88 40.32
N VAL C 92 13.38 21.67 40.18
CA VAL C 92 13.87 21.17 38.91
C VAL C 92 12.77 20.36 38.24
N MET C 93 12.37 20.78 37.04
CA MET C 93 11.36 20.03 36.29
C MET C 93 11.95 18.74 35.74
N ILE C 94 11.23 17.63 35.94
CA ILE C 94 11.66 16.31 35.49
C ILE C 94 10.79 15.88 34.33
N GLY C 95 11.42 15.36 33.29
CA GLY C 95 10.71 14.82 32.16
C GLY C 95 11.37 13.53 31.69
N PHE C 96 10.57 12.68 31.06
CA PHE C 96 11.04 11.43 30.49
C PHE C 96 10.91 11.50 28.97
N CYS C 97 11.98 11.15 28.26
CA CYS C 97 12.00 11.25 26.81
C CYS C 97 12.64 10.01 26.22
N GLY C 98 12.48 9.85 24.91
CA GLY C 98 13.11 8.78 24.17
C GLY C 98 14.58 9.05 23.94
N GLY C 99 15.25 8.06 23.32
CA GLY C 99 16.67 8.13 23.09
C GLY C 99 17.11 9.36 22.34
N GLY C 100 18.11 10.05 22.88
CA GLY C 100 18.64 11.24 22.24
C GLY C 100 17.87 12.52 22.50
N GLY C 101 16.88 12.51 23.39
CA GLY C 101 16.15 13.71 23.71
C GLY C 101 14.83 13.90 22.99
N THR C 102 14.27 12.84 22.40
CA THR C 102 12.98 12.91 21.73
C THR C 102 12.47 11.50 21.50
N PRO C 103 11.15 11.30 21.62
CA PRO C 103 10.12 12.28 21.99
C PRO C 103 9.91 12.41 23.49
N LEU C 104 9.21 13.45 23.92
CA LEU C 104 8.87 13.63 25.32
C LEU C 104 7.71 12.72 25.68
N PHE C 105 7.92 11.83 26.66
CA PHE C 105 6.90 10.89 27.11
C PHE C 105 6.02 11.51 28.20
N ALA C 106 6.63 11.85 29.34
CA ALA C 106 5.94 12.39 30.51
C ALA C 106 6.82 13.44 31.17
N ALA C 107 6.18 14.41 31.82
CA ALA C 107 6.93 15.51 32.41
C ALA C 107 6.10 16.21 33.48
N ASN C 108 6.81 16.92 34.37
CA ASN C 108 6.18 17.91 35.21
C ASN C 108 5.73 19.09 34.33
N GLU C 109 4.88 19.96 34.90
CA GLU C 109 4.39 21.12 34.19
C GLU C 109 5.05 22.38 34.73
N ALA C 110 5.35 23.32 33.84
CA ALA C 110 5.84 24.63 34.26
C ALA C 110 4.65 25.53 34.56
N GLU C 111 4.66 26.14 35.75
CA GLU C 111 3.52 26.95 36.16
C GLU C 111 3.62 28.36 35.60
N VAL C 112 2.54 29.12 35.77
CA VAL C 112 2.50 30.54 35.45
C VAL C 112 2.38 31.32 36.74
N ALA C 113 2.86 32.56 36.73
CA ALA C 113 2.71 33.45 37.89
C ALA C 113 2.24 34.82 37.41
N VAL C 114 1.05 35.22 37.86
CA VAL C 114 0.69 36.63 37.85
C VAL C 114 0.79 37.07 39.31
N SER C 115 0.11 38.16 39.66
CA SER C 115 0.12 38.60 41.04
C SER C 115 -0.79 37.77 41.94
N TRP C 116 -1.58 36.86 41.35
CA TRP C 116 -2.58 36.08 42.07
C TRP C 116 -2.25 34.60 42.16
N LEU C 117 -1.04 34.19 41.76
CA LEU C 117 -0.60 32.80 41.83
C LEU C 117 0.84 32.83 42.35
N SER C 118 0.98 32.87 43.68
CA SER C 118 2.28 33.01 44.34
C SER C 118 2.53 31.84 45.29
N PRO C 119 2.79 30.65 44.74
CA PRO C 119 3.00 29.48 45.61
C PRO C 119 4.30 29.56 46.37
N GLN C 120 4.40 28.74 47.42
CA GLN C 120 5.60 28.65 48.24
C GLN C 120 6.42 27.45 47.77
N SER C 121 7.05 27.62 46.61
CA SER C 121 7.88 26.57 46.02
C SER C 121 9.07 27.21 45.34
N GLU C 122 10.07 26.39 45.01
CA GLU C 122 11.28 26.84 44.35
C GLU C 122 11.15 26.87 42.82
N TYR C 123 10.12 26.25 42.25
CA TYR C 123 9.93 26.24 40.81
C TYR C 123 9.82 27.66 40.26
N ARG C 124 10.37 27.86 39.06
CA ARG C 124 10.33 29.15 38.42
C ARG C 124 9.16 29.21 37.44
N PRO C 125 8.14 30.02 37.70
CA PRO C 125 7.01 30.11 36.77
C PRO C 125 7.32 30.97 35.56
N THR C 126 6.70 30.62 34.44
CA THR C 126 6.96 31.29 33.17
C THR C 126 5.93 32.37 32.85
N GLU C 127 6.41 33.46 32.26
CA GLU C 127 5.58 34.54 31.73
C GLU C 127 5.06 34.25 30.33
N TYR C 128 5.55 33.19 29.67
CA TYR C 128 5.22 32.99 28.25
C TYR C 128 3.76 32.62 28.02
N LEU C 129 3.15 31.87 28.95
CA LEU C 129 1.76 31.49 28.75
C LEU C 129 0.84 32.72 28.77
N GLN C 130 1.08 33.65 29.68
CA GLN C 130 0.28 34.87 29.71
C GLN C 130 0.54 35.71 28.46
N ASP C 131 1.80 35.78 28.01
CA ASP C 131 2.09 36.45 26.76
C ASP C 131 1.31 35.84 25.60
N TRP C 132 1.25 34.51 25.55
CA TRP C 132 0.58 33.85 24.45
C TRP C 132 -0.92 34.13 24.46
N VAL C 133 -1.56 34.00 25.62
CA VAL C 133 -3.00 34.19 25.70
C VAL C 133 -3.37 35.65 25.44
N SER C 134 -2.46 36.58 25.73
CA SER C 134 -2.76 38.00 25.59
C SER C 134 -2.96 38.42 24.14
N PHE C 135 -2.53 37.61 23.17
CA PHE C 135 -2.73 37.93 21.76
C PHE C 135 -3.40 36.82 20.97
N TRP C 136 -3.51 35.60 21.51
CA TRP C 136 -3.93 34.45 20.71
C TRP C 136 -5.35 34.64 20.17
N PHE C 137 -6.24 35.24 20.97
CA PHE C 137 -7.62 35.39 20.56
C PHE C 137 -7.83 36.51 19.56
N ASP C 138 -6.82 37.33 19.31
CA ASP C 138 -6.85 38.34 18.26
C ASP C 138 -6.44 37.66 16.96
N ASP C 139 -7.39 37.53 16.01
CA ASP C 139 -7.10 36.80 14.78
C ASP C 139 -5.95 37.43 14.01
N GLU C 140 -5.82 38.76 14.07
CA GLU C 140 -4.72 39.42 13.39
C GLU C 140 -3.38 39.15 14.08
N LYS C 141 -3.37 39.13 15.41
CA LYS C 141 -2.15 38.81 16.12
C LYS C 141 -1.77 37.35 15.90
N ARG C 142 -2.75 36.44 15.94
CA ARG C 142 -2.47 35.03 15.72
C ARG C 142 -1.90 34.78 14.33
N LEU C 143 -2.37 35.55 13.33
CA LEU C 143 -1.82 35.43 11.99
C LEU C 143 -0.40 35.94 11.94
N ALA C 144 -0.12 37.04 12.63
CA ALA C 144 1.24 37.58 12.68
C ALA C 144 2.20 36.57 13.30
N ALA C 145 1.75 35.84 14.33
CA ALA C 145 2.60 34.79 14.90
C ALA C 145 2.84 33.68 13.89
N ALA C 146 1.78 33.26 13.18
CA ALA C 146 1.94 32.19 12.20
C ALA C 146 2.88 32.59 11.07
N ILE C 147 2.77 33.84 10.61
CA ILE C 147 3.66 34.32 9.55
C ILE C 147 5.09 34.43 10.06
N ALA C 148 5.25 34.87 11.32
CA ALA C 148 6.58 34.91 11.90
C ALA C 148 7.20 33.52 11.96
N PHE C 149 6.38 32.50 12.21
CA PHE C 149 6.89 31.13 12.19
C PHE C 149 7.39 30.75 10.80
N GLN C 150 6.62 31.10 9.77
CA GLN C 150 7.03 30.73 8.42
C GLN C 150 8.28 31.48 7.98
N GLN C 151 8.48 32.71 8.47
CA GLN C 151 9.73 33.41 8.19
C GLN C 151 10.93 32.69 8.80
N VAL C 152 10.80 32.26 10.06
CA VAL C 152 11.85 31.46 10.68
C VAL C 152 12.07 30.18 9.89
N ARG C 153 10.97 29.56 9.45
CA ARG C 153 11.06 28.34 8.65
C ARG C 153 11.86 28.56 7.37
N ILE C 154 11.65 29.71 6.72
CA ILE C 154 12.40 30.03 5.51
C ILE C 154 13.88 30.18 5.83
N THR C 155 14.19 30.90 6.91
CA THR C 155 15.59 31.08 7.32
C THR C 155 16.25 29.74 7.58
N GLN C 156 15.56 28.85 8.29
CA GLN C 156 16.14 27.55 8.62
C GLN C 156 16.39 26.71 7.38
N ILE C 157 15.46 26.72 6.43
CA ILE C 157 15.68 25.98 5.19
C ILE C 157 16.87 26.55 4.42
N ARG C 158 16.88 27.87 4.22
CA ARG C 158 18.01 28.51 3.55
C ARG C 158 19.34 28.16 4.22
N GLN C 159 19.37 28.18 5.56
CA GLN C 159 20.63 27.99 6.28
C GLN C 159 21.11 26.55 6.22
N HIS C 160 20.23 25.59 6.51
CA HIS C 160 20.67 24.22 6.69
C HIS C 160 20.64 23.40 5.40
N TRP C 161 19.94 23.86 4.37
CA TRP C 161 20.06 23.22 3.07
C TRP C 161 21.33 23.63 2.33
N LEU C 162 21.90 24.78 2.66
CA LEU C 162 23.11 25.29 2.01
C LEU C 162 24.32 25.27 2.93
N GLY C 163 24.18 24.79 4.16
CA GLY C 163 25.27 24.79 5.11
C GLY C 163 26.28 23.71 4.83
N SER C 164 27.28 23.65 5.70
CA SER C 164 28.39 22.72 5.52
C SER C 164 27.94 21.28 5.72
N ARG C 165 27.08 21.03 6.71
CA ARG C 165 26.74 19.64 7.06
C ARG C 165 26.08 18.93 5.89
N LEU C 166 25.12 19.59 5.22
CA LEU C 166 24.43 18.96 4.10
C LEU C 166 25.29 18.93 2.84
N SER C 167 26.17 19.92 2.67
CA SER C 167 27.04 19.93 1.49
C SER C 167 27.98 18.74 1.48
N ARG C 168 28.29 18.17 2.64
CA ARG C 168 29.11 16.97 2.70
C ARG C 168 28.41 15.75 2.12
N GLU C 169 27.08 15.80 1.98
CA GLU C 169 26.34 14.68 1.41
C GLU C 169 26.38 14.77 -0.11
N SER C 170 27.17 13.89 -0.74
CA SER C 170 27.27 13.90 -2.19
C SER C 170 26.00 13.38 -2.87
N ARG C 171 25.18 12.60 -2.15
CA ARG C 171 23.94 12.09 -2.71
C ARG C 171 22.91 13.19 -2.92
N PHE C 172 23.00 14.30 -2.19
CA PHE C 172 22.00 15.36 -2.21
C PHE C 172 22.58 16.57 -2.93
N THR C 173 22.35 16.64 -4.23
CA THR C 173 22.89 17.69 -5.08
C THR C 173 21.75 18.45 -5.74
N PHE C 174 21.80 19.78 -5.64
CA PHE C 174 20.76 20.64 -6.20
C PHE C 174 21.36 22.02 -6.49
N LYS C 175 20.69 22.77 -7.36
CA LYS C 175 21.13 24.11 -7.73
C LYS C 175 20.58 25.10 -6.71
N SER C 176 21.48 25.87 -6.08
CA SER C 176 21.07 26.78 -5.02
C SER C 176 20.10 27.84 -5.52
N GLU C 177 20.15 28.17 -6.81
CA GLU C 177 19.22 29.15 -7.34
C GLU C 177 17.78 28.65 -7.26
N HIS C 178 17.58 27.35 -7.51
CA HIS C 178 16.23 26.78 -7.44
C HIS C 178 15.64 26.92 -6.04
N LEU C 179 16.44 26.64 -5.01
CA LEU C 179 15.95 26.82 -3.64
C LEU C 179 15.72 28.29 -3.33
N GLN C 180 16.62 29.17 -3.78
CA GLN C 180 16.46 30.60 -3.51
C GLN C 180 15.18 31.14 -4.13
N ALA C 181 14.92 30.82 -5.39
CA ALA C 181 13.69 31.27 -6.05
C ALA C 181 12.46 30.68 -5.36
N LEU C 182 12.56 29.42 -4.93
CA LEU C 182 11.46 28.78 -4.21
C LEU C 182 11.15 29.53 -2.92
N LEU C 183 12.18 29.83 -2.12
CA LEU C 183 11.96 30.50 -0.84
C LEU C 183 11.57 31.95 -1.02
N ASP C 184 12.15 32.63 -2.01
CA ASP C 184 11.77 34.02 -2.27
C ASP C 184 10.32 34.13 -2.73
N ARG C 185 9.88 33.17 -3.55
CA ARG C 185 8.48 33.14 -3.96
C ARG C 185 7.56 32.95 -2.77
N TYR C 186 7.92 32.06 -1.85
CA TYR C 186 7.11 31.84 -0.66
C TYR C 186 7.11 33.08 0.24
N GLN C 187 8.25 33.77 0.33
CA GLN C 187 8.29 35.00 1.12
C GLN C 187 7.39 36.07 0.51
N LYS C 188 7.37 36.16 -0.82
CA LYS C 188 6.47 37.11 -1.48
C LYS C 188 5.02 36.74 -1.25
N GLY C 189 4.72 35.43 -1.23
CA GLY C 189 3.36 35.00 -0.95
C GLY C 189 2.92 35.32 0.46
N LEU C 190 3.85 35.26 1.43
CA LEU C 190 3.50 35.48 2.82
C LEU C 190 3.05 36.92 3.07
N THR C 191 3.70 37.89 2.42
CA THR C 191 3.31 39.29 2.61
C THR C 191 1.94 39.60 2.00
N ASP C 192 1.47 38.79 1.06
CA ASP C 192 0.15 38.99 0.47
C ASP C 192 -0.97 38.35 1.29
N CYS C 193 -0.64 37.52 2.27
CA CYS C 193 -1.66 36.79 3.00
C CYS C 193 -2.37 37.69 4.01
N ARG C 194 -3.69 37.51 4.12
CA ARG C 194 -4.48 38.29 5.06
C ARG C 194 -5.29 37.43 6.04
N THR C 195 -5.40 36.13 5.80
CA THR C 195 -6.10 35.20 6.68
C THR C 195 -5.22 33.98 6.93
N SER C 196 -5.66 33.13 7.86
CA SER C 196 -4.93 31.89 8.10
C SER C 196 -4.98 30.96 6.90
N ASN C 197 -6.09 30.96 6.15
CA ASN C 197 -6.18 30.08 5.00
C ASN C 197 -5.25 30.51 3.89
N ASP C 198 -5.03 31.82 3.74
CA ASP C 198 -4.08 32.30 2.73
C ASP C 198 -2.69 31.75 3.00
N VAL C 199 -2.28 31.72 4.27
CA VAL C 199 -0.98 31.16 4.61
C VAL C 199 -0.94 29.66 4.31
N LEU C 200 -2.03 28.95 4.60
CA LEU C 200 -2.08 27.53 4.34
C LEU C 200 -1.95 27.23 2.86
N VAL C 201 -2.52 28.09 2.00
CA VAL C 201 -2.40 27.88 0.56
C VAL C 201 -0.97 28.14 0.10
N GLN C 202 -0.34 29.20 0.61
CA GLN C 202 1.05 29.48 0.26
C GLN C 202 1.97 28.39 0.77
N GLU C 203 1.74 27.90 1.99
CA GLU C 203 2.56 26.82 2.54
C GLU C 203 2.45 25.57 1.69
N ALA C 204 1.23 25.25 1.22
CA ALA C 204 1.05 24.07 0.40
C ALA C 204 1.82 24.18 -0.91
N MET C 205 1.86 25.38 -1.49
CA MET C 205 2.61 25.57 -2.73
C MET C 205 4.10 25.44 -2.49
N MET C 206 4.61 26.10 -1.44
CA MET C 206 6.03 26.01 -1.14
C MET C 206 6.43 24.57 -0.80
N THR C 207 5.62 23.88 0.00
CA THR C 207 5.97 22.54 0.44
C THR C 207 5.99 21.55 -0.72
N LYS C 208 5.02 21.64 -1.63
CA LYS C 208 5.02 20.75 -2.79
C LYS C 208 6.25 20.99 -3.66
N ALA C 209 6.65 22.25 -3.82
CA ALA C 209 7.83 22.57 -4.62
C ALA C 209 9.11 22.09 -3.93
N LEU C 210 9.14 22.19 -2.60
CA LEU C 210 10.32 21.75 -1.85
C LEU C 210 10.43 20.22 -1.86
N TYR C 211 9.31 19.52 -1.76
CA TYR C 211 9.34 18.06 -1.84
C TYR C 211 9.87 17.59 -3.18
N ARG C 212 9.48 18.27 -4.26
CA ARG C 212 10.02 17.94 -5.58
C ARG C 212 11.51 18.22 -5.65
N LEU C 213 11.95 19.37 -5.10
CA LEU C 213 13.36 19.70 -5.11
C LEU C 213 14.18 18.67 -4.34
N ALA C 214 13.64 18.16 -3.23
CA ALA C 214 14.33 17.13 -2.48
C ALA C 214 14.37 15.81 -3.25
N ALA C 215 13.24 15.41 -3.85
CA ALA C 215 13.20 14.17 -4.61
C ALA C 215 14.16 14.20 -5.79
N ASN C 216 14.25 15.34 -6.49
CA ASN C 216 15.17 15.41 -7.61
C ASN C 216 16.62 15.37 -7.14
N ALA C 217 16.91 15.98 -5.99
CA ALA C 217 18.27 16.07 -5.50
C ALA C 217 18.89 14.70 -5.25
N VAL C 218 18.08 13.69 -4.99
CA VAL C 218 18.57 12.33 -4.79
C VAL C 218 18.22 11.41 -5.96
N SER C 219 17.64 11.97 -7.03
CA SER C 219 17.19 11.19 -8.19
C SER C 219 16.19 10.11 -7.77
N TYR C 220 15.22 10.53 -6.95
CA TYR C 220 14.23 9.61 -6.41
C TYR C 220 13.22 9.19 -7.47
N GLY C 221 12.89 10.08 -8.40
CA GLY C 221 11.87 9.86 -9.39
C GLY C 221 10.55 10.52 -9.00
N ASP C 222 9.45 9.81 -9.19
CA ASP C 222 8.14 10.33 -8.81
C ASP C 222 7.98 10.29 -7.30
N PHE C 223 7.47 11.39 -6.74
CA PHE C 223 7.17 11.41 -5.32
C PHE C 223 5.89 12.20 -5.08
N THR C 224 4.97 11.61 -4.31
CA THR C 224 3.77 12.29 -3.85
C THR C 224 3.71 12.16 -2.34
N ARG C 225 3.58 13.28 -1.65
CA ARG C 225 3.50 13.23 -0.19
C ARG C 225 2.20 12.55 0.21
N ALA C 226 2.32 11.41 0.87
CA ALA C 226 1.16 10.66 1.36
C ALA C 226 0.84 11.15 2.77
N LYS C 227 -0.25 11.89 2.90
CA LYS C 227 -0.72 12.29 4.22
C LYS C 227 -1.38 11.10 4.91
N ARG C 228 -1.76 11.31 6.17
CA ARG C 228 -2.41 10.30 7.01
C ARG C 228 -1.54 9.07 7.24
N GLY C 229 -0.23 9.18 7.00
CA GLY C 229 0.69 8.08 7.26
C GLY C 229 0.42 6.83 6.46
N GLY C 230 -0.17 6.95 5.27
CA GLY C 230 -0.49 5.77 4.48
C GLY C 230 0.40 5.57 3.26
N GLY C 231 1.67 5.96 3.39
CA GLY C 231 2.60 5.88 2.28
C GLY C 231 3.53 4.66 2.43
N THR C 232 3.66 3.92 1.33
CA THR C 232 4.44 2.69 1.33
C THR C 232 5.85 2.88 0.80
N ASP C 233 6.13 3.94 0.06
CA ASP C 233 7.48 4.17 -0.44
C ASP C 233 8.39 4.65 0.70
N LEU C 234 9.68 4.36 0.55
CA LEU C 234 10.63 4.61 1.62
C LEU C 234 10.69 6.09 2.02
N ALA C 235 10.51 7.00 1.06
CA ALA C 235 10.59 8.43 1.36
C ALA C 235 9.47 8.85 2.30
N ASN C 236 8.24 8.41 2.04
CA ASN C 236 7.12 8.78 2.89
C ASN C 236 7.24 8.17 4.28
N ARG C 237 7.75 6.94 4.39
CA ARG C 237 7.93 6.30 5.69
C ARG C 237 8.96 7.03 6.54
N PHE C 238 10.12 7.37 5.95
CA PHE C 238 11.11 8.14 6.69
C PHE C 238 10.59 9.53 7.02
N LEU C 239 9.84 10.16 6.12
CA LEU C 239 9.26 11.46 6.44
C LEU C 239 8.30 11.36 7.61
N ASP C 240 7.53 10.27 7.69
CA ASP C 240 6.64 10.10 8.83
C ASP C 240 7.43 9.90 10.12
N HIS C 241 8.49 9.08 10.06
CA HIS C 241 9.29 8.82 11.25
C HIS C 241 10.02 10.09 11.70
N GLY C 242 10.57 10.85 10.76
CA GLY C 242 11.27 12.08 11.11
C GLY C 242 10.33 13.13 11.68
N ASN C 243 9.11 13.20 11.16
CA ASN C 243 8.13 14.12 11.74
C ASN C 243 7.79 13.75 13.17
N TYR C 244 7.69 12.44 13.44
CA TYR C 244 7.45 12.00 14.80
C TYR C 244 8.56 12.47 15.74
N LEU C 245 9.82 12.40 15.27
CA LEU C 245 10.93 12.88 16.09
C LEU C 245 10.90 14.40 16.21
N ALA C 246 10.45 15.11 15.16
CA ALA C 246 10.37 16.55 15.24
C ALA C 246 9.26 17.00 16.17
N TYR C 247 8.09 16.35 16.09
CA TYR C 247 7.01 16.68 17.01
C TYR C 247 7.43 16.43 18.45
N GLY C 248 8.17 15.34 18.69
CA GLY C 248 8.62 15.04 20.05
C GLY C 248 9.60 16.07 20.58
N LEU C 249 10.48 16.57 19.71
CA LEU C 249 11.40 17.62 20.13
C LEU C 249 10.65 18.94 20.35
N ALA C 250 9.66 19.22 19.51
CA ALA C 250 8.86 20.43 19.71
C ALA C 250 8.08 20.38 21.01
N ALA C 251 7.62 19.19 21.42
CA ALA C 251 6.94 19.08 22.71
C ALA C 251 7.85 19.49 23.85
N VAL C 252 9.16 19.23 23.74
CA VAL C 252 10.11 19.69 24.76
C VAL C 252 10.14 21.20 24.81
N SER C 253 10.06 21.86 23.65
CA SER C 253 10.13 23.33 23.63
C SER C 253 8.90 23.95 24.27
N THR C 254 7.71 23.42 24.00
CA THR C 254 6.50 23.95 24.64
C THR C 254 6.47 23.57 26.12
N TRP C 255 7.06 22.45 26.49
CA TRP C 255 7.06 22.02 27.88
C TRP C 255 7.86 22.98 28.75
N VAL C 256 9.10 23.27 28.36
CA VAL C 256 9.94 24.12 29.20
C VAL C 256 9.41 25.54 29.25
N LEU C 257 8.66 25.96 28.23
CA LEU C 257 8.07 27.30 28.25
C LEU C 257 6.68 27.33 28.87
N GLY C 258 6.16 26.17 29.30
CA GLY C 258 4.83 26.13 29.87
C GLY C 258 3.72 26.49 28.91
N LEU C 259 3.93 26.24 27.62
CA LEU C 259 2.90 26.52 26.62
C LEU C 259 2.08 25.27 26.36
N PRO C 260 0.76 25.38 26.28
CA PRO C 260 -0.08 24.21 26.03
C PRO C 260 -0.19 23.91 24.54
N HIS C 261 -0.41 22.64 24.24
CA HIS C 261 -0.47 22.20 22.84
C HIS C 261 -1.67 22.77 22.09
N GLY C 262 -2.71 23.19 22.79
CA GLY C 262 -3.96 23.60 22.17
C GLY C 262 -4.04 25.04 21.72
N LEU C 263 -2.93 25.77 21.70
CA LEU C 263 -2.97 27.16 21.25
C LEU C 263 -2.11 27.35 20.01
N ALA C 264 -2.46 26.68 18.92
CA ALA C 264 -1.70 26.79 17.68
C ALA C 264 -1.87 28.17 17.07
N VAL C 265 -0.94 28.52 16.18
CA VAL C 265 -1.00 29.79 15.48
C VAL C 265 -1.32 29.62 14.01
N LEU C 266 -1.00 28.48 13.41
CA LEU C 266 -1.33 28.20 12.02
C LEU C 266 -2.33 27.07 11.86
N HIS C 267 -2.13 25.94 12.54
CA HIS C 267 -3.09 24.86 12.48
C HIS C 267 -4.44 25.32 13.03
N GLY C 268 -5.48 24.59 12.64
CA GLY C 268 -6.83 24.93 13.10
C GLY C 268 -6.95 24.84 14.61
N LYS C 269 -7.78 25.72 15.16
CA LYS C 269 -7.93 25.82 16.61
C LYS C 269 -8.42 24.52 17.24
N THR C 270 -9.09 23.66 16.47
CA THR C 270 -9.58 22.39 17.00
C THR C 270 -8.57 21.26 16.83
N ARG C 271 -7.44 21.50 16.17
CA ARG C 271 -6.48 20.46 15.88
C ARG C 271 -5.68 20.12 17.14
N ARG C 272 -5.84 18.89 17.62
CA ARG C 272 -5.12 18.44 18.80
C ARG C 272 -3.62 18.42 18.53
N GLY C 273 -2.86 19.01 19.44
CA GLY C 273 -1.42 19.13 19.26
C GLY C 273 -1.02 20.16 18.21
N GLY C 274 -1.89 21.12 17.92
CA GLY C 274 -1.62 22.05 16.83
C GLY C 274 -0.36 22.87 17.06
N LEU C 275 -0.16 23.36 18.29
CA LEU C 275 1.01 24.19 18.56
C LEU C 275 2.30 23.39 18.40
N VAL C 276 2.30 22.12 18.80
CA VAL C 276 3.47 21.27 18.61
C VAL C 276 3.78 21.13 17.13
N PHE C 277 2.74 20.96 16.30
CA PHE C 277 2.94 20.85 14.87
C PHE C 277 3.48 22.15 14.28
N ASP C 278 2.95 23.29 14.72
CA ASP C 278 3.45 24.57 14.24
C ASP C 278 4.91 24.75 14.61
N VAL C 279 5.29 24.38 15.83
CA VAL C 279 6.66 24.55 16.28
C VAL C 279 7.58 23.61 15.52
N ALA C 280 7.14 22.38 15.28
CA ALA C 280 7.98 21.45 14.54
C ALA C 280 8.18 21.89 13.10
N ASP C 281 7.21 22.60 12.52
CA ASP C 281 7.36 23.10 11.16
C ASP C 281 8.52 24.07 11.02
N LEU C 282 9.02 24.62 12.13
CA LEU C 282 10.14 25.56 12.06
C LEU C 282 11.40 24.90 11.53
N ILE C 283 11.61 23.61 11.85
CA ILE C 283 12.84 22.93 11.53
C ILE C 283 12.63 21.63 10.76
N LYS C 284 11.38 21.22 10.55
CA LYS C 284 11.09 19.92 9.95
C LYS C 284 11.61 19.85 8.52
N ASP C 285 11.17 20.78 7.66
CA ASP C 285 11.63 20.78 6.27
C ASP C 285 13.11 21.11 6.17
N ALA C 286 13.64 21.87 7.13
CA ALA C 286 15.04 22.29 7.05
C ALA C 286 15.99 21.14 7.35
N LEU C 287 15.58 20.22 8.22
CA LEU C 287 16.48 19.19 8.74
C LEU C 287 16.06 17.78 8.37
N VAL C 288 14.78 17.45 8.53
CA VAL C 288 14.36 16.06 8.34
C VAL C 288 14.21 15.74 6.86
N LEU C 289 13.59 16.64 6.09
CA LEU C 289 13.27 16.37 4.68
C LEU C 289 14.49 15.92 3.88
N PRO C 290 15.64 16.58 3.92
CA PRO C 290 16.79 16.05 3.15
C PRO C 290 17.25 14.69 3.65
N GLN C 291 17.19 14.46 4.96
CA GLN C 291 17.67 13.18 5.49
C GLN C 291 16.81 12.01 5.05
N ALA C 292 15.49 12.22 4.92
CA ALA C 292 14.61 11.12 4.54
C ALA C 292 14.88 10.66 3.12
N PHE C 293 15.09 11.59 2.19
CA PHE C 293 15.34 11.21 0.81
C PHE C 293 16.74 10.60 0.65
N ILE C 294 17.72 11.12 1.39
CA ILE C 294 19.05 10.53 1.35
C ILE C 294 19.01 9.10 1.86
N ALA C 295 18.41 8.90 3.04
CA ALA C 295 18.33 7.57 3.64
C ALA C 295 17.53 6.62 2.78
N ALA C 296 16.50 7.12 2.11
CA ALA C 296 15.70 6.27 1.22
C ALA C 296 16.55 5.70 0.09
N MET C 297 17.30 6.57 -0.58
CA MET C 297 18.12 6.12 -1.71
C MET C 297 19.29 5.25 -1.28
N GLU C 298 19.72 5.33 -0.02
CA GLU C 298 20.79 4.50 0.49
C GLU C 298 20.30 3.18 1.07
N GLY C 299 18.99 2.97 1.12
CA GLY C 299 18.44 1.73 1.65
C GLY C 299 18.74 1.47 3.10
N GLU C 300 18.71 2.52 3.93
CA GLU C 300 19.00 2.39 5.35
C GLU C 300 17.76 1.92 6.12
N ASP C 301 17.98 1.51 7.37
CA ASP C 301 16.91 0.99 8.20
C ASP C 301 16.44 2.07 9.19
N GLU C 302 15.57 1.66 10.11
CA GLU C 302 14.96 2.63 11.03
C GLU C 302 16.00 3.30 11.91
N GLN C 303 16.93 2.52 12.49
CA GLN C 303 17.89 3.09 13.42
C GLN C 303 18.89 4.00 12.70
N GLU C 304 19.31 3.62 11.48
CA GLU C 304 20.23 4.47 10.73
C GLU C 304 19.58 5.81 10.39
N PHE C 305 18.32 5.80 9.97
CA PHE C 305 17.66 7.07 9.68
C PHE C 305 17.41 7.87 10.94
N ARG C 306 17.06 7.20 12.04
CA ARG C 306 16.85 7.91 13.30
C ARG C 306 18.12 8.63 13.74
N GLN C 307 19.28 7.99 13.55
CA GLN C 307 20.55 8.62 13.90
C GLN C 307 20.82 9.86 13.06
N ARG C 308 20.39 9.85 11.79
CA ARG C 308 20.55 11.05 10.95
C ARG C 308 19.74 12.22 11.49
N CYS C 309 18.52 11.96 11.98
CA CYS C 309 17.68 13.03 12.48
C CYS C 309 18.23 13.61 13.77
N LEU C 310 18.63 12.74 14.71
CA LEU C 310 19.20 13.22 15.96
C LEU C 310 20.46 14.03 15.70
N THR C 311 21.35 13.50 14.86
CA THR C 311 22.56 14.24 14.50
C THR C 311 22.22 15.58 13.89
N ALA C 312 21.20 15.61 13.03
CA ALA C 312 20.73 16.86 12.45
C ALA C 312 20.13 17.77 13.52
N PHE C 313 19.32 17.22 14.43
CA PHE C 313 18.74 18.04 15.49
C PHE C 313 19.82 18.61 16.40
N GLN C 314 20.86 17.83 16.68
CA GLN C 314 21.92 18.29 17.58
C GLN C 314 22.77 19.36 16.92
N GLN C 315 23.33 19.07 15.75
CA GLN C 315 24.28 19.99 15.13
C GLN C 315 23.61 21.28 14.68
N SER C 316 22.31 21.25 14.39
CA SER C 316 21.58 22.43 13.98
C SER C 316 20.90 23.14 15.14
N GLU C 317 21.01 22.60 16.35
CA GLU C 317 20.40 23.18 17.55
C GLU C 317 18.89 23.40 17.34
N ALA C 318 18.21 22.34 16.90
CA ALA C 318 16.78 22.47 16.61
C ALA C 318 15.99 22.91 17.83
N LEU C 319 16.30 22.33 19.00
CA LEU C 319 15.56 22.67 20.20
C LEU C 319 15.70 24.15 20.53
N ASP C 320 16.91 24.68 20.44
CA ASP C 320 17.11 26.10 20.73
C ASP C 320 16.44 26.98 19.67
N VAL C 321 16.38 26.51 18.42
CA VAL C 321 15.68 27.28 17.39
C VAL C 321 14.19 27.36 17.71
N MET C 322 13.60 26.23 18.12
CA MET C 322 12.18 26.22 18.45
C MET C 322 11.90 27.02 19.72
N ILE C 323 12.72 26.83 20.75
CA ILE C 323 12.55 27.58 21.99
C ILE C 323 12.75 29.06 21.75
N GLY C 324 13.79 29.43 20.99
CA GLY C 324 14.03 30.84 20.73
C GLY C 324 12.95 31.48 19.90
N SER C 325 12.44 30.77 18.90
CA SER C 325 11.38 31.32 18.06
C SER C 325 10.13 31.59 18.89
N LEU C 326 9.75 30.65 19.76
CA LEU C 326 8.59 30.86 20.61
C LEU C 326 8.80 32.07 21.53
N GLN C 327 10.02 32.23 22.06
CA GLN C 327 10.30 33.37 22.93
C GLN C 327 10.18 34.69 22.18
N ASP C 328 10.73 34.74 20.96
CA ASP C 328 10.68 35.97 20.19
C ASP C 328 9.24 36.35 19.81
N VAL C 329 8.45 35.37 19.36
CA VAL C 329 7.07 35.66 19.00
C VAL C 329 6.28 36.10 20.23
N ALA C 330 6.51 35.45 21.36
CA ALA C 330 5.76 35.77 22.57
C ALA C 330 6.05 37.20 23.02
N SER C 331 7.33 37.58 23.08
CA SER C 331 7.67 38.92 23.53
C SER C 331 7.27 39.98 22.52
N LYS C 332 7.34 39.67 21.22
CA LYS C 332 7.01 40.68 20.21
C LYS C 332 5.51 41.00 20.20
N LEU C 333 4.66 39.98 20.39
CA LEU C 333 3.22 40.16 20.30
C LEU C 333 2.53 40.29 21.66
N SER C 334 3.27 40.24 22.76
CA SER C 334 2.66 40.29 24.08
C SER C 334 1.90 41.60 24.29
N GLN C 335 0.82 41.52 25.07
CA GLN C 335 -0.02 42.67 25.38
C GLN C 335 -0.09 42.95 26.87
N VAL C 336 0.77 42.34 27.67
CA VAL C 336 0.70 42.43 29.13
C VAL C 336 1.44 43.67 29.60
N VAL C 337 0.98 44.21 30.73
CA VAL C 337 1.61 45.36 31.38
C VAL C 337 2.72 44.87 32.29
N ILE D 25 -11.02 1.66 28.03
CA ILE D 25 -10.35 2.58 27.10
C ILE D 25 -10.46 4.02 27.61
N LEU D 26 -11.69 4.54 27.69
CA LEU D 26 -11.90 5.89 28.19
C LEU D 26 -11.55 5.96 29.67
N HIS D 27 -11.09 7.14 30.11
CA HIS D 27 -10.58 7.25 31.48
C HIS D 27 -11.69 7.10 32.51
N SER D 28 -12.88 7.63 32.22
CA SER D 28 -14.00 7.50 33.15
C SER D 28 -14.48 6.06 33.29
N LYS D 29 -14.12 5.19 32.36
CA LYS D 29 -14.46 3.78 32.45
C LYS D 29 -13.36 2.95 33.10
N ARG D 30 -12.17 3.51 33.30
CA ARG D 30 -11.09 2.77 33.92
C ARG D 30 -11.35 2.57 35.41
N ALA D 31 -11.10 1.36 35.89
CA ALA D 31 -11.54 0.93 37.20
C ALA D 31 -10.42 0.91 38.24
N ASN D 32 -9.18 1.23 37.87
CA ASN D 32 -8.04 1.03 38.75
C ASN D 32 -7.39 2.37 39.10
N VAL D 33 -7.16 2.57 40.39
CA VAL D 33 -6.30 3.64 40.92
C VAL D 33 -5.32 2.98 41.86
N TYR D 34 -4.03 3.24 41.66
CA TYR D 34 -2.99 2.55 42.38
C TYR D 34 -2.23 3.50 43.30
N TYR D 35 -2.00 3.03 44.52
CA TYR D 35 -1.13 3.70 45.47
C TYR D 35 -0.10 2.67 45.91
N LEU D 36 1.15 2.88 45.52
CA LEU D 36 2.21 1.90 45.71
C LEU D 36 3.31 2.47 46.59
N GLN D 37 3.88 1.60 47.43
CA GLN D 37 5.04 1.94 48.27
C GLN D 37 6.01 0.76 48.29
N HIS D 38 7.28 1.07 48.52
CA HIS D 38 8.33 0.08 48.74
C HIS D 38 8.39 -0.96 47.62
N CYS D 39 8.61 -0.47 46.40
CA CYS D 39 8.70 -1.35 45.24
C CYS D 39 9.34 -0.60 44.09
N ARG D 40 9.88 -1.38 43.15
CA ARG D 40 10.49 -0.85 41.94
C ARG D 40 9.58 -1.12 40.75
N ILE D 41 9.29 -0.08 39.98
CA ILE D 41 8.42 -0.17 38.81
C ILE D 41 9.31 -0.13 37.57
N LEU D 42 9.28 -1.21 36.80
CA LEU D 42 10.11 -1.34 35.62
C LEU D 42 9.31 -2.08 34.55
N VAL D 43 9.97 -2.38 33.44
CA VAL D 43 9.39 -3.16 32.36
C VAL D 43 10.12 -4.49 32.29
N ASN D 44 9.36 -5.58 32.44
CA ASN D 44 9.90 -6.93 32.36
C ASN D 44 9.09 -7.70 31.33
N GLY D 45 9.74 -8.12 30.26
CA GLY D 45 9.02 -8.79 29.19
C GLY D 45 7.93 -7.94 28.56
N GLY D 46 8.22 -6.67 28.28
CA GLY D 46 7.27 -5.76 27.69
C GLY D 46 6.11 -5.36 28.57
N ARG D 47 6.01 -5.90 29.79
CA ARG D 47 4.91 -5.61 30.69
C ARG D 47 5.39 -4.75 31.85
N VAL D 48 4.51 -3.87 32.30
CA VAL D 48 4.81 -3.00 33.43
C VAL D 48 4.49 -3.74 34.73
N GLU D 49 5.48 -3.85 35.60
CA GLU D 49 5.34 -4.57 36.86
C GLU D 49 6.03 -3.76 37.96
N TYR D 50 5.51 -3.89 39.17
CA TYR D 50 6.17 -3.36 40.35
C TYR D 50 6.70 -4.51 41.18
N VAL D 51 7.96 -4.42 41.59
CA VAL D 51 8.69 -5.52 42.22
C VAL D 51 8.89 -5.18 43.68
N THR D 52 8.32 -5.99 44.57
CA THR D 52 8.59 -5.90 45.99
C THR D 52 9.61 -6.96 46.39
N GLU D 53 10.39 -6.66 47.44
CA GLU D 53 11.39 -7.61 47.93
C GLU D 53 11.13 -7.97 49.39
N ASN D 56 14.43 -11.63 50.92
CA ASN D 56 15.56 -11.69 50.00
C ASN D 56 15.11 -12.23 48.64
N GLN D 57 13.80 -12.35 48.49
CA GLN D 57 13.18 -12.84 47.26
C GLN D 57 12.37 -11.73 46.62
N SER D 58 12.50 -11.60 45.30
CA SER D 58 11.75 -10.60 44.54
C SER D 58 10.42 -11.18 44.07
N LEU D 59 9.39 -10.34 44.08
CA LEU D 59 8.04 -10.73 43.66
C LEU D 59 7.53 -9.73 42.64
N TYR D 60 7.05 -10.23 41.51
CA TYR D 60 6.61 -9.39 40.40
C TYR D 60 5.09 -9.32 40.36
N TRP D 61 4.55 -8.10 40.30
CA TRP D 61 3.12 -7.86 40.31
C TRP D 61 2.76 -7.01 39.10
N ASN D 62 1.90 -7.52 38.24
CA ASN D 62 1.56 -6.83 37.00
C ASN D 62 0.67 -5.62 37.29
N ILE D 63 0.87 -4.56 36.52
CA ILE D 63 0.03 -3.37 36.53
C ILE D 63 -0.71 -3.31 35.20
N PRO D 64 -2.05 -3.42 35.20
CA PRO D 64 -2.79 -3.31 33.94
C PRO D 64 -3.01 -1.85 33.56
N ILE D 65 -2.11 -1.31 32.74
CA ILE D 65 -2.12 0.13 32.48
C ILE D 65 -3.29 0.53 31.60
N ALA D 66 -3.81 -0.39 30.78
CA ALA D 66 -4.95 -0.05 29.94
C ALA D 66 -6.21 0.17 30.77
N ASN D 67 -6.30 -0.47 31.93
CA ASN D 67 -7.45 -0.37 32.82
C ASN D 67 -7.15 0.50 34.05
N THR D 68 -6.08 1.29 34.00
CA THR D 68 -5.64 2.11 35.11
C THR D 68 -5.62 3.57 34.70
N SER D 69 -6.14 4.44 35.56
CA SER D 69 -6.19 5.86 35.28
C SER D 69 -5.05 6.65 35.94
N VAL D 70 -4.64 6.26 37.15
CA VAL D 70 -3.60 7.00 37.87
C VAL D 70 -2.88 6.03 38.82
N VAL D 71 -1.56 6.20 38.92
CA VAL D 71 -0.73 5.44 39.85
C VAL D 71 -0.01 6.42 40.77
N MET D 72 -0.20 6.26 42.07
CA MET D 72 0.45 7.09 43.08
C MET D 72 1.65 6.34 43.65
N LEU D 73 2.79 7.02 43.70
CA LEU D 73 4.05 6.44 44.16
C LEU D 73 4.47 7.12 45.45
N GLY D 74 4.55 6.35 46.52
CA GLY D 74 4.91 6.83 47.85
C GLY D 74 6.34 6.52 48.22
N THR D 75 6.56 6.27 49.52
CA THR D 75 7.89 6.06 50.04
C THR D 75 8.51 4.80 49.46
N GLY D 76 9.80 4.88 49.15
CA GLY D 76 10.54 3.71 48.72
C GLY D 76 10.20 3.21 47.34
N THR D 77 9.73 4.09 46.46
CA THR D 77 9.38 3.70 45.10
C THR D 77 10.41 4.25 44.12
N SER D 78 10.51 3.57 42.99
CA SER D 78 11.33 4.02 41.87
C SER D 78 10.62 3.61 40.59
N VAL D 79 10.93 4.31 39.51
CA VAL D 79 10.34 4.03 38.20
C VAL D 79 11.43 4.17 37.15
N THR D 80 11.36 3.32 36.12
CA THR D 80 12.31 3.38 35.02
C THR D 80 11.73 4.19 33.86
N GLN D 81 12.61 4.62 32.96
CA GLN D 81 12.15 5.35 31.79
C GLN D 81 11.30 4.47 30.88
N ALA D 82 11.62 3.19 30.77
CA ALA D 82 10.80 2.29 29.96
C ALA D 82 9.39 2.17 30.51
N ALA D 83 9.25 2.17 31.85
CA ALA D 83 7.92 2.14 32.44
C ALA D 83 7.17 3.45 32.23
N MET D 84 7.86 4.59 32.36
CA MET D 84 7.23 5.88 32.11
C MET D 84 6.79 6.01 30.65
N ARG D 85 7.49 5.32 29.75
CA ARG D 85 7.07 5.30 28.35
C ARG D 85 5.76 4.57 28.18
N GLU D 86 5.59 3.43 28.85
CA GLU D 86 4.34 2.69 28.75
C GLU D 86 3.20 3.43 29.45
N PHE D 87 3.48 4.07 30.58
CA PHE D 87 2.46 4.86 31.26
C PHE D 87 1.91 5.94 30.35
N ALA D 88 2.80 6.68 29.67
CA ALA D 88 2.37 7.79 28.83
C ALA D 88 1.57 7.33 27.62
N ARG D 89 2.01 6.26 26.96
CA ARG D 89 1.26 5.79 25.79
C ARG D 89 -0.12 5.31 26.18
N ALA D 90 -0.28 4.78 27.39
CA ALA D 90 -1.57 4.34 27.89
C ALA D 90 -2.34 5.46 28.59
N GLY D 91 -1.78 6.66 28.66
CA GLY D 91 -2.45 7.78 29.29
C GLY D 91 -2.60 7.66 30.80
N VAL D 92 -1.66 7.01 31.46
CA VAL D 92 -1.74 6.81 32.90
C VAL D 92 -1.01 7.96 33.61
N MET D 93 -1.72 8.67 34.47
CA MET D 93 -1.12 9.75 35.25
C MET D 93 -0.24 9.15 36.35
N ILE D 94 0.97 9.69 36.49
CA ILE D 94 1.92 9.23 37.49
C ILE D 94 2.21 10.37 38.45
N GLY D 95 2.10 10.10 39.74
CA GLY D 95 2.41 11.11 40.74
C GLY D 95 3.25 10.57 41.88
N PHE D 96 4.26 11.33 42.29
CA PHE D 96 5.08 10.99 43.45
C PHE D 96 4.59 11.78 44.65
N CYS D 97 4.15 11.07 45.69
CA CYS D 97 3.70 11.69 46.93
C CYS D 97 4.58 11.22 48.09
N GLY D 98 4.42 11.89 49.23
CA GLY D 98 5.26 11.62 50.39
C GLY D 98 5.04 10.25 51.01
N GLY D 99 3.82 9.72 50.92
CA GLY D 99 3.52 8.44 51.54
C GLY D 99 2.88 8.62 52.90
N GLY D 100 1.83 7.83 53.18
CA GLY D 100 1.18 7.91 54.47
C GLY D 100 0.44 9.21 54.72
N GLY D 101 -0.06 9.86 53.68
CA GLY D 101 -0.76 11.12 53.85
C GLY D 101 0.15 12.33 53.94
N THR D 102 1.42 12.16 53.73
CA THR D 102 2.37 13.26 53.82
C THR D 102 2.68 13.81 52.43
N PRO D 103 3.04 15.09 52.34
CA PRO D 103 3.46 15.64 51.05
C PRO D 103 4.82 15.09 50.64
N LEU D 104 5.06 15.15 49.32
CA LEU D 104 6.34 14.69 48.79
C LEU D 104 7.49 15.47 49.39
N PHE D 105 7.39 16.80 49.38
CA PHE D 105 8.37 17.69 49.99
C PHE D 105 7.64 18.68 50.90
N ALA D 106 8.11 18.76 52.16
CA ALA D 106 7.51 19.64 53.16
C ALA D 106 8.60 20.48 53.80
N ALA D 107 8.30 21.76 54.02
CA ALA D 107 9.22 22.68 54.69
C ALA D 107 8.42 23.53 55.66
N ASN D 108 9.04 24.63 56.13
CA ASN D 108 8.35 25.53 57.05
C ASN D 108 7.16 26.21 56.37
N GLU D 109 7.43 26.92 55.27
CA GLU D 109 6.36 27.51 54.46
C GLU D 109 6.24 26.84 53.10
N ALA D 110 7.28 26.18 52.62
CA ALA D 110 7.26 25.54 51.31
C ALA D 110 6.70 24.12 51.42
N GLU D 111 6.05 23.69 50.33
CA GLU D 111 5.44 22.36 50.31
C GLU D 111 5.09 21.98 48.89
N VAL D 112 5.41 20.74 48.51
CA VAL D 112 5.01 20.16 47.24
C VAL D 112 4.28 18.86 47.56
N ALA D 113 2.97 18.84 47.33
CA ALA D 113 2.15 17.68 47.68
C ALA D 113 2.47 16.49 46.77
N VAL D 114 2.35 16.69 45.46
CA VAL D 114 2.59 15.64 44.48
C VAL D 114 3.42 16.22 43.34
N SER D 115 4.42 15.47 42.90
CA SER D 115 5.12 15.76 41.66
C SER D 115 4.42 14.97 40.56
N TRP D 116 3.72 15.68 39.67
CA TRP D 116 2.94 15.03 38.62
C TRP D 116 3.77 14.82 37.37
N LEU D 117 3.73 13.62 36.82
CA LEU D 117 4.37 13.30 35.54
C LEU D 117 3.26 13.09 34.51
N SER D 118 2.83 14.18 33.90
CA SER D 118 1.71 14.13 32.97
C SER D 118 2.16 13.59 31.61
N PRO D 119 1.41 12.66 31.02
CA PRO D 119 1.74 12.21 29.66
C PRO D 119 1.70 13.37 28.69
N GLN D 120 2.70 13.42 27.80
CA GLN D 120 2.86 14.49 26.83
C GLN D 120 2.68 14.04 25.40
N SER D 121 2.45 12.73 25.17
CA SER D 121 2.42 12.19 23.82
C SER D 121 1.02 12.05 23.23
N GLU D 122 0.01 11.81 24.06
CA GLU D 122 -1.37 11.68 23.59
C GLU D 122 -2.04 13.05 23.61
N TYR D 123 -2.25 13.62 22.43
CA TYR D 123 -2.73 15.00 22.34
C TYR D 123 -4.18 15.08 22.81
N ARG D 124 -4.44 16.04 23.69
CA ARG D 124 -5.73 16.25 24.33
C ARG D 124 -6.57 17.22 23.52
N PRO D 125 -7.88 17.25 23.75
CA PRO D 125 -8.72 18.23 23.05
C PRO D 125 -8.30 19.65 23.38
N THR D 126 -8.71 20.59 22.52
CA THR D 126 -8.28 21.97 22.64
C THR D 126 -9.37 22.90 23.15
N GLU D 127 -10.64 22.51 23.04
CA GLU D 127 -11.73 23.45 23.27
C GLU D 127 -11.81 23.90 24.72
N TYR D 128 -11.62 22.97 25.66
CA TYR D 128 -11.75 23.34 27.07
C TYR D 128 -10.58 24.22 27.51
N LEU D 129 -9.38 23.94 27.00
CA LEU D 129 -8.23 24.77 27.30
C LEU D 129 -8.43 26.19 26.81
N GLN D 130 -8.92 26.34 25.58
CA GLN D 130 -9.18 27.68 25.04
C GLN D 130 -10.27 28.38 25.83
N ASP D 131 -11.30 27.65 26.23
CA ASP D 131 -12.33 28.23 27.09
C ASP D 131 -11.74 28.68 28.42
N TRP D 132 -10.87 27.85 29.01
CA TRP D 132 -10.34 28.16 30.33
C TRP D 132 -9.45 29.40 30.30
N VAL D 133 -8.48 29.44 29.38
CA VAL D 133 -7.57 30.58 29.31
C VAL D 133 -8.25 31.85 28.82
N SER D 134 -9.46 31.75 28.26
CA SER D 134 -10.16 32.94 27.81
C SER D 134 -10.69 33.79 28.96
N PHE D 135 -10.84 33.19 30.16
CA PHE D 135 -11.33 33.91 31.32
C PHE D 135 -10.41 33.83 32.52
N TRP D 136 -9.44 32.93 32.53
CA TRP D 136 -8.70 32.66 33.77
C TRP D 136 -7.91 33.87 34.25
N PHE D 137 -7.50 34.75 33.35
CA PHE D 137 -6.73 35.92 33.76
C PHE D 137 -7.60 37.08 34.22
N ASP D 138 -8.92 36.95 34.14
CA ASP D 138 -9.84 37.94 34.69
C ASP D 138 -10.12 37.58 36.15
N ASP D 139 -9.86 38.54 37.06
CA ASP D 139 -10.03 38.27 38.48
C ASP D 139 -11.49 37.94 38.81
N GLU D 140 -12.43 38.65 38.19
CA GLU D 140 -13.84 38.38 38.48
C GLU D 140 -14.26 37.00 37.97
N LYS D 141 -13.82 36.65 36.75
CA LYS D 141 -14.18 35.36 36.19
C LYS D 141 -13.53 34.21 36.95
N ARG D 142 -12.33 34.41 37.49
CA ARG D 142 -11.71 33.36 38.29
C ARG D 142 -12.48 33.14 39.59
N LEU D 143 -12.99 34.23 40.18
CA LEU D 143 -13.81 34.10 41.38
C LEU D 143 -15.11 33.35 41.09
N ALA D 144 -15.71 33.60 39.93
CA ALA D 144 -16.95 32.90 39.58
C ALA D 144 -16.72 31.40 39.43
N ALA D 145 -15.56 31.00 38.90
CA ALA D 145 -15.26 29.58 38.77
C ALA D 145 -15.12 28.93 40.13
N ALA D 146 -14.42 29.61 41.05
CA ALA D 146 -14.26 29.07 42.40
C ALA D 146 -15.61 28.92 43.09
N ILE D 147 -16.48 29.93 42.95
CA ILE D 147 -17.81 29.84 43.52
C ILE D 147 -18.59 28.69 42.89
N ALA D 148 -18.52 28.57 41.56
CA ALA D 148 -19.20 27.47 40.88
C ALA D 148 -18.68 26.12 41.34
N PHE D 149 -17.40 26.03 41.68
CA PHE D 149 -16.87 24.78 42.22
C PHE D 149 -17.48 24.47 43.59
N GLN D 150 -17.53 25.46 44.47
CA GLN D 150 -18.08 25.23 45.80
C GLN D 150 -19.56 24.90 45.73
N GLN D 151 -20.27 25.44 44.74
CA GLN D 151 -21.67 25.09 44.58
C GLN D 151 -21.83 23.64 44.13
N VAL D 152 -20.94 23.18 43.24
CA VAL D 152 -20.92 21.76 42.90
C VAL D 152 -20.58 20.94 44.14
N ARG D 153 -19.65 21.45 44.94
CA ARG D 153 -19.28 20.78 46.18
C ARG D 153 -20.47 20.63 47.11
N ILE D 154 -21.27 21.70 47.25
CA ILE D 154 -22.48 21.63 48.07
C ILE D 154 -23.43 20.56 47.53
N THR D 155 -23.64 20.54 46.20
CA THR D 155 -24.55 19.58 45.59
C THR D 155 -24.09 18.15 45.82
N GLN D 156 -22.78 17.89 45.66
CA GLN D 156 -22.26 16.54 45.82
C GLN D 156 -22.37 16.06 47.26
N ILE D 157 -22.10 16.93 48.23
CA ILE D 157 -22.21 16.56 49.63
C ILE D 157 -23.66 16.24 49.97
N ARG D 158 -24.56 17.14 49.58
CA ARG D 158 -25.99 16.95 49.85
C ARG D 158 -26.47 15.61 49.30
N GLN D 159 -26.01 15.24 48.10
CA GLN D 159 -26.51 14.04 47.44
C GLN D 159 -25.95 12.77 48.08
N HIS D 160 -24.63 12.71 48.25
CA HIS D 160 -24.02 11.45 48.65
C HIS D 160 -24.06 11.21 50.15
N TRP D 161 -24.18 12.26 50.96
CA TRP D 161 -24.39 12.06 52.39
C TRP D 161 -25.80 11.56 52.70
N LEU D 162 -26.76 11.77 51.79
CA LEU D 162 -28.13 11.33 51.98
C LEU D 162 -28.55 10.24 50.99
N GLY D 163 -27.64 9.77 50.15
CA GLY D 163 -27.97 8.78 49.14
C GLY D 163 -28.16 7.40 49.73
N SER D 164 -28.39 6.44 48.83
CA SER D 164 -28.65 5.08 49.26
C SER D 164 -27.37 4.38 49.72
N ARG D 165 -26.24 4.66 49.08
CA ARG D 165 -25.01 3.97 49.40
C ARG D 165 -24.57 4.26 50.84
N LEU D 166 -24.62 5.53 51.25
CA LEU D 166 -24.23 5.89 52.61
C LEU D 166 -25.28 5.55 53.64
N SER D 167 -26.56 5.47 53.25
CA SER D 167 -27.60 5.06 54.19
C SER D 167 -27.44 3.60 54.61
N ARG D 168 -26.80 2.78 53.78
CA ARG D 168 -26.52 1.40 54.15
C ARG D 168 -25.52 1.30 55.30
N GLU D 169 -24.76 2.36 55.55
CA GLU D 169 -23.80 2.40 56.66
C GLU D 169 -24.55 2.83 57.93
N SER D 170 -24.86 1.86 58.79
CA SER D 170 -25.55 2.18 60.05
C SER D 170 -24.64 2.88 61.05
N ARG D 171 -23.31 2.81 60.87
CA ARG D 171 -22.40 3.49 61.77
C ARG D 171 -22.42 5.00 61.59
N PHE D 172 -22.90 5.49 60.45
CA PHE D 172 -22.92 6.92 60.13
C PHE D 172 -24.38 7.37 60.21
N THR D 173 -24.77 7.91 61.36
CA THR D 173 -26.14 8.34 61.62
C THR D 173 -26.12 9.80 62.05
N PHE D 174 -26.88 10.64 61.35
CA PHE D 174 -26.92 12.06 61.67
C PHE D 174 -28.29 12.60 61.30
N LYS D 175 -28.61 13.78 61.85
CA LYS D 175 -29.87 14.45 61.57
C LYS D 175 -29.76 15.22 60.26
N SER D 176 -30.60 14.87 59.29
CA SER D 176 -30.52 15.49 57.97
C SER D 176 -30.75 17.00 58.03
N GLU D 177 -31.55 17.47 58.99
CA GLU D 177 -31.80 18.90 59.10
C GLU D 177 -30.52 19.66 59.44
N HIS D 178 -29.62 19.03 60.20
CA HIS D 178 -28.36 19.66 60.53
C HIS D 178 -27.49 19.87 59.29
N LEU D 179 -27.38 18.84 58.46
CA LEU D 179 -26.62 18.96 57.22
C LEU D 179 -27.26 19.98 56.28
N GLN D 180 -28.61 19.97 56.20
CA GLN D 180 -29.30 20.88 55.32
C GLN D 180 -29.06 22.34 55.72
N ALA D 181 -29.20 22.64 57.02
CA ALA D 181 -28.92 23.99 57.50
C ALA D 181 -27.47 24.36 57.27
N LEU D 182 -26.56 23.39 57.38
CA LEU D 182 -25.15 23.63 57.15
C LEU D 182 -24.87 24.01 55.70
N LEU D 183 -25.38 23.20 54.76
CA LEU D 183 -25.17 23.47 53.34
C LEU D 183 -25.89 24.74 52.91
N ASP D 184 -27.08 24.99 53.45
CA ASP D 184 -27.81 26.19 53.09
C ASP D 184 -27.13 27.44 53.62
N ARG D 185 -26.52 27.37 54.80
CA ARG D 185 -25.81 28.52 55.34
C ARG D 185 -24.57 28.82 54.48
N TYR D 186 -23.87 27.79 54.04
CA TYR D 186 -22.72 28.01 53.16
C TYR D 186 -23.16 28.52 51.80
N GLN D 187 -24.29 28.02 51.28
CA GLN D 187 -24.78 28.49 50.00
C GLN D 187 -25.11 29.98 50.03
N LYS D 188 -25.73 30.45 51.11
CA LYS D 188 -26.06 31.86 51.22
C LYS D 188 -24.82 32.71 51.42
N GLY D 189 -23.82 32.20 52.13
CA GLY D 189 -22.59 32.96 52.32
C GLY D 189 -21.82 33.17 51.03
N LEU D 190 -21.89 32.21 50.11
CA LEU D 190 -21.16 32.31 48.85
C LEU D 190 -21.66 33.46 47.99
N THR D 191 -22.96 33.75 48.02
CA THR D 191 -23.48 34.87 47.24
C THR D 191 -22.96 36.20 47.75
N ASP D 192 -22.69 36.31 49.05
CA ASP D 192 -22.18 37.55 49.62
C ASP D 192 -20.69 37.76 49.36
N CYS D 193 -19.96 36.73 48.93
CA CYS D 193 -18.53 36.85 48.74
C CYS D 193 -18.20 37.76 47.56
N ARG D 194 -17.15 38.56 47.72
CA ARG D 194 -16.68 39.44 46.65
C ARG D 194 -15.21 39.25 46.30
N THR D 195 -14.43 38.53 47.11
CA THR D 195 -13.04 38.25 46.80
C THR D 195 -12.78 36.76 46.98
N SER D 196 -11.62 36.31 46.48
CA SER D 196 -11.25 34.92 46.67
C SER D 196 -10.96 34.61 48.14
N ASN D 197 -10.50 35.60 48.90
CA ASN D 197 -10.27 35.39 50.32
C ASN D 197 -11.58 35.21 51.08
N ASP D 198 -12.63 35.94 50.67
CA ASP D 198 -13.95 35.76 51.29
C ASP D 198 -14.44 34.32 51.13
N VAL D 199 -14.18 33.71 49.97
CA VAL D 199 -14.61 32.33 49.78
C VAL D 199 -13.81 31.40 50.70
N LEU D 200 -12.53 31.66 50.86
CA LEU D 200 -11.71 30.84 51.76
C LEU D 200 -12.22 30.91 53.20
N VAL D 201 -12.71 32.08 53.61
CA VAL D 201 -13.24 32.24 54.95
C VAL D 201 -14.53 31.44 55.13
N GLN D 202 -15.43 31.51 54.14
CA GLN D 202 -16.68 30.77 54.22
C GLN D 202 -16.45 29.26 54.14
N GLU D 203 -15.45 28.84 53.34
CA GLU D 203 -15.13 27.43 53.25
C GLU D 203 -14.66 26.88 54.59
N ALA D 204 -13.89 27.68 55.34
CA ALA D 204 -13.41 27.25 56.64
C ALA D 204 -14.55 27.04 57.62
N MET D 205 -15.49 28.00 57.67
CA MET D 205 -16.64 27.86 58.57
C MET D 205 -17.48 26.64 58.20
N MET D 206 -17.73 26.44 56.91
CA MET D 206 -18.53 25.29 56.48
C MET D 206 -17.81 23.99 56.80
N THR D 207 -16.51 23.92 56.48
CA THR D 207 -15.77 22.67 56.68
C THR D 207 -15.60 22.36 58.16
N LYS D 208 -15.50 23.39 59.01
CA LYS D 208 -15.44 23.15 60.45
C LYS D 208 -16.72 22.50 60.95
N ALA D 209 -17.87 23.06 60.55
CA ALA D 209 -19.14 22.47 60.95
C ALA D 209 -19.36 21.11 60.32
N LEU D 210 -18.84 20.91 59.10
CA LEU D 210 -19.00 19.61 58.44
C LEU D 210 -18.12 18.55 59.11
N TYR D 211 -16.92 18.94 59.55
CA TYR D 211 -16.08 18.00 60.29
C TYR D 211 -16.72 17.61 61.61
N ARG D 212 -17.27 18.59 62.35
CA ARG D 212 -17.92 18.29 63.61
C ARG D 212 -19.15 17.40 63.38
N LEU D 213 -19.90 17.67 62.31
CA LEU D 213 -21.07 16.86 62.01
C LEU D 213 -20.69 15.43 61.68
N ALA D 214 -19.60 15.24 60.93
CA ALA D 214 -19.17 13.88 60.60
C ALA D 214 -18.66 13.16 61.84
N ALA D 215 -17.98 13.89 62.73
CA ALA D 215 -17.49 13.30 63.97
C ALA D 215 -18.66 12.83 64.83
N ASN D 216 -19.67 13.70 65.00
CA ASN D 216 -20.83 13.31 65.80
C ASN D 216 -21.60 12.16 65.16
N ALA D 217 -21.55 12.05 63.83
CA ALA D 217 -22.30 11.00 63.14
C ALA D 217 -21.82 9.60 63.51
N VAL D 218 -20.57 9.46 63.93
CA VAL D 218 -20.01 8.17 64.29
C VAL D 218 -19.68 8.07 65.78
N SER D 219 -20.08 9.06 66.57
CA SER D 219 -19.77 9.12 68.00
C SER D 219 -18.26 9.10 68.22
N TYR D 220 -17.57 9.92 67.43
CA TYR D 220 -16.11 9.98 67.50
C TYR D 220 -15.64 10.74 68.74
N GLY D 221 -16.42 11.70 69.21
CA GLY D 221 -16.00 12.52 70.31
C GLY D 221 -15.36 13.82 69.86
N ASP D 222 -14.37 14.29 70.61
CA ASP D 222 -13.68 15.52 70.24
C ASP D 222 -12.82 15.28 69.01
N PHE D 223 -12.82 16.25 68.09
CA PHE D 223 -12.04 16.15 66.88
C PHE D 223 -11.57 17.54 66.47
N THR D 224 -10.30 17.65 66.10
CA THR D 224 -9.74 18.88 65.53
C THR D 224 -8.91 18.50 64.33
N ARG D 225 -9.16 19.16 63.21
CA ARG D 225 -8.45 18.84 61.97
C ARG D 225 -6.98 19.22 62.07
N ALA D 226 -6.10 18.28 61.73
CA ALA D 226 -4.67 18.52 61.84
C ALA D 226 -4.23 19.69 60.96
N LYS D 227 -4.73 19.74 59.72
CA LYS D 227 -4.45 20.83 58.77
C LYS D 227 -2.97 20.93 58.42
N ARG D 228 -2.11 20.16 59.09
CA ARG D 228 -0.69 20.14 58.82
C ARG D 228 -0.16 18.73 58.59
N GLY D 229 -1.01 17.70 58.67
CA GLY D 229 -0.60 16.33 58.47
C GLY D 229 0.00 15.65 59.68
N GLY D 230 0.21 16.37 60.77
CA GLY D 230 0.78 15.78 61.96
C GLY D 230 -0.27 15.38 62.99
N GLY D 231 -1.29 14.66 62.54
CA GLY D 231 -2.34 14.17 63.41
C GLY D 231 -2.09 12.71 63.78
N THR D 232 -2.32 12.39 65.04
CA THR D 232 -2.06 11.04 65.54
C THR D 232 -3.29 10.14 65.51
N ASP D 233 -4.48 10.72 65.63
CA ASP D 233 -5.70 9.93 65.62
C ASP D 233 -6.02 9.42 64.21
N LEU D 234 -6.79 8.32 64.16
CA LEU D 234 -7.07 7.66 62.89
C LEU D 234 -7.88 8.55 61.94
N ALA D 235 -8.73 9.43 62.47
CA ALA D 235 -9.54 10.27 61.61
C ALA D 235 -8.67 11.21 60.78
N ASN D 236 -7.74 11.92 61.45
CA ASN D 236 -6.86 12.84 60.72
C ASN D 236 -5.94 12.08 59.77
N ARG D 237 -5.47 10.90 60.17
CA ARG D 237 -4.58 10.13 59.31
C ARG D 237 -5.29 9.68 58.04
N PHE D 238 -6.53 9.19 58.15
CA PHE D 238 -7.26 8.75 56.97
C PHE D 238 -7.68 9.91 56.08
N LEU D 239 -8.04 11.05 56.67
CA LEU D 239 -8.37 12.21 55.87
C LEU D 239 -7.17 12.65 55.03
N ASP D 240 -5.95 12.52 55.58
CA ASP D 240 -4.76 12.86 54.83
C ASP D 240 -4.54 11.90 53.66
N HIS D 241 -4.69 10.60 53.90
CA HIS D 241 -4.50 9.62 52.82
C HIS D 241 -5.60 9.72 51.78
N GLY D 242 -6.84 9.98 52.21
CA GLY D 242 -7.93 10.09 51.27
C GLY D 242 -7.79 11.27 50.33
N ASN D 243 -7.13 12.33 50.78
CA ASN D 243 -6.92 13.48 49.90
C ASN D 243 -6.00 13.13 48.73
N TYR D 244 -4.95 12.36 48.99
CA TYR D 244 -4.03 12.01 47.91
C TYR D 244 -4.67 11.04 46.94
N LEU D 245 -5.61 10.22 47.41
CA LEU D 245 -6.42 9.44 46.48
C LEU D 245 -7.29 10.35 45.63
N ALA D 246 -7.90 11.37 46.25
CA ALA D 246 -8.70 12.33 45.51
C ALA D 246 -7.85 13.19 44.58
N TYR D 247 -6.62 13.52 45.01
CA TYR D 247 -5.74 14.31 44.15
C TYR D 247 -5.41 13.56 42.86
N GLY D 248 -5.13 12.27 42.96
CA GLY D 248 -4.80 11.50 41.77
C GLY D 248 -5.94 11.45 40.77
N LEU D 249 -7.17 11.36 41.26
CA LEU D 249 -8.33 11.38 40.38
C LEU D 249 -8.53 12.77 39.77
N ALA D 250 -8.26 13.81 40.55
CA ALA D 250 -8.36 15.16 40.01
C ALA D 250 -7.30 15.41 38.95
N ALA D 251 -6.10 14.83 39.13
CA ALA D 251 -5.06 14.99 38.13
C ALA D 251 -5.46 14.36 36.80
N VAL D 252 -6.20 13.25 36.84
CA VAL D 252 -6.69 12.63 35.61
C VAL D 252 -7.74 13.52 34.95
N SER D 253 -8.61 14.14 35.74
CA SER D 253 -9.69 14.95 35.17
C SER D 253 -9.13 16.16 34.41
N THR D 254 -8.19 16.88 35.02
CA THR D 254 -7.63 18.04 34.36
C THR D 254 -6.83 17.65 33.12
N TRP D 255 -6.16 16.51 33.16
CA TRP D 255 -5.37 16.07 32.02
C TRP D 255 -6.25 15.69 30.84
N VAL D 256 -7.30 14.90 31.09
CA VAL D 256 -8.20 14.47 30.02
C VAL D 256 -8.73 15.67 29.25
N LEU D 257 -9.08 16.74 29.95
CA LEU D 257 -9.58 17.96 29.32
C LEU D 257 -8.49 18.93 28.90
N GLY D 258 -7.22 18.50 28.96
CA GLY D 258 -6.12 19.37 28.53
C GLY D 258 -5.97 20.63 29.36
N LEU D 259 -6.35 20.59 30.63
CA LEU D 259 -6.25 21.74 31.50
C LEU D 259 -4.96 21.64 32.31
N PRO D 260 -4.06 22.60 32.21
CA PRO D 260 -2.82 22.53 33.01
C PRO D 260 -3.08 22.75 34.48
N HIS D 261 -2.36 21.99 35.31
CA HIS D 261 -2.62 21.98 36.75
C HIS D 261 -2.45 23.36 37.39
N GLY D 262 -1.69 24.27 36.78
CA GLY D 262 -1.43 25.55 37.38
C GLY D 262 -2.50 26.62 37.23
N LEU D 263 -3.57 26.33 36.50
CA LEU D 263 -4.62 27.32 36.27
C LEU D 263 -5.74 27.09 37.30
N ALA D 264 -5.38 27.33 38.55
CA ALA D 264 -6.30 27.11 39.65
C ALA D 264 -7.27 28.28 39.79
N VAL D 265 -8.33 28.07 40.58
CA VAL D 265 -9.35 29.09 40.74
C VAL D 265 -9.49 29.51 42.20
N LEU D 266 -9.15 28.62 43.13
CA LEU D 266 -9.32 28.95 44.54
C LEU D 266 -8.08 28.65 45.36
N HIS D 267 -7.58 27.42 45.32
CA HIS D 267 -6.42 27.06 46.12
C HIS D 267 -5.11 27.26 45.36
N GLY D 268 -5.15 27.99 44.25
CA GLY D 268 -3.92 28.43 43.64
C GLY D 268 -3.33 29.57 44.42
N LYS D 269 -2.05 29.86 44.15
CA LYS D 269 -1.29 30.90 44.86
C LYS D 269 -0.88 30.47 46.25
N THR D 270 -1.49 29.41 46.78
CA THR D 270 -1.06 28.87 48.07
C THR D 270 -0.29 27.58 47.93
N ARG D 271 -0.62 26.75 46.95
CA ARG D 271 0.04 25.49 46.71
C ARG D 271 0.32 25.35 45.21
N ARG D 272 1.32 24.51 44.90
CA ARG D 272 1.68 24.22 43.50
C ARG D 272 0.79 23.13 42.93
N GLY D 273 0.38 23.31 41.68
CA GLY D 273 -0.57 22.40 41.07
C GLY D 273 -1.97 22.63 41.59
N GLY D 274 -2.37 23.90 41.74
CA GLY D 274 -3.57 24.23 42.51
C GLY D 274 -4.84 23.64 41.95
N LEU D 275 -4.99 23.64 40.61
CA LEU D 275 -6.24 23.16 40.02
C LEU D 275 -6.53 21.72 40.42
N VAL D 276 -5.50 20.92 40.69
CA VAL D 276 -5.71 19.57 41.19
C VAL D 276 -6.40 19.62 42.55
N PHE D 277 -6.01 20.56 43.40
CA PHE D 277 -6.63 20.67 44.71
C PHE D 277 -8.06 21.20 44.61
N ASP D 278 -8.29 22.19 43.76
CA ASP D 278 -9.64 22.72 43.59
C ASP D 278 -10.60 21.66 43.07
N VAL D 279 -10.18 20.87 42.09
CA VAL D 279 -11.04 19.83 41.53
C VAL D 279 -11.27 18.71 42.54
N ALA D 280 -10.28 18.44 43.40
CA ALA D 280 -10.46 17.43 44.43
C ALA D 280 -11.52 17.86 45.44
N ASP D 281 -11.66 19.16 45.70
CA ASP D 281 -12.67 19.65 46.62
C ASP D 281 -14.09 19.31 46.18
N LEU D 282 -14.28 18.98 44.90
CA LEU D 282 -15.63 18.69 44.42
C LEU D 282 -16.21 17.41 45.02
N ILE D 283 -15.37 16.43 45.33
CA ILE D 283 -15.89 15.13 45.75
C ILE D 283 -15.25 14.57 47.01
N LYS D 284 -14.19 15.21 47.52
CA LYS D 284 -13.48 14.63 48.65
C LYS D 284 -14.30 14.69 49.93
N ASP D 285 -14.87 15.87 50.24
CA ASP D 285 -15.71 15.97 51.43
C ASP D 285 -17.01 15.19 51.26
N ALA D 286 -17.46 15.01 50.02
CA ALA D 286 -18.70 14.27 49.78
C ALA D 286 -18.50 12.77 49.85
N LEU D 287 -17.30 12.28 49.52
CA LEU D 287 -17.04 10.85 49.45
C LEU D 287 -16.00 10.37 50.45
N VAL D 288 -14.88 11.08 50.60
CA VAL D 288 -13.81 10.62 51.48
C VAL D 288 -14.15 10.88 52.95
N LEU D 289 -14.69 12.07 53.25
CA LEU D 289 -14.91 12.46 54.64
C LEU D 289 -15.78 11.47 55.42
N PRO D 290 -16.94 11.01 54.91
CA PRO D 290 -17.68 10.00 55.69
C PRO D 290 -16.93 8.69 55.85
N GLN D 291 -16.20 8.26 54.81
CA GLN D 291 -15.48 7.00 54.90
C GLN D 291 -14.33 7.05 55.90
N ALA D 292 -13.78 8.25 56.14
CA ALA D 292 -12.66 8.37 57.08
C ALA D 292 -13.11 8.09 58.51
N PHE D 293 -14.20 8.73 58.95
CA PHE D 293 -14.65 8.54 60.32
C PHE D 293 -15.23 7.15 60.54
N ILE D 294 -15.87 6.57 59.52
CA ILE D 294 -16.37 5.21 59.65
C ILE D 294 -15.20 4.25 59.86
N ALA D 295 -14.18 4.32 59.00
CA ALA D 295 -13.04 3.43 59.11
C ALA D 295 -12.29 3.62 60.42
N ALA D 296 -12.26 4.84 60.95
CA ALA D 296 -11.60 5.09 62.23
C ALA D 296 -12.29 4.33 63.36
N MET D 297 -13.63 4.43 63.42
CA MET D 297 -14.37 3.78 64.50
C MET D 297 -14.43 2.26 64.35
N GLU D 298 -14.10 1.73 63.18
CA GLU D 298 -14.05 0.28 62.98
C GLU D 298 -12.65 -0.28 63.19
N GLY D 299 -11.66 0.57 63.50
CA GLY D 299 -10.31 0.10 63.75
C GLY D 299 -9.65 -0.56 62.56
N GLU D 300 -9.81 0.01 61.37
CA GLU D 300 -9.24 -0.52 60.14
C GLU D 300 -7.90 0.15 59.85
N ASP D 301 -7.13 -0.47 58.95
CA ASP D 301 -5.83 0.08 58.55
C ASP D 301 -6.00 0.95 57.30
N GLU D 302 -4.90 1.18 56.57
CA GLU D 302 -4.94 2.04 55.40
C GLU D 302 -5.46 1.30 54.17
N GLN D 303 -5.05 0.05 53.99
CA GLN D 303 -5.52 -0.72 52.84
C GLN D 303 -7.03 -0.93 52.88
N GLU D 304 -7.64 -0.88 54.07
CA GLU D 304 -9.08 -1.03 54.18
C GLU D 304 -9.79 0.30 53.96
N PHE D 305 -9.21 1.40 54.45
CA PHE D 305 -9.78 2.72 54.18
C PHE D 305 -9.57 3.12 52.72
N ARG D 306 -8.48 2.65 52.11
CA ARG D 306 -8.27 2.92 50.70
C ARG D 306 -9.31 2.21 49.83
N GLN D 307 -9.61 0.94 50.14
CA GLN D 307 -10.63 0.23 49.39
C GLN D 307 -12.01 0.86 49.55
N ARG D 308 -12.27 1.47 50.70
CA ARG D 308 -13.54 2.17 50.89
C ARG D 308 -13.62 3.39 49.99
N CYS D 309 -12.54 4.18 49.95
CA CYS D 309 -12.52 5.36 49.10
C CYS D 309 -12.56 4.98 47.63
N LEU D 310 -11.76 4.00 47.22
CA LEU D 310 -11.74 3.59 45.82
C LEU D 310 -13.11 3.08 45.37
N THR D 311 -13.78 2.28 46.21
CA THR D 311 -15.12 1.82 45.90
C THR D 311 -16.11 2.98 45.81
N ALA D 312 -16.01 3.93 46.75
CA ALA D 312 -16.87 5.12 46.66
C ALA D 312 -16.61 5.90 45.39
N PHE D 313 -15.33 6.03 45.01
CA PHE D 313 -15.00 6.73 43.77
C PHE D 313 -15.61 6.04 42.56
N GLN D 314 -15.73 4.72 42.60
CA GLN D 314 -16.26 3.97 41.46
C GLN D 314 -17.78 4.05 41.40
N GLN D 315 -18.46 3.77 42.52
CA GLN D 315 -19.91 3.72 42.50
C GLN D 315 -20.54 5.10 42.30
N SER D 316 -19.88 6.15 42.75
CA SER D 316 -20.39 7.51 42.58
C SER D 316 -19.94 8.14 41.27
N GLU D 317 -19.10 7.46 40.49
CA GLU D 317 -18.53 8.01 39.25
C GLU D 317 -17.88 9.36 39.52
N ALA D 318 -16.97 9.36 40.50
CA ALA D 318 -16.32 10.60 40.92
C ALA D 318 -15.51 11.22 39.81
N LEU D 319 -14.87 10.40 38.98
CA LEU D 319 -14.11 10.93 37.86
C LEU D 319 -15.03 11.67 36.89
N ASP D 320 -16.20 11.10 36.59
CA ASP D 320 -17.14 11.77 35.71
C ASP D 320 -17.68 13.06 36.32
N VAL D 321 -17.85 13.10 37.65
CA VAL D 321 -18.33 14.31 38.29
C VAL D 321 -17.31 15.44 38.13
N MET D 322 -16.02 15.12 38.26
CA MET D 322 -15.00 16.15 38.13
C MET D 322 -14.87 16.62 36.68
N ILE D 323 -14.86 15.67 35.74
CA ILE D 323 -14.74 16.04 34.33
C ILE D 323 -15.93 16.87 33.88
N GLY D 324 -17.15 16.42 34.23
CA GLY D 324 -18.34 17.14 33.84
C GLY D 324 -18.42 18.52 34.49
N SER D 325 -17.98 18.61 35.75
CA SER D 325 -17.99 19.91 36.43
C SER D 325 -17.07 20.89 35.74
N LEU D 326 -15.87 20.43 35.35
CA LEU D 326 -14.94 21.29 34.62
C LEU D 326 -15.50 21.69 33.28
N GLN D 327 -16.18 20.77 32.59
CA GLN D 327 -16.78 21.09 31.30
C GLN D 327 -17.85 22.16 31.45
N ASP D 328 -18.68 22.05 32.49
CA ASP D 328 -19.73 23.05 32.69
C ASP D 328 -19.15 24.42 33.03
N VAL D 329 -18.17 24.46 33.93
CA VAL D 329 -17.59 25.74 34.33
C VAL D 329 -16.88 26.39 33.16
N ALA D 330 -16.16 25.60 32.37
CA ALA D 330 -15.46 26.14 31.20
C ALA D 330 -16.43 26.77 30.21
N SER D 331 -17.53 26.08 29.92
CA SER D 331 -18.51 26.60 28.97
C SER D 331 -19.27 27.79 29.54
N LYS D 332 -19.56 27.79 30.85
CA LYS D 332 -20.28 28.89 31.47
C LYS D 332 -19.49 30.19 31.38
N LEU D 333 -18.18 30.12 31.63
CA LEU D 333 -17.36 31.30 31.77
C LEU D 333 -16.51 31.61 30.54
N SER D 334 -16.66 30.84 29.46
CA SER D 334 -15.87 31.08 28.25
C SER D 334 -16.06 32.51 27.74
N GLN D 335 -14.97 33.10 27.26
CA GLN D 335 -14.99 34.45 26.70
C GLN D 335 -14.73 34.45 25.19
N VAL D 336 -14.78 33.29 24.55
CA VAL D 336 -14.61 33.23 23.11
C VAL D 336 -15.83 33.83 22.43
N VAL D 337 -15.63 34.37 21.22
CA VAL D 337 -16.71 35.03 20.50
C VAL D 337 -17.80 34.06 20.07
N ARG D 338 -17.50 32.76 20.00
CA ARG D 338 -18.50 31.76 19.64
C ARG D 338 -19.44 31.46 20.80
N THR E 24 -8.83 -1.62 20.25
CA THR E 24 -8.44 -1.13 18.93
C THR E 24 -7.61 -2.18 18.17
N ILE E 25 -6.81 -2.95 18.89
CA ILE E 25 -6.11 -4.08 18.29
C ILE E 25 -6.94 -5.35 18.35
N LEU E 26 -7.97 -5.40 19.19
CA LEU E 26 -8.88 -6.55 19.27
C LEU E 26 -9.98 -6.37 18.24
N HIS E 27 -9.85 -7.05 17.10
CA HIS E 27 -10.83 -6.90 16.03
C HIS E 27 -12.06 -7.77 16.24
N SER E 28 -11.98 -8.79 17.08
CA SER E 28 -13.13 -9.63 17.37
C SER E 28 -13.15 -9.97 18.85
N LYS E 29 -14.21 -9.57 19.54
CA LYS E 29 -14.41 -9.97 20.93
C LYS E 29 -14.86 -11.42 21.02
N ARG E 30 -15.56 -11.92 19.99
CA ARG E 30 -16.12 -13.26 20.03
C ARG E 30 -15.08 -14.33 19.79
N ALA E 31 -14.04 -14.04 19.00
CA ALA E 31 -13.02 -15.02 18.65
C ALA E 31 -11.62 -14.64 19.12
N ASN E 32 -11.47 -13.51 19.81
CA ASN E 32 -10.16 -13.04 20.31
C ASN E 32 -9.14 -12.92 19.18
N VAL E 33 -9.48 -12.09 18.20
CA VAL E 33 -8.66 -11.86 17.02
C VAL E 33 -7.92 -10.54 17.24
N TYR E 34 -6.60 -10.61 17.36
CA TYR E 34 -5.77 -9.43 17.51
C TYR E 34 -5.10 -9.12 16.19
N TYR E 35 -5.06 -7.83 15.84
CA TYR E 35 -4.44 -7.36 14.61
C TYR E 35 -3.16 -6.60 14.95
N LEU E 36 -2.07 -6.95 14.27
CA LEU E 36 -0.77 -6.32 14.49
C LEU E 36 -0.27 -5.69 13.20
N GLN E 37 0.47 -4.59 13.35
CA GLN E 37 1.08 -3.92 12.21
C GLN E 37 2.36 -3.24 12.67
N HIS E 38 3.29 -3.07 11.73
CA HIS E 38 4.54 -2.33 11.96
C HIS E 38 5.28 -2.88 13.17
N CYS E 39 5.55 -4.18 13.11
CA CYS E 39 6.17 -4.86 14.22
C CYS E 39 6.89 -6.11 13.71
N ARG E 40 8.11 -6.33 14.19
CA ARG E 40 8.83 -7.58 13.97
C ARG E 40 8.57 -8.51 15.14
N ILE E 41 8.14 -9.72 14.84
CA ILE E 41 7.87 -10.72 15.88
C ILE E 41 9.01 -11.72 15.88
N LEU E 42 9.68 -11.84 17.03
CA LEU E 42 10.81 -12.76 17.19
C LEU E 42 10.75 -13.36 18.58
N VAL E 43 11.76 -14.18 18.90
CA VAL E 43 11.90 -14.78 20.23
C VAL E 43 13.22 -14.31 20.83
N ASN E 44 13.13 -13.68 22.00
CA ASN E 44 14.29 -13.23 22.76
C ASN E 44 14.20 -13.77 24.17
N GLY E 45 15.27 -14.41 24.63
CA GLY E 45 15.27 -15.03 25.95
C GLY E 45 14.20 -16.07 26.16
N GLY E 46 13.90 -16.85 25.11
CA GLY E 46 12.87 -17.85 25.19
C GLY E 46 11.45 -17.31 25.21
N ARG E 47 11.27 -16.00 25.10
CA ARG E 47 9.95 -15.38 25.12
C ARG E 47 9.63 -14.77 23.77
N VAL E 48 8.34 -14.77 23.43
CA VAL E 48 7.87 -14.03 22.26
C VAL E 48 7.92 -12.53 22.58
N GLU E 49 8.59 -11.77 21.73
CA GLU E 49 8.70 -10.33 21.91
C GLU E 49 8.32 -9.60 20.63
N TYR E 50 7.77 -8.42 20.80
CA TYR E 50 7.25 -7.60 19.70
C TYR E 50 8.08 -6.33 19.59
N VAL E 51 8.93 -6.26 18.57
CA VAL E 51 9.75 -5.08 18.33
C VAL E 51 8.96 -4.17 17.40
N THR E 52 8.26 -3.19 17.97
CA THR E 52 7.42 -2.28 17.20
C THR E 52 8.24 -1.10 16.71
N GLU E 53 7.82 -0.58 15.55
CA GLU E 53 8.46 0.61 14.98
C GLU E 53 8.13 1.83 15.84
N GLU E 54 9.11 2.73 15.95
CA GLU E 54 8.88 3.96 16.69
C GLU E 54 7.77 4.77 16.02
N GLY E 55 6.74 5.10 16.78
CA GLY E 55 5.52 5.67 16.25
C GLY E 55 4.31 4.79 16.41
N ASN E 56 4.50 3.47 16.56
CA ASN E 56 3.41 2.54 16.79
C ASN E 56 3.22 2.40 18.29
N GLN E 57 2.17 3.04 18.81
CA GLN E 57 1.89 3.04 20.24
C GLN E 57 1.03 1.86 20.69
N SER E 58 0.93 0.82 19.87
CA SER E 58 0.12 -0.34 20.21
C SER E 58 0.82 -1.21 21.25
N LEU E 59 0.02 -1.81 22.13
CA LEU E 59 0.49 -2.61 23.27
C LEU E 59 0.19 -4.08 22.97
N TYR E 60 1.13 -4.73 22.28
CA TYR E 60 0.97 -6.14 21.91
C TYR E 60 1.38 -7.11 23.01
N TRP E 61 2.16 -6.64 24.00
CA TRP E 61 2.61 -7.51 25.07
C TRP E 61 1.47 -8.02 25.94
N ASN E 62 0.27 -7.44 25.81
CA ASN E 62 -0.89 -7.90 26.57
C ASN E 62 -1.61 -9.08 25.92
N ILE E 63 -1.25 -9.45 24.70
CA ILE E 63 -1.94 -10.52 23.99
C ILE E 63 -1.62 -11.85 24.65
N PRO E 64 -2.62 -12.59 25.13
CA PRO E 64 -2.37 -13.90 25.75
C PRO E 64 -1.80 -14.87 24.73
N ILE E 65 -0.61 -15.40 25.01
CA ILE E 65 -0.02 -16.42 24.16
C ILE E 65 -0.65 -17.75 24.53
N ALA E 66 -1.94 -17.90 24.23
CA ALA E 66 -2.69 -19.10 24.57
C ALA E 66 -3.56 -19.50 23.38
N ASN E 67 -4.13 -20.71 23.46
CA ASN E 67 -4.89 -21.24 22.33
C ASN E 67 -6.23 -20.53 22.12
N THR E 68 -6.58 -19.56 22.96
CA THR E 68 -7.79 -18.77 22.77
C THR E 68 -7.55 -17.56 21.87
N SER E 69 -6.29 -17.24 21.58
CA SER E 69 -5.94 -16.02 20.86
C SER E 69 -5.66 -16.34 19.40
N VAL E 70 -6.12 -15.44 18.52
CA VAL E 70 -5.83 -15.48 17.10
C VAL E 70 -5.07 -14.21 16.76
N VAL E 71 -3.99 -14.34 15.99
CA VAL E 71 -3.10 -13.22 15.67
C VAL E 71 -3.06 -13.03 14.16
N MET E 72 -3.49 -11.86 13.70
CA MET E 72 -3.36 -11.47 12.30
C MET E 72 -2.24 -10.46 12.15
N LEU E 73 -1.35 -10.70 11.20
CA LEU E 73 -0.20 -9.84 10.94
C LEU E 73 -0.49 -9.01 9.71
N GLY E 74 -0.56 -7.70 9.88
CA GLY E 74 -0.92 -6.77 8.84
C GLY E 74 0.27 -6.04 8.26
N THR E 75 0.04 -4.77 7.90
CA THR E 75 1.05 -3.98 7.21
C THR E 75 2.34 -3.88 8.02
N GLY E 76 3.46 -4.14 7.35
CA GLY E 76 4.77 -3.93 7.95
C GLY E 76 5.16 -4.87 9.07
N THR E 77 4.68 -6.11 9.04
CA THR E 77 5.02 -7.10 10.07
C THR E 77 5.94 -8.16 9.51
N SER E 78 6.65 -8.83 10.42
CA SER E 78 7.43 -10.00 10.07
C SER E 78 7.43 -10.94 11.27
N VAL E 79 7.66 -12.22 10.99
CA VAL E 79 7.71 -13.24 12.02
C VAL E 79 8.83 -14.20 11.67
N THR E 80 9.52 -14.68 12.70
CA THR E 80 10.62 -15.63 12.54
C THR E 80 10.12 -17.05 12.76
N GLN E 81 10.92 -18.00 12.28
CA GLN E 81 10.61 -19.41 12.49
C GLN E 81 10.52 -19.73 13.98
N ALA E 82 11.40 -19.13 14.79
CA ALA E 82 11.36 -19.38 16.23
C ALA E 82 10.06 -18.89 16.84
N ALA E 83 9.56 -17.74 16.37
CA ALA E 83 8.29 -17.25 16.87
C ALA E 83 7.13 -18.14 16.42
N MET E 84 7.16 -18.63 15.16
CA MET E 84 6.13 -19.56 14.73
C MET E 84 6.13 -20.83 15.59
N ARG E 85 7.32 -21.28 16.03
CA ARG E 85 7.40 -22.42 16.94
C ARG E 85 6.66 -22.14 18.25
N GLU E 86 6.88 -20.96 18.83
CA GLU E 86 6.20 -20.62 20.08
C GLU E 86 4.69 -20.56 19.90
N PHE E 87 4.24 -19.98 18.78
CA PHE E 87 2.81 -19.95 18.50
C PHE E 87 2.24 -21.35 18.34
N ALA E 88 2.98 -22.23 17.65
CA ALA E 88 2.52 -23.61 17.51
C ALA E 88 2.46 -24.33 18.85
N ARG E 89 3.43 -24.07 19.73
CA ARG E 89 3.40 -24.69 21.05
C ARG E 89 2.18 -24.22 21.85
N ALA E 90 1.90 -22.93 21.82
CA ALA E 90 0.78 -22.39 22.58
C ALA E 90 -0.55 -22.55 21.88
N GLY E 91 -0.55 -22.98 20.62
CA GLY E 91 -1.79 -23.14 19.88
C GLY E 91 -2.41 -21.85 19.38
N VAL E 92 -1.60 -20.86 19.05
CA VAL E 92 -2.09 -19.57 18.57
C VAL E 92 -2.10 -19.61 17.05
N MET E 93 -3.28 -19.44 16.45
CA MET E 93 -3.37 -19.43 14.99
C MET E 93 -2.79 -18.13 14.45
N ILE E 94 -1.95 -18.25 13.42
CA ILE E 94 -1.32 -17.10 12.78
C ILE E 94 -1.93 -16.91 11.41
N GLY E 95 -2.22 -15.65 11.07
CA GLY E 95 -2.69 -15.31 9.74
C GLY E 95 -2.06 -14.02 9.28
N PHE E 96 -1.99 -13.86 7.96
CA PHE E 96 -1.52 -12.63 7.34
C PHE E 96 -2.68 -11.97 6.61
N CYS E 97 -2.86 -10.67 6.85
CA CYS E 97 -3.99 -9.93 6.27
C CYS E 97 -3.50 -8.59 5.74
N GLY E 98 -4.36 -7.95 4.96
CA GLY E 98 -4.08 -6.61 4.49
C GLY E 98 -4.30 -5.58 5.57
N GLY E 99 -3.97 -4.33 5.22
CA GLY E 99 -4.07 -3.22 6.15
C GLY E 99 -5.43 -3.07 6.78
N GLY E 100 -5.46 -2.93 8.10
CA GLY E 100 -6.69 -2.76 8.83
C GLY E 100 -7.45 -4.02 9.13
N GLY E 101 -6.89 -5.19 8.83
CA GLY E 101 -7.51 -6.45 9.12
C GLY E 101 -8.22 -7.13 7.96
N THR E 102 -8.00 -6.68 6.72
CA THR E 102 -8.63 -7.28 5.55
C THR E 102 -7.90 -6.86 4.28
N PRO E 103 -7.79 -7.78 3.30
CA PRO E 103 -8.30 -9.15 3.29
C PRO E 103 -7.32 -10.13 3.93
N LEU E 104 -7.79 -11.35 4.20
CA LEU E 104 -6.93 -12.42 4.70
C LEU E 104 -6.11 -12.97 3.55
N PHE E 105 -4.78 -12.91 3.65
CA PHE E 105 -3.89 -13.44 2.62
C PHE E 105 -3.60 -14.93 2.82
N ALA E 106 -3.07 -15.28 3.99
CA ALA E 106 -2.65 -16.65 4.27
C ALA E 106 -2.74 -16.88 5.78
N ALA E 107 -2.94 -18.14 6.17
CA ALA E 107 -3.24 -18.41 7.57
C ALA E 107 -3.07 -19.89 7.88
N ASN E 108 -2.81 -20.19 9.15
CA ASN E 108 -2.95 -21.53 9.67
C ASN E 108 -4.39 -21.99 9.54
N GLU E 109 -4.59 -23.30 9.63
CA GLU E 109 -5.92 -23.88 9.58
C GLU E 109 -6.37 -24.27 10.99
N ALA E 110 -7.62 -23.95 11.32
CA ALA E 110 -8.13 -24.30 12.64
C ALA E 110 -8.35 -25.80 12.75
N GLU E 111 -7.83 -26.38 13.81
CA GLU E 111 -7.93 -27.82 14.04
C GLU E 111 -7.73 -28.15 15.52
N PRO E 125 -10.38 -30.72 14.17
CA PRO E 125 -11.60 -30.08 13.65
C PRO E 125 -12.39 -29.37 14.76
N THR E 126 -13.07 -28.30 14.40
CA THR E 126 -13.79 -27.45 15.33
C THR E 126 -15.23 -27.92 15.44
N GLU E 127 -15.87 -27.61 16.57
CA GLU E 127 -17.25 -28.02 16.68
C GLU E 127 -18.16 -27.28 15.70
N TYR E 128 -17.70 -26.15 15.13
CA TYR E 128 -18.55 -25.43 14.19
C TYR E 128 -18.63 -26.16 12.86
N LEU E 129 -17.53 -26.79 12.44
CA LEU E 129 -17.52 -27.53 11.19
C LEU E 129 -18.40 -28.78 11.29
N GLN E 130 -18.33 -29.49 12.42
CA GLN E 130 -19.18 -30.67 12.57
C GLN E 130 -20.65 -30.27 12.66
N ASP E 131 -20.94 -29.18 13.37
CA ASP E 131 -22.30 -28.65 13.36
C ASP E 131 -22.74 -28.33 11.94
N TRP E 132 -21.85 -27.72 11.16
CA TRP E 132 -22.20 -27.33 9.80
C TRP E 132 -22.50 -28.55 8.94
N VAL E 133 -21.62 -29.56 8.99
CA VAL E 133 -21.78 -30.75 8.16
C VAL E 133 -23.01 -31.55 8.59
N SER E 134 -23.41 -31.45 9.87
CA SER E 134 -24.53 -32.26 10.36
C SER E 134 -25.86 -31.85 9.76
N PHE E 135 -25.96 -30.66 9.17
CA PHE E 135 -27.20 -30.22 8.51
C PHE E 135 -27.02 -29.79 7.07
N TRP E 136 -25.78 -29.57 6.60
CA TRP E 136 -25.59 -28.92 5.32
C TRP E 136 -26.20 -29.71 4.17
N PHE E 137 -26.14 -31.04 4.23
CA PHE E 137 -26.65 -31.84 3.13
C PHE E 137 -28.18 -31.98 3.14
N ASP E 138 -28.84 -31.54 4.20
CA ASP E 138 -30.30 -31.50 4.25
C ASP E 138 -30.75 -30.19 3.62
N ASP E 139 -31.42 -30.29 2.46
CA ASP E 139 -31.78 -29.09 1.70
C ASP E 139 -32.69 -28.17 2.50
N GLU E 140 -33.57 -28.71 3.34
CA GLU E 140 -34.44 -27.87 4.14
C GLU E 140 -33.66 -27.17 5.24
N LYS E 141 -32.68 -27.85 5.83
CA LYS E 141 -31.83 -27.21 6.82
C LYS E 141 -30.94 -26.15 6.17
N ARG E 142 -30.37 -26.46 5.01
CA ARG E 142 -29.55 -25.49 4.29
C ARG E 142 -30.35 -24.27 3.91
N LEU E 143 -31.63 -24.43 3.58
CA LEU E 143 -32.47 -23.28 3.28
C LEU E 143 -32.71 -22.45 4.54
N ALA E 144 -32.94 -23.11 5.68
CA ALA E 144 -33.14 -22.38 6.92
C ALA E 144 -31.92 -21.53 7.27
N ALA E 145 -30.72 -22.05 7.00
CA ALA E 145 -29.51 -21.27 7.22
C ALA E 145 -29.46 -20.05 6.30
N ALA E 146 -29.82 -20.25 5.02
CA ALA E 146 -29.79 -19.14 4.07
C ALA E 146 -30.81 -18.07 4.46
N ILE E 147 -31.99 -18.49 4.91
CA ILE E 147 -33.01 -17.53 5.33
C ILE E 147 -32.59 -16.82 6.61
N ALA E 148 -31.95 -17.53 7.54
CA ALA E 148 -31.44 -16.91 8.75
C ALA E 148 -30.40 -15.84 8.43
N PHE E 149 -29.56 -16.08 7.41
CA PHE E 149 -28.58 -15.08 6.99
C PHE E 149 -29.27 -13.82 6.47
N GLN E 150 -30.30 -13.99 5.64
CA GLN E 150 -30.99 -12.83 5.09
C GLN E 150 -31.72 -12.06 6.18
N GLN E 151 -32.19 -12.75 7.22
CA GLN E 151 -32.79 -12.05 8.36
C GLN E 151 -31.76 -11.18 9.06
N VAL E 152 -30.56 -11.71 9.31
CA VAL E 152 -29.49 -10.90 9.89
C VAL E 152 -29.15 -9.73 8.97
N ARG E 153 -29.11 -9.98 7.66
CA ARG E 153 -28.82 -8.92 6.70
C ARG E 153 -29.83 -7.79 6.79
N ILE E 154 -31.12 -8.13 6.95
CA ILE E 154 -32.15 -7.11 7.08
C ILE E 154 -31.93 -6.29 8.35
N THR E 155 -31.62 -6.95 9.46
CA THR E 155 -31.36 -6.25 10.71
C THR E 155 -30.20 -5.27 10.56
N GLN E 156 -29.10 -5.73 9.96
CA GLN E 156 -27.91 -4.90 9.84
C GLN E 156 -28.18 -3.68 8.97
N ILE E 157 -28.91 -3.86 7.86
CA ILE E 157 -29.23 -2.73 6.99
C ILE E 157 -30.11 -1.74 7.75
N ARG E 158 -31.16 -2.24 8.40
CA ARG E 158 -32.04 -1.40 9.19
C ARG E 158 -31.25 -0.60 10.21
N GLN E 159 -30.31 -1.25 10.89
CA GLN E 159 -29.61 -0.59 11.99
C GLN E 159 -28.60 0.43 11.47
N HIS E 160 -27.77 0.04 10.51
CA HIS E 160 -26.64 0.86 10.14
C HIS E 160 -26.94 1.89 9.08
N TRP E 161 -28.06 1.77 8.37
CA TRP E 161 -28.51 2.87 7.50
C TRP E 161 -29.18 3.99 8.29
N LEU E 162 -29.70 3.71 9.48
CA LEU E 162 -30.40 4.70 10.28
C LEU E 162 -29.67 5.07 11.57
N GLY E 163 -28.49 4.51 11.82
CA GLY E 163 -27.76 4.79 13.02
C GLY E 163 -27.08 6.15 12.99
N SER E 164 -26.32 6.42 14.05
CA SER E 164 -25.69 7.73 14.20
C SER E 164 -24.61 7.96 13.14
N ARG E 165 -23.82 6.93 12.83
CA ARG E 165 -22.69 7.12 11.93
C ARG E 165 -23.14 7.58 10.55
N LEU E 166 -24.16 6.91 9.99
CA LEU E 166 -24.59 7.26 8.65
C LEU E 166 -25.38 8.57 8.64
N SER E 167 -26.10 8.88 9.71
CA SER E 167 -26.81 10.15 9.78
C SER E 167 -25.86 11.34 9.75
N ARG E 168 -24.61 11.16 10.14
CA ARG E 168 -23.64 12.25 10.00
C ARG E 168 -23.36 12.59 8.55
N GLU E 169 -23.66 11.69 7.62
CA GLU E 169 -23.39 11.92 6.21
C GLU E 169 -24.54 12.73 5.61
N SER E 170 -24.31 14.02 5.39
CA SER E 170 -25.33 14.86 4.79
C SER E 170 -25.52 14.57 3.31
N ARG E 171 -24.51 13.99 2.65
CA ARG E 171 -24.62 13.66 1.23
C ARG E 171 -25.61 12.51 0.97
N PHE E 172 -25.88 11.69 1.98
CA PHE E 172 -26.71 10.50 1.85
C PHE E 172 -28.02 10.75 2.59
N THR E 173 -29.02 11.24 1.86
CA THR E 173 -30.30 11.63 2.43
C THR E 173 -31.43 10.82 1.80
N PHE E 174 -32.27 10.22 2.65
CA PHE E 174 -33.38 9.41 2.19
C PHE E 174 -34.44 9.38 3.29
N LYS E 175 -35.66 9.02 2.91
CA LYS E 175 -36.76 8.90 3.86
C LYS E 175 -36.76 7.51 4.46
N SER E 176 -36.71 7.44 5.79
CA SER E 176 -36.61 6.15 6.45
C SER E 176 -37.81 5.24 6.17
N GLU E 177 -38.98 5.81 5.83
CA GLU E 177 -40.12 4.96 5.49
C GLU E 177 -39.86 4.15 4.22
N HIS E 178 -39.16 4.76 3.24
CA HIS E 178 -38.86 4.04 2.00
C HIS E 178 -38.02 2.81 2.27
N LEU E 179 -37.00 2.96 3.12
CA LEU E 179 -36.16 1.83 3.51
C LEU E 179 -36.94 0.79 4.30
N GLN E 180 -37.81 1.25 5.20
CA GLN E 180 -38.61 0.33 5.99
C GLN E 180 -39.52 -0.51 5.11
N ALA E 181 -40.23 0.15 4.18
CA ALA E 181 -41.12 -0.58 3.27
C ALA E 181 -40.34 -1.54 2.38
N LEU E 182 -39.15 -1.14 1.95
CA LEU E 182 -38.28 -2.01 1.16
C LEU E 182 -37.93 -3.27 1.94
N LEU E 183 -37.49 -3.10 3.19
CA LEU E 183 -37.11 -4.26 4.00
C LEU E 183 -38.32 -5.07 4.43
N ASP E 184 -39.44 -4.41 4.73
CA ASP E 184 -40.64 -5.16 5.11
C ASP E 184 -41.12 -6.01 3.95
N ARG E 185 -41.01 -5.48 2.73
CA ARG E 185 -41.39 -6.25 1.55
C ARG E 185 -40.52 -7.51 1.44
N TYR E 186 -39.21 -7.35 1.63
CA TYR E 186 -38.29 -8.48 1.52
C TYR E 186 -38.59 -9.54 2.59
N GLN E 187 -38.96 -9.10 3.81
CA GLN E 187 -39.31 -10.05 4.85
C GLN E 187 -40.54 -10.86 4.48
N LYS E 188 -41.53 -10.22 3.84
CA LYS E 188 -42.74 -10.95 3.44
C LYS E 188 -42.42 -12.02 2.41
N GLY E 189 -41.53 -11.71 1.46
CA GLY E 189 -41.14 -12.73 0.49
C GLY E 189 -40.40 -13.89 1.11
N LEU E 190 -39.57 -13.62 2.11
CA LEU E 190 -38.74 -14.66 2.71
C LEU E 190 -39.58 -15.73 3.40
N THR E 191 -40.66 -15.32 4.08
CA THR E 191 -41.52 -16.31 4.74
C THR E 191 -42.25 -17.20 3.74
N ASP E 192 -42.40 -16.75 2.49
CA ASP E 192 -43.05 -17.54 1.46
C ASP E 192 -42.09 -18.46 0.71
N CYS E 193 -40.78 -18.30 0.88
CA CYS E 193 -39.83 -19.07 0.09
C CYS E 193 -39.74 -20.51 0.58
N ARG E 194 -39.63 -21.44 -0.38
CA ARG E 194 -39.54 -22.86 -0.08
C ARG E 194 -38.33 -23.55 -0.68
N THR E 195 -37.62 -22.90 -1.61
CA THR E 195 -36.41 -23.45 -2.21
C THR E 195 -35.32 -22.39 -2.19
N SER E 196 -34.09 -22.80 -2.52
CA SER E 196 -33.01 -21.84 -2.59
C SER E 196 -33.20 -20.85 -3.74
N ASN E 197 -33.84 -21.28 -4.82
CA ASN E 197 -34.07 -20.38 -5.95
C ASN E 197 -35.11 -19.32 -5.60
N ASP E 198 -36.08 -19.65 -4.75
CA ASP E 198 -37.05 -18.65 -4.30
C ASP E 198 -36.35 -17.51 -3.55
N VAL E 199 -35.38 -17.86 -2.70
CA VAL E 199 -34.65 -16.84 -1.96
C VAL E 199 -33.82 -15.98 -2.91
N LEU E 200 -33.21 -16.60 -3.92
CA LEU E 200 -32.41 -15.84 -4.87
C LEU E 200 -33.26 -14.84 -5.64
N VAL E 201 -34.52 -15.19 -5.94
CA VAL E 201 -35.40 -14.26 -6.64
C VAL E 201 -35.80 -13.11 -5.72
N GLN E 202 -36.12 -13.40 -4.47
CA GLN E 202 -36.46 -12.34 -3.51
C GLN E 202 -35.26 -11.46 -3.23
N GLU E 203 -34.07 -12.05 -3.07
CA GLU E 203 -32.87 -11.26 -2.83
C GLU E 203 -32.59 -10.32 -4.00
N ALA E 204 -32.76 -10.81 -5.24
CA ALA E 204 -32.52 -9.97 -6.40
C ALA E 204 -33.47 -8.78 -6.42
N MET E 205 -34.72 -9.00 -5.99
CA MET E 205 -35.70 -7.92 -5.97
C MET E 205 -35.34 -6.87 -4.92
N MET E 206 -35.00 -7.32 -3.71
CA MET E 206 -34.63 -6.38 -2.65
C MET E 206 -33.36 -5.61 -3.02
N THR E 207 -32.37 -6.29 -3.57
CA THR E 207 -31.10 -5.64 -3.86
C THR E 207 -31.24 -4.55 -4.92
N LYS E 208 -32.01 -4.82 -5.98
CA LYS E 208 -32.21 -3.79 -7.00
C LYS E 208 -32.93 -2.58 -6.41
N ALA E 209 -33.91 -2.82 -5.53
CA ALA E 209 -34.60 -1.71 -4.89
C ALA E 209 -33.69 -0.95 -3.94
N LEU E 210 -32.80 -1.68 -3.24
CA LEU E 210 -31.87 -1.04 -2.33
C LEU E 210 -30.81 -0.24 -3.09
N TYR E 211 -30.34 -0.77 -4.22
CA TYR E 211 -29.37 -0.04 -5.02
C TYR E 211 -29.97 1.25 -5.56
N ARG E 212 -31.25 1.21 -5.94
CA ARG E 212 -31.91 2.41 -6.41
C ARG E 212 -32.04 3.43 -5.27
N LEU E 213 -32.40 2.95 -4.08
CA LEU E 213 -32.53 3.83 -2.93
C LEU E 213 -31.20 4.50 -2.59
N ALA E 214 -30.10 3.76 -2.71
CA ALA E 214 -28.80 4.36 -2.45
C ALA E 214 -28.45 5.39 -3.51
N ALA E 215 -28.69 5.05 -4.79
CA ALA E 215 -28.37 5.97 -5.87
C ALA E 215 -29.18 7.25 -5.75
N ASN E 216 -30.45 7.14 -5.36
CA ASN E 216 -31.25 8.35 -5.17
C ASN E 216 -30.80 9.14 -3.96
N ALA E 217 -30.35 8.46 -2.91
CA ALA E 217 -29.94 9.14 -1.68
C ALA E 217 -28.77 10.11 -1.91
N VAL E 218 -27.96 9.85 -2.94
CA VAL E 218 -26.85 10.73 -3.27
C VAL E 218 -27.13 11.51 -4.54
N SER E 219 -28.33 11.37 -5.12
CA SER E 219 -28.70 12.01 -6.38
C SER E 219 -27.77 11.58 -7.51
N TYR E 220 -27.53 10.27 -7.60
CA TYR E 220 -26.60 9.74 -8.58
C TYR E 220 -27.19 9.72 -9.98
N GLY E 221 -28.50 9.52 -10.10
CA GLY E 221 -29.13 9.38 -11.40
C GLY E 221 -29.34 7.93 -11.77
N ASP E 222 -29.04 7.60 -13.02
CA ASP E 222 -29.15 6.22 -13.48
C ASP E 222 -28.03 5.38 -12.87
N PHE E 223 -28.40 4.19 -12.37
CA PHE E 223 -27.40 3.26 -11.89
C PHE E 223 -27.79 1.84 -12.27
N THR E 224 -26.87 1.11 -12.88
CA THR E 224 -27.04 -0.30 -13.18
C THR E 224 -25.85 -1.06 -12.60
N ARG E 225 -26.12 -2.06 -11.77
CA ARG E 225 -25.05 -2.83 -11.17
C ARG E 225 -24.35 -3.64 -12.25
N ALA E 226 -23.09 -3.32 -12.50
CA ALA E 226 -22.28 -4.01 -13.49
C ALA E 226 -21.63 -5.22 -12.83
N LYS E 227 -22.13 -6.41 -13.14
CA LYS E 227 -21.54 -7.63 -12.62
C LYS E 227 -20.21 -7.91 -13.33
N ARG E 228 -19.52 -8.95 -12.84
CA ARG E 228 -18.24 -9.42 -13.35
C ARG E 228 -17.13 -8.37 -13.22
N GLY E 229 -17.40 -7.25 -12.56
CA GLY E 229 -16.38 -6.22 -12.39
C GLY E 229 -16.07 -5.43 -13.63
N GLY E 230 -17.01 -5.35 -14.58
CA GLY E 230 -16.77 -4.62 -15.80
C GLY E 230 -17.47 -3.28 -15.87
N GLY E 231 -17.54 -2.59 -14.74
CA GLY E 231 -18.19 -1.29 -14.67
C GLY E 231 -17.17 -0.16 -14.70
N THR E 232 -17.52 0.92 -15.39
CA THR E 232 -16.60 2.04 -15.54
C THR E 232 -16.98 3.25 -14.70
N ASP E 233 -18.23 3.36 -14.25
CA ASP E 233 -18.62 4.47 -13.40
C ASP E 233 -18.09 4.27 -11.99
N LEU E 234 -17.91 5.39 -11.28
CA LEU E 234 -17.26 5.34 -9.98
C LEU E 234 -18.02 4.47 -8.97
N ALA E 235 -19.35 4.45 -9.04
CA ALA E 235 -20.12 3.68 -8.07
C ALA E 235 -19.84 2.18 -8.22
N ASN E 236 -19.85 1.67 -9.45
CA ASN E 236 -19.59 0.24 -9.65
C ASN E 236 -18.16 -0.12 -9.24
N ARG E 237 -17.21 0.76 -9.53
CA ARG E 237 -15.82 0.49 -9.15
C ARG E 237 -15.68 0.43 -7.63
N PHE E 238 -16.25 1.41 -6.93
CA PHE E 238 -16.20 1.41 -5.48
C PHE E 238 -16.96 0.22 -4.89
N LEU E 239 -18.11 -0.12 -5.49
CA LEU E 239 -18.84 -1.30 -5.02
C LEU E 239 -18.00 -2.56 -5.20
N ASP E 240 -17.24 -2.65 -6.30
CA ASP E 240 -16.37 -3.80 -6.50
C ASP E 240 -15.25 -3.82 -5.47
N HIS E 241 -14.66 -2.65 -5.19
CA HIS E 241 -13.59 -2.60 -4.19
C HIS E 241 -14.12 -2.88 -2.79
N GLY E 242 -15.29 -2.33 -2.45
CA GLY E 242 -15.83 -2.57 -1.13
C GLY E 242 -16.21 -4.02 -0.90
N ASN E 243 -16.70 -4.70 -1.94
CA ASN E 243 -16.99 -6.13 -1.81
C ASN E 243 -15.72 -6.93 -1.58
N TYR E 244 -14.64 -6.56 -2.27
CA TYR E 244 -13.37 -7.24 -2.06
C TYR E 244 -12.94 -7.14 -0.60
N LEU E 245 -13.10 -5.97 0.01
CA LEU E 245 -12.78 -5.82 1.42
C LEU E 245 -13.75 -6.60 2.29
N ALA E 246 -15.02 -6.66 1.90
CA ALA E 246 -16.00 -7.40 2.69
C ALA E 246 -15.77 -8.89 2.63
N TYR E 247 -15.46 -9.42 1.43
CA TYR E 247 -15.13 -10.84 1.31
C TYR E 247 -13.90 -11.18 2.14
N GLY E 248 -12.90 -10.30 2.13
CA GLY E 248 -11.69 -10.55 2.89
C GLY E 248 -11.95 -10.57 4.38
N LEU E 249 -12.84 -9.71 4.85
CA LEU E 249 -13.19 -9.75 6.26
C LEU E 249 -14.02 -11.00 6.57
N ALA E 250 -14.91 -11.37 5.65
CA ALA E 250 -15.68 -12.60 5.84
C ALA E 250 -14.80 -13.83 5.84
N ALA E 251 -13.71 -13.81 5.04
CA ALA E 251 -12.76 -14.93 5.08
C ALA E 251 -12.13 -15.08 6.46
N VAL E 252 -11.94 -13.97 7.19
CA VAL E 252 -11.43 -14.07 8.55
C VAL E 252 -12.43 -14.81 9.44
N SER E 253 -13.73 -14.55 9.24
CA SER E 253 -14.74 -15.16 10.09
C SER E 253 -14.81 -16.66 9.88
N THR E 254 -14.77 -17.12 8.62
CA THR E 254 -14.77 -18.56 8.39
C THR E 254 -13.47 -19.20 8.85
N TRP E 255 -12.36 -18.45 8.81
CA TRP E 255 -11.06 -18.97 9.21
C TRP E 255 -11.04 -19.29 10.69
N VAL E 256 -11.42 -18.34 11.55
CA VAL E 256 -11.35 -18.57 12.99
C VAL E 256 -12.32 -19.66 13.42
N LEU E 257 -13.39 -19.87 12.67
CA LEU E 257 -14.34 -20.92 13.02
C LEU E 257 -13.99 -22.26 12.38
N GLY E 258 -12.93 -22.31 11.57
CA GLY E 258 -12.60 -23.54 10.89
C GLY E 258 -13.62 -23.98 9.86
N LEU E 259 -14.35 -23.03 9.26
CA LEU E 259 -15.33 -23.37 8.25
C LEU E 259 -14.71 -23.23 6.86
N PRO E 260 -14.93 -24.19 5.97
CA PRO E 260 -14.36 -24.08 4.62
C PRO E 260 -15.24 -23.26 3.69
N HIS E 261 -14.60 -22.65 2.69
CA HIS E 261 -15.31 -21.76 1.78
C HIS E 261 -16.31 -22.50 0.90
N GLY E 262 -16.17 -23.81 0.73
CA GLY E 262 -16.99 -24.57 -0.18
C GLY E 262 -18.33 -25.06 0.33
N LEU E 263 -18.76 -24.62 1.51
CA LEU E 263 -20.05 -25.05 2.05
C LEU E 263 -21.01 -23.88 2.20
N ALA E 264 -21.35 -23.24 1.09
CA ALA E 264 -22.26 -22.11 1.13
C ALA E 264 -23.69 -22.56 1.45
N VAL E 265 -24.51 -21.60 1.86
CA VAL E 265 -25.89 -21.88 2.19
C VAL E 265 -26.87 -21.27 1.19
N LEU E 266 -26.49 -20.19 0.51
CA LEU E 266 -27.35 -19.58 -0.51
C LEU E 266 -26.73 -19.68 -1.89
N HIS E 267 -25.45 -19.34 -2.04
CA HIS E 267 -24.80 -19.46 -3.33
C HIS E 267 -24.81 -20.91 -3.80
N GLY E 268 -24.68 -21.08 -5.11
CA GLY E 268 -24.67 -22.43 -5.66
C GLY E 268 -23.54 -23.27 -5.11
N LYS E 269 -23.83 -24.56 -4.96
CA LYS E 269 -22.86 -25.48 -4.35
C LYS E 269 -21.55 -25.54 -5.12
N THR E 270 -21.56 -25.24 -6.43
CA THR E 270 -20.34 -25.28 -7.23
C THR E 270 -19.60 -23.96 -7.25
N ARG E 271 -20.12 -22.92 -6.59
CA ARG E 271 -19.51 -21.60 -6.64
C ARG E 271 -18.31 -21.54 -5.71
N ARG E 272 -17.12 -21.27 -6.28
CA ARG E 272 -15.91 -21.20 -5.49
C ARG E 272 -15.98 -20.01 -4.54
N GLY E 273 -15.69 -20.25 -3.26
CA GLY E 273 -15.79 -19.21 -2.25
C GLY E 273 -17.20 -18.84 -1.87
N GLY E 274 -18.17 -19.73 -2.11
CA GLY E 274 -19.56 -19.37 -1.91
C GLY E 274 -19.88 -18.97 -0.48
N LEU E 275 -19.34 -19.70 0.49
CA LEU E 275 -19.67 -19.39 1.89
C LEU E 275 -19.14 -18.02 2.28
N VAL E 276 -17.95 -17.65 1.78
CA VAL E 276 -17.42 -16.32 2.06
C VAL E 276 -18.34 -15.24 1.50
N PHE E 277 -18.88 -15.48 0.29
CA PHE E 277 -19.80 -14.51 -0.30
C PHE E 277 -21.10 -14.43 0.50
N ASP E 278 -21.61 -15.56 0.95
CA ASP E 278 -22.80 -15.54 1.80
C ASP E 278 -22.54 -14.78 3.09
N VAL E 279 -21.38 -15.02 3.73
CA VAL E 279 -21.08 -14.39 5.01
C VAL E 279 -20.91 -12.89 4.84
N ALA E 280 -20.24 -12.47 3.77
CA ALA E 280 -20.06 -11.04 3.54
C ALA E 280 -21.38 -10.36 3.25
N ASP E 281 -22.34 -11.09 2.66
CA ASP E 281 -23.66 -10.51 2.38
C ASP E 281 -24.37 -10.07 3.66
N LEU E 282 -23.95 -10.56 4.83
CA LEU E 282 -24.58 -10.13 6.07
C LEU E 282 -24.40 -8.64 6.32
N ILE E 283 -23.27 -8.07 5.91
CA ILE E 283 -22.94 -6.69 6.24
C ILE E 283 -22.59 -5.84 5.03
N LYS E 284 -22.54 -6.43 3.83
CA LYS E 284 -22.08 -5.69 2.66
C LYS E 284 -23.01 -4.54 2.34
N ASP E 285 -24.29 -4.83 2.10
CA ASP E 285 -25.24 -3.79 1.77
C ASP E 285 -25.47 -2.84 2.94
N ALA E 286 -25.30 -3.33 4.17
CA ALA E 286 -25.55 -2.49 5.33
C ALA E 286 -24.44 -1.46 5.53
N LEU E 287 -23.21 -1.78 5.13
CA LEU E 287 -22.04 -0.96 5.44
C LEU E 287 -21.35 -0.42 4.21
N VAL E 288 -21.10 -1.27 3.19
CA VAL E 288 -20.30 -0.83 2.05
C VAL E 288 -21.13 0.01 1.09
N LEU E 289 -22.36 -0.45 0.78
CA LEU E 289 -23.18 0.18 -0.25
C LEU E 289 -23.37 1.68 -0.09
N PRO E 290 -23.71 2.22 1.08
CA PRO E 290 -23.83 3.68 1.17
C PRO E 290 -22.51 4.40 0.97
N GLN E 291 -21.40 3.83 1.46
CA GLN E 291 -20.11 4.50 1.34
C GLN E 291 -19.67 4.62 -0.11
N ALA E 292 -19.99 3.62 -0.94
CA ALA E 292 -19.58 3.68 -2.34
C ALA E 292 -20.26 4.82 -3.08
N PHE E 293 -21.56 5.01 -2.85
CA PHE E 293 -22.26 6.10 -3.55
C PHE E 293 -21.85 7.46 -3.01
N ILE E 294 -21.60 7.58 -1.70
CA ILE E 294 -21.11 8.84 -1.15
C ILE E 294 -19.76 9.18 -1.77
N ALA E 295 -18.82 8.22 -1.73
CA ALA E 295 -17.48 8.47 -2.26
C ALA E 295 -17.52 8.75 -3.75
N ALA E 296 -18.44 8.13 -4.48
CA ALA E 296 -18.56 8.42 -5.91
C ALA E 296 -18.93 9.89 -6.13
N MET E 297 -19.92 10.38 -5.39
CA MET E 297 -20.36 11.76 -5.55
C MET E 297 -19.34 12.76 -5.03
N GLU E 298 -18.47 12.36 -4.11
CA GLU E 298 -17.44 13.24 -3.59
C GLU E 298 -16.15 13.19 -4.40
N GLY E 299 -16.07 12.31 -5.40
CA GLY E 299 -14.87 12.20 -6.22
C GLY E 299 -13.64 11.79 -5.46
N GLU E 300 -13.79 10.91 -4.47
CA GLU E 300 -12.67 10.47 -3.66
C GLU E 300 -11.89 9.37 -4.38
N ASP E 301 -10.70 9.07 -3.86
CA ASP E 301 -9.82 8.09 -4.47
C ASP E 301 -9.88 6.76 -3.72
N GLU E 302 -9.06 5.81 -4.19
CA GLU E 302 -9.10 4.44 -3.67
C GLU E 302 -8.81 4.40 -2.18
N GLN E 303 -7.78 5.12 -1.73
CA GLN E 303 -7.43 5.10 -0.31
C GLN E 303 -8.53 5.71 0.54
N GLU E 304 -9.11 6.83 0.10
CA GLU E 304 -10.15 7.49 0.88
C GLU E 304 -11.38 6.60 1.01
N PHE E 305 -11.76 5.91 -0.07
CA PHE E 305 -12.90 5.00 0.02
C PHE E 305 -12.56 3.79 0.86
N ARG E 306 -11.33 3.29 0.78
CA ARG E 306 -10.94 2.15 1.61
C ARG E 306 -11.05 2.50 3.08
N GLN E 307 -10.69 3.73 3.45
CA GLN E 307 -10.80 4.17 4.84
C GLN E 307 -12.25 4.20 5.30
N ARG E 308 -13.17 4.64 4.43
CA ARG E 308 -14.59 4.62 4.79
C ARG E 308 -15.05 3.20 5.13
N CYS E 309 -14.59 2.20 4.37
CA CYS E 309 -15.01 0.83 4.62
C CYS E 309 -14.43 0.29 5.92
N LEU E 310 -13.13 0.54 6.16
CA LEU E 310 -12.52 0.09 7.41
C LEU E 310 -13.22 0.73 8.60
N THR E 311 -13.43 2.04 8.56
CA THR E 311 -14.15 2.72 9.63
C THR E 311 -15.53 2.13 9.83
N ALA E 312 -16.26 1.85 8.73
CA ALA E 312 -17.57 1.23 8.88
C ALA E 312 -17.46 -0.17 9.47
N PHE E 313 -16.50 -0.98 8.99
CA PHE E 313 -16.31 -2.31 9.53
C PHE E 313 -15.97 -2.26 11.02
N GLN E 314 -15.18 -1.26 11.41
CA GLN E 314 -14.77 -1.17 12.81
C GLN E 314 -15.94 -0.74 13.70
N GLN E 315 -16.61 0.35 13.33
CA GLN E 315 -17.63 0.91 14.21
C GLN E 315 -18.88 0.05 14.26
N SER E 316 -19.17 -0.69 13.19
CA SER E 316 -20.33 -1.56 13.16
C SER E 316 -20.02 -2.98 13.60
N GLU E 317 -18.77 -3.26 13.95
CA GLU E 317 -18.33 -4.60 14.39
C GLU E 317 -18.71 -5.66 13.36
N ALA E 318 -18.33 -5.40 12.11
CA ALA E 318 -18.70 -6.31 11.03
C ALA E 318 -18.14 -7.70 11.27
N LEU E 319 -16.89 -7.78 11.75
CA LEU E 319 -16.29 -9.09 11.98
C LEU E 319 -17.06 -9.88 13.04
N ASP E 320 -17.43 -9.22 14.15
CA ASP E 320 -18.17 -9.90 15.20
C ASP E 320 -19.58 -10.28 14.76
N VAL E 321 -20.20 -9.47 13.89
CA VAL E 321 -21.52 -9.82 13.37
C VAL E 321 -21.43 -11.05 12.49
N MET E 322 -20.41 -11.12 11.63
CA MET E 322 -20.25 -12.29 10.78
C MET E 322 -19.90 -13.53 11.59
N ILE E 323 -18.97 -13.40 12.53
CA ILE E 323 -18.61 -14.55 13.37
C ILE E 323 -19.80 -14.99 14.22
N GLY E 324 -20.52 -14.03 14.81
CA GLY E 324 -21.66 -14.37 15.66
C GLY E 324 -22.79 -15.02 14.88
N SER E 325 -23.04 -14.54 13.67
CA SER E 325 -24.11 -15.12 12.85
C SER E 325 -23.81 -16.57 12.51
N LEU E 326 -22.58 -16.87 12.10
CA LEU E 326 -22.19 -18.25 11.81
C LEU E 326 -22.34 -19.11 13.05
N GLN E 327 -22.00 -18.58 14.23
CA GLN E 327 -22.18 -19.33 15.47
C GLN E 327 -23.66 -19.60 15.77
N ASP E 328 -24.51 -18.58 15.61
CA ASP E 328 -25.92 -18.77 15.92
C ASP E 328 -26.56 -19.79 14.98
N VAL E 329 -26.29 -19.66 13.68
CA VAL E 329 -26.85 -20.61 12.71
C VAL E 329 -26.30 -22.01 12.96
N ALA E 330 -25.01 -22.12 13.28
CA ALA E 330 -24.42 -23.44 13.51
C ALA E 330 -25.07 -24.15 14.68
N SER E 331 -25.19 -23.47 15.83
CA SER E 331 -25.77 -24.11 17.00
C SER E 331 -27.26 -24.36 16.83
N LYS E 332 -27.97 -23.48 16.10
CA LYS E 332 -29.41 -23.64 15.95
C LYS E 332 -29.74 -24.86 15.09
N LEU E 333 -28.98 -25.09 14.03
CA LEU E 333 -29.28 -26.14 13.08
C LEU E 333 -28.45 -27.40 13.28
N SER E 334 -27.57 -27.43 14.27
CA SER E 334 -26.73 -28.60 14.47
C SER E 334 -27.55 -29.83 14.81
N GLN E 335 -27.06 -31.00 14.37
CA GLN E 335 -27.72 -32.26 14.62
C GLN E 335 -26.85 -33.22 15.42
N VAL E 336 -25.75 -32.76 16.00
CA VAL E 336 -24.83 -33.65 16.68
C VAL E 336 -25.30 -33.85 18.12
N VAL E 337 -24.94 -35.01 18.68
CA VAL E 337 -25.21 -35.33 20.09
C VAL E 337 -24.52 -34.33 21.01
N ILE F 25 1.48 -21.58 -14.29
CA ILE F 25 0.06 -21.87 -14.47
C ILE F 25 -0.39 -22.85 -13.39
N LEU F 26 -0.84 -24.02 -13.82
CA LEU F 26 -1.33 -25.05 -12.91
C LEU F 26 -0.20 -25.55 -12.01
N HIS F 27 -0.58 -25.99 -10.80
CA HIS F 27 0.40 -26.35 -9.78
C HIS F 27 1.16 -27.62 -10.16
N SER F 28 0.49 -28.58 -10.81
CA SER F 28 1.17 -29.82 -11.20
C SER F 28 2.23 -29.58 -12.25
N LYS F 29 2.22 -28.43 -12.93
CA LYS F 29 3.26 -28.10 -13.90
C LYS F 29 4.39 -27.28 -13.30
N ARG F 30 4.24 -26.80 -12.07
CA ARG F 30 5.30 -26.03 -11.41
C ARG F 30 6.44 -26.96 -11.01
N ALA F 31 7.67 -26.52 -11.29
CA ALA F 31 8.85 -27.37 -11.19
C ALA F 31 9.70 -27.12 -9.95
N ASN F 32 9.34 -26.16 -9.10
CA ASN F 32 10.21 -25.74 -8.01
C ASN F 32 9.60 -26.07 -6.65
N VAL F 33 10.42 -26.66 -5.79
CA VAL F 33 10.14 -26.81 -4.36
C VAL F 33 11.35 -26.30 -3.62
N TYR F 34 11.14 -25.39 -2.68
CA TYR F 34 12.24 -24.71 -2.01
C TYR F 34 12.29 -25.08 -0.54
N TYR F 35 13.51 -25.32 -0.05
CA TYR F 35 13.77 -25.52 1.37
C TYR F 35 14.86 -24.52 1.77
N LEU F 36 14.50 -23.56 2.61
CA LEU F 36 15.39 -22.45 2.95
C LEU F 36 15.69 -22.46 4.43
N GLN F 37 16.92 -22.07 4.78
CA GLN F 37 17.36 -21.90 6.15
C GLN F 37 18.26 -20.66 6.23
N HIS F 38 18.30 -20.06 7.41
CA HIS F 38 19.21 -18.96 7.73
C HIS F 38 19.14 -17.84 6.69
N CYS F 39 17.96 -17.26 6.56
CA CYS F 39 17.75 -16.17 5.60
C CYS F 39 16.46 -15.45 5.92
N ARG F 40 16.37 -14.21 5.45
CA ARG F 40 15.18 -13.39 5.59
C ARG F 40 14.46 -13.30 4.25
N ILE F 41 13.16 -13.61 4.24
CA ILE F 41 12.35 -13.53 3.03
C ILE F 41 11.51 -12.27 3.12
N LEU F 42 11.73 -11.35 2.19
CA LEU F 42 11.03 -10.08 2.16
C LEU F 42 10.82 -9.68 0.71
N VAL F 43 10.28 -8.47 0.52
CA VAL F 43 10.07 -7.91 -0.80
C VAL F 43 10.98 -6.71 -0.96
N ASN F 44 11.82 -6.75 -1.99
CA ASN F 44 12.77 -5.68 -2.30
C ASN F 44 12.52 -5.22 -3.74
N GLY F 45 12.12 -3.97 -3.90
CA GLY F 45 11.76 -3.48 -5.23
C GLY F 45 10.61 -4.24 -5.85
N GLY F 46 9.57 -4.51 -5.07
CA GLY F 46 8.42 -5.25 -5.55
C GLY F 46 8.65 -6.72 -5.82
N ARG F 47 9.87 -7.23 -5.67
CA ARG F 47 10.19 -8.62 -5.96
C ARG F 47 10.45 -9.37 -4.66
N VAL F 48 10.06 -10.65 -4.64
CA VAL F 48 10.28 -11.50 -3.48
C VAL F 48 11.67 -12.11 -3.56
N GLU F 49 12.47 -11.90 -2.51
CA GLU F 49 13.83 -12.38 -2.43
C GLU F 49 14.09 -12.90 -1.04
N TYR F 50 15.00 -13.87 -0.94
CA TYR F 50 15.50 -14.31 0.36
C TYR F 50 16.95 -13.86 0.49
N VAL F 51 17.27 -13.27 1.64
CA VAL F 51 18.54 -12.60 1.88
C VAL F 51 19.35 -13.45 2.85
N THR F 52 20.51 -13.92 2.40
CA THR F 52 21.46 -14.59 3.27
C THR F 52 22.54 -13.61 3.71
N GLU F 53 23.14 -13.89 4.87
CA GLU F 53 24.15 -13.02 5.49
C GLU F 53 25.45 -13.79 5.61
N GLU F 54 26.34 -13.61 4.62
CA GLU F 54 27.68 -14.21 4.63
C GLU F 54 28.66 -13.15 5.11
N GLY F 55 29.01 -13.23 6.40
CA GLY F 55 29.89 -12.25 7.00
C GLY F 55 29.17 -10.99 7.41
N ASN F 56 29.56 -9.86 6.81
CA ASN F 56 28.91 -8.58 7.04
C ASN F 56 28.23 -8.04 5.78
N GLN F 57 28.15 -8.86 4.72
CA GLN F 57 27.52 -8.47 3.46
C GLN F 57 26.28 -9.32 3.23
N SER F 58 25.19 -8.67 2.84
CA SER F 58 23.95 -9.36 2.53
C SER F 58 23.89 -9.70 1.04
N LEU F 59 23.29 -10.84 0.73
CA LEU F 59 23.17 -11.32 -0.63
C LEU F 59 21.70 -11.64 -0.93
N TYR F 60 21.20 -11.09 -2.03
CA TYR F 60 19.79 -11.20 -2.39
C TYR F 60 19.62 -12.25 -3.48
N TRP F 61 18.69 -13.18 -3.24
CA TRP F 61 18.45 -14.31 -4.14
C TRP F 61 16.98 -14.33 -4.50
N ASN F 62 16.68 -14.28 -5.80
CA ASN F 62 15.30 -14.22 -6.25
C ASN F 62 14.60 -15.57 -6.06
N ILE F 63 13.32 -15.51 -5.72
CA ILE F 63 12.44 -16.67 -5.64
C ILE F 63 11.42 -16.58 -6.76
N PRO F 64 11.40 -17.49 -7.72
CA PRO F 64 10.38 -17.43 -8.77
C PRO F 64 9.06 -18.01 -8.32
N ILE F 65 8.15 -17.16 -7.83
CA ILE F 65 6.92 -17.65 -7.22
C ILE F 65 5.96 -18.20 -8.27
N ALA F 66 6.05 -17.72 -9.51
CA ALA F 66 5.16 -18.24 -10.54
C ALA F 66 5.49 -19.69 -10.88
N ASN F 67 6.74 -20.10 -10.69
CA ASN F 67 7.20 -21.45 -10.98
C ASN F 67 7.44 -22.27 -9.72
N THR F 68 6.89 -21.83 -8.58
CA THR F 68 7.11 -22.47 -7.29
C THR F 68 5.78 -22.89 -6.69
N SER F 69 5.72 -24.12 -6.18
CA SER F 69 4.49 -24.63 -5.57
C SER F 69 4.50 -24.52 -4.05
N VAL F 70 5.66 -24.72 -3.42
CA VAL F 70 5.76 -24.72 -1.96
C VAL F 70 7.16 -24.27 -1.57
N VAL F 71 7.23 -23.50 -0.49
CA VAL F 71 8.49 -23.10 0.11
C VAL F 71 8.46 -23.55 1.56
N MET F 72 9.45 -24.35 1.95
CA MET F 72 9.58 -24.82 3.32
C MET F 72 10.62 -23.96 4.02
N LEU F 73 10.28 -23.48 5.22
CA LEU F 73 11.14 -22.58 5.99
C LEU F 73 11.62 -23.27 7.24
N GLY F 74 12.93 -23.43 7.36
CA GLY F 74 13.55 -24.11 8.49
C GLY F 74 14.14 -23.15 9.50
N THR F 75 15.24 -23.57 10.11
CA THR F 75 15.86 -22.80 11.18
C THR F 75 16.36 -21.45 10.67
N GLY F 76 16.16 -20.43 11.49
CA GLY F 76 16.72 -19.12 11.19
C GLY F 76 16.08 -18.41 10.02
N THR F 77 14.81 -18.70 9.75
CA THR F 77 14.08 -18.04 8.67
C THR F 77 13.07 -17.06 9.25
N SER F 78 12.77 -16.03 8.45
CA SER F 78 11.71 -15.09 8.77
C SER F 78 11.08 -14.64 7.46
N VAL F 79 9.82 -14.20 7.53
CA VAL F 79 9.09 -13.75 6.36
C VAL F 79 8.29 -12.50 6.72
N THR F 80 8.17 -11.57 5.77
CA THR F 80 7.40 -10.36 5.97
C THR F 80 5.99 -10.51 5.41
N GLN F 81 5.09 -9.64 5.89
CA GLN F 81 3.72 -9.68 5.41
C GLN F 81 3.63 -9.34 3.93
N ALA F 82 4.47 -8.41 3.45
CA ALA F 82 4.47 -8.11 2.02
C ALA F 82 4.86 -9.33 1.20
N ALA F 83 5.82 -10.11 1.68
CA ALA F 83 6.21 -11.32 0.97
C ALA F 83 5.10 -12.35 1.03
N MET F 84 4.45 -12.50 2.18
CA MET F 84 3.33 -13.43 2.29
C MET F 84 2.18 -13.00 1.39
N ARG F 85 2.05 -11.71 1.11
CA ARG F 85 1.00 -11.26 0.22
C ARG F 85 1.25 -11.75 -1.20
N GLU F 86 2.50 -11.68 -1.66
CA GLU F 86 2.82 -12.17 -3.00
C GLU F 86 2.71 -13.68 -3.07
N PHE F 87 3.14 -14.38 -2.01
CA PHE F 87 3.00 -15.83 -1.98
C PHE F 87 1.55 -16.25 -2.15
N ALA F 88 0.65 -15.64 -1.35
CA ALA F 88 -0.76 -16.01 -1.41
C ALA F 88 -1.36 -15.66 -2.77
N ARG F 89 -1.00 -14.50 -3.32
CA ARG F 89 -1.47 -14.09 -4.63
C ARG F 89 -1.01 -15.05 -5.72
N ALA F 90 0.17 -15.65 -5.55
CA ALA F 90 0.69 -16.65 -6.49
C ALA F 90 0.28 -18.07 -6.15
N GLY F 91 -0.48 -18.28 -5.07
CA GLY F 91 -0.88 -19.62 -4.67
C GLY F 91 0.24 -20.49 -4.16
N VAL F 92 1.25 -19.91 -3.53
CA VAL F 92 2.41 -20.65 -3.04
C VAL F 92 2.18 -21.03 -1.59
N MET F 93 2.24 -22.33 -1.30
CA MET F 93 2.13 -22.83 0.06
C MET F 93 3.40 -22.54 0.85
N ILE F 94 3.26 -22.01 2.06
CA ILE F 94 4.38 -21.67 2.93
C ILE F 94 4.28 -22.52 4.20
N GLY F 95 5.37 -23.17 4.56
CA GLY F 95 5.41 -23.96 5.78
C GLY F 95 6.66 -23.69 6.59
N PHE F 96 6.47 -23.57 7.90
CA PHE F 96 7.57 -23.45 8.84
C PHE F 96 7.82 -24.81 9.47
N CYS F 97 9.01 -25.36 9.25
CA CYS F 97 9.41 -26.63 9.83
C CYS F 97 10.63 -26.42 10.72
N GLY F 98 10.98 -27.48 11.46
CA GLY F 98 12.06 -27.38 12.41
C GLY F 98 13.43 -27.20 11.79
N GLY F 99 13.63 -27.74 10.59
CA GLY F 99 14.93 -27.66 9.96
C GLY F 99 15.76 -28.91 10.18
N GLY F 100 16.39 -29.40 9.12
CA GLY F 100 17.22 -30.59 9.22
C GLY F 100 16.46 -31.88 9.49
N GLY F 101 15.22 -31.98 9.02
CA GLY F 101 14.43 -33.18 9.24
C GLY F 101 13.74 -33.23 10.59
N THR F 102 13.78 -32.16 11.36
CA THR F 102 13.17 -32.09 12.68
C THR F 102 11.81 -31.41 12.60
N PRO F 103 10.90 -31.70 13.52
CA PRO F 103 9.62 -30.98 13.55
C PRO F 103 9.81 -29.55 14.03
N LEU F 104 8.85 -28.70 13.64
CA LEU F 104 8.89 -27.30 14.07
C LEU F 104 8.84 -27.22 15.59
N PHE F 105 7.91 -27.95 16.20
CA PHE F 105 7.80 -28.04 17.66
C PHE F 105 7.77 -29.51 18.06
N ALA F 106 8.72 -29.92 18.89
CA ALA F 106 8.83 -31.28 19.38
C ALA F 106 7.65 -31.64 20.29
N GLU F 111 3.36 -32.45 19.42
CA GLU F 111 4.33 -32.21 18.35
C GLU F 111 3.64 -31.64 17.11
N VAL F 112 4.24 -30.60 16.52
CA VAL F 112 3.76 -30.00 15.28
C VAL F 112 4.89 -30.02 14.27
N ALA F 113 4.74 -30.83 13.22
CA ALA F 113 5.79 -31.00 12.23
C ALA F 113 6.00 -29.72 11.42
N VAL F 114 4.94 -29.21 10.82
CA VAL F 114 5.00 -28.00 10.00
C VAL F 114 3.80 -27.12 10.36
N SER F 115 4.06 -25.82 10.53
CA SER F 115 3.01 -24.81 10.62
C SER F 115 2.76 -24.28 9.22
N TRP F 116 1.60 -24.61 8.65
CA TRP F 116 1.27 -24.27 7.27
C TRP F 116 0.56 -22.91 7.19
N LEU F 117 0.99 -22.07 6.26
CA LEU F 117 0.34 -20.81 5.95
C LEU F 117 -0.33 -20.96 4.58
N SER F 118 -1.57 -21.43 4.59
CA SER F 118 -2.27 -21.71 3.33
C SER F 118 -2.82 -20.42 2.73
N PRO F 119 -2.63 -20.18 1.44
CA PRO F 119 -3.27 -19.01 0.81
C PRO F 119 -4.78 -19.09 0.94
N GLN F 120 -5.39 -17.96 1.28
CA GLN F 120 -6.83 -17.86 1.52
C GLN F 120 -7.54 -17.03 0.47
N SER F 121 -6.82 -16.45 -0.49
CA SER F 121 -7.40 -15.50 -1.42
C SER F 121 -7.83 -16.12 -2.74
N GLU F 122 -7.17 -17.19 -3.18
CA GLU F 122 -7.53 -17.87 -4.41
C GLU F 122 -8.53 -18.98 -4.08
N TYR F 123 -9.79 -18.78 -4.44
CA TYR F 123 -10.84 -19.71 -4.05
C TYR F 123 -10.71 -21.03 -4.81
N ARG F 124 -10.77 -22.11 -4.07
CA ARG F 124 -10.57 -23.47 -4.54
C ARG F 124 -11.89 -24.10 -4.97
N PRO F 125 -11.84 -25.21 -5.73
CA PRO F 125 -13.09 -25.91 -6.06
C PRO F 125 -13.80 -26.42 -4.82
N THR F 126 -15.09 -26.72 -4.99
CA THR F 126 -15.93 -27.14 -3.87
C THR F 126 -16.30 -28.61 -3.91
N GLU F 127 -16.24 -29.26 -5.08
CA GLU F 127 -16.85 -30.59 -5.22
C GLU F 127 -16.14 -31.64 -4.38
N TYR F 128 -14.80 -31.59 -4.33
CA TYR F 128 -14.07 -32.61 -3.59
C TYR F 128 -14.21 -32.40 -2.09
N LEU F 129 -14.25 -31.15 -1.65
CA LEU F 129 -14.46 -30.87 -0.23
C LEU F 129 -15.82 -31.37 0.24
N GLN F 130 -16.87 -31.13 -0.55
CA GLN F 130 -18.19 -31.63 -0.19
C GLN F 130 -18.22 -33.15 -0.19
N ASP F 131 -17.54 -33.78 -1.17
CA ASP F 131 -17.41 -35.23 -1.15
C ASP F 131 -16.68 -35.70 0.09
N TRP F 132 -15.63 -34.98 0.49
CA TRP F 132 -14.82 -35.42 1.63
C TRP F 132 -15.62 -35.35 2.93
N VAL F 133 -16.25 -34.21 3.22
CA VAL F 133 -16.99 -34.07 4.46
C VAL F 133 -18.27 -34.91 4.49
N SER F 134 -18.70 -35.43 3.34
CA SER F 134 -19.90 -36.27 3.34
C SER F 134 -19.64 -37.64 3.98
N PHE F 135 -18.38 -38.06 4.10
CA PHE F 135 -18.05 -39.34 4.70
C PHE F 135 -17.05 -39.25 5.86
N TRP F 136 -16.36 -38.12 6.02
CA TRP F 136 -15.21 -38.10 6.92
C TRP F 136 -15.59 -38.39 8.36
N PHE F 137 -16.82 -38.08 8.76
CA PHE F 137 -17.23 -38.31 10.15
C PHE F 137 -17.69 -39.74 10.41
N ASP F 138 -17.78 -40.57 9.38
CA ASP F 138 -18.05 -42.00 9.55
C ASP F 138 -16.72 -42.72 9.75
N ASP F 139 -16.57 -43.41 10.89
CA ASP F 139 -15.31 -44.08 11.19
C ASP F 139 -14.98 -45.14 10.15
N GLU F 140 -15.99 -45.90 9.69
CA GLU F 140 -15.75 -46.95 8.72
C GLU F 140 -15.33 -46.36 7.38
N LYS F 141 -15.97 -45.28 6.96
CA LYS F 141 -15.58 -44.64 5.71
C LYS F 141 -14.19 -44.03 5.81
N ARG F 142 -13.80 -43.57 7.00
CA ARG F 142 -12.45 -43.07 7.19
C ARG F 142 -11.45 -44.22 7.14
N LEU F 143 -11.82 -45.39 7.66
CA LEU F 143 -10.95 -46.56 7.56
C LEU F 143 -10.79 -47.00 6.10
N ALA F 144 -11.89 -46.92 5.32
CA ALA F 144 -11.81 -47.29 3.92
C ALA F 144 -10.88 -46.36 3.15
N ALA F 145 -10.87 -45.07 3.51
CA ALA F 145 -9.99 -44.13 2.85
C ALA F 145 -8.53 -44.42 3.18
N ALA F 146 -8.23 -44.69 4.45
CA ALA F 146 -6.85 -44.96 4.84
C ALA F 146 -6.30 -46.19 4.15
N ILE F 147 -7.12 -47.24 4.05
CA ILE F 147 -6.71 -48.45 3.34
C ILE F 147 -6.50 -48.15 1.86
N ALA F 148 -7.44 -47.42 1.24
CA ALA F 148 -7.29 -47.06 -0.16
C ALA F 148 -6.02 -46.24 -0.38
N PHE F 149 -5.62 -45.43 0.60
CA PHE F 149 -4.34 -44.72 0.47
C PHE F 149 -3.18 -45.70 0.46
N GLN F 150 -3.18 -46.66 1.39
CA GLN F 150 -2.09 -47.63 1.46
C GLN F 150 -2.05 -48.52 0.23
N GLN F 151 -3.21 -48.79 -0.38
CA GLN F 151 -3.22 -49.56 -1.61
C GLN F 151 -2.59 -48.79 -2.76
N VAL F 152 -2.84 -47.48 -2.84
CA VAL F 152 -2.13 -46.64 -3.80
C VAL F 152 -0.63 -46.65 -3.52
N ARG F 153 -0.27 -46.64 -2.23
CA ARG F 153 1.14 -46.70 -1.86
C ARG F 153 1.79 -47.97 -2.38
N ILE F 154 1.10 -49.10 -2.24
CA ILE F 154 1.62 -50.37 -2.76
C ILE F 154 1.86 -50.26 -4.27
N THR F 155 0.91 -49.70 -5.00
CA THR F 155 1.07 -49.55 -6.44
C THR F 155 2.25 -48.63 -6.76
N GLN F 156 2.40 -47.53 -6.02
CA GLN F 156 3.50 -46.59 -6.30
C GLN F 156 4.86 -47.23 -6.04
N ILE F 157 4.97 -48.03 -4.98
CA ILE F 157 6.25 -48.69 -4.69
C ILE F 157 6.60 -49.66 -5.80
N ARG F 158 5.66 -50.55 -6.15
CA ARG F 158 5.90 -51.51 -7.23
C ARG F 158 6.27 -50.81 -8.53
N GLN F 159 5.64 -49.67 -8.82
CA GLN F 159 5.85 -49.02 -10.09
C GLN F 159 7.25 -48.42 -10.18
N HIS F 160 7.63 -47.63 -9.17
CA HIS F 160 8.86 -46.86 -9.26
C HIS F 160 10.09 -47.64 -8.81
N TRP F 161 9.94 -48.64 -7.95
CA TRP F 161 11.06 -49.49 -7.58
C TRP F 161 11.47 -50.45 -8.69
N LEU F 162 10.56 -50.75 -9.61
CA LEU F 162 10.84 -51.65 -10.73
C LEU F 162 10.82 -50.93 -12.06
N GLY F 163 10.63 -49.61 -12.07
CA GLY F 163 10.52 -48.85 -13.31
C GLY F 163 11.86 -48.64 -14.00
N SER F 164 11.79 -47.90 -15.11
CA SER F 164 12.98 -47.64 -15.91
C SER F 164 13.88 -46.60 -15.25
N ARG F 165 13.30 -45.60 -14.59
CA ARG F 165 14.08 -44.50 -14.03
C ARG F 165 15.05 -45.00 -12.96
N LEU F 166 14.57 -45.87 -12.06
CA LEU F 166 15.41 -46.40 -10.99
C LEU F 166 16.33 -47.50 -11.48
N SER F 167 15.98 -48.19 -12.57
CA SER F 167 16.85 -49.22 -13.12
C SER F 167 18.13 -48.63 -13.68
N ARG F 168 18.11 -47.36 -14.11
CA ARG F 168 19.32 -46.72 -14.59
C ARG F 168 20.35 -46.51 -13.49
N GLU F 169 19.94 -46.56 -12.22
CA GLU F 169 20.86 -46.48 -11.08
C GLU F 169 21.40 -47.86 -10.80
N SER F 170 22.65 -48.12 -11.22
CA SER F 170 23.26 -49.42 -10.97
C SER F 170 23.58 -49.62 -9.50
N ARG F 171 23.59 -48.54 -8.71
CA ARG F 171 23.82 -48.64 -7.27
C ARG F 171 22.65 -49.29 -6.55
N PHE F 172 21.46 -49.32 -7.16
CA PHE F 172 20.25 -49.85 -6.52
C PHE F 172 19.90 -51.17 -7.19
N THR F 173 20.34 -52.28 -6.59
CA THR F 173 20.12 -53.61 -7.14
C THR F 173 19.45 -54.49 -6.10
N PHE F 174 18.30 -55.06 -6.44
CA PHE F 174 17.56 -55.91 -5.52
C PHE F 174 16.79 -56.96 -6.30
N LYS F 175 16.38 -58.02 -5.60
CA LYS F 175 15.60 -59.09 -6.20
C LYS F 175 14.13 -58.71 -6.22
N SER F 176 13.55 -58.66 -7.42
CA SER F 176 12.15 -58.24 -7.55
C SER F 176 11.21 -59.18 -6.80
N GLU F 177 11.57 -60.46 -6.68
CA GLU F 177 10.72 -61.40 -5.95
C GLU F 177 10.60 -61.03 -4.48
N HIS F 178 11.66 -60.46 -3.90
CA HIS F 178 11.61 -60.06 -2.49
C HIS F 178 10.61 -58.94 -2.28
N LEU F 179 10.63 -57.93 -3.15
CA LEU F 179 9.69 -56.82 -3.04
C LEU F 179 8.26 -57.30 -3.25
N GLN F 180 8.03 -58.16 -4.25
CA GLN F 180 6.67 -58.65 -4.51
C GLN F 180 6.10 -59.41 -3.32
N ALA F 181 6.88 -60.29 -2.73
CA ALA F 181 6.38 -61.00 -1.55
C ALA F 181 6.05 -60.01 -0.45
N LEU F 182 6.85 -58.95 -0.32
CA LEU F 182 6.59 -57.93 0.68
C LEU F 182 5.30 -57.17 0.37
N LEU F 183 5.17 -56.69 -0.88
CA LEU F 183 3.98 -55.93 -1.25
C LEU F 183 2.72 -56.78 -1.18
N ASP F 184 2.81 -58.05 -1.56
CA ASP F 184 1.63 -58.92 -1.49
C ASP F 184 1.28 -59.23 -0.03
N ARG F 185 2.28 -59.38 0.83
CA ARG F 185 2.04 -59.62 2.24
C ARG F 185 1.36 -58.43 2.91
N TYR F 186 1.79 -57.22 2.54
CA TYR F 186 1.14 -56.02 3.07
C TYR F 186 -0.26 -55.86 2.51
N GLN F 187 -0.45 -56.21 1.23
CA GLN F 187 -1.78 -56.11 0.63
C GLN F 187 -2.79 -57.00 1.35
N LYS F 188 -2.39 -58.23 1.68
CA LYS F 188 -3.29 -59.12 2.40
C LYS F 188 -3.48 -58.67 3.85
N GLY F 189 -2.45 -58.08 4.46
CA GLY F 189 -2.60 -57.58 5.81
C GLY F 189 -3.61 -56.45 5.91
N LEU F 190 -3.72 -55.64 4.85
CA LEU F 190 -4.69 -54.54 4.86
C LEU F 190 -6.12 -55.06 4.90
N THR F 191 -6.39 -56.18 4.23
CA THR F 191 -7.74 -56.73 4.25
C THR F 191 -8.14 -57.19 5.64
N ASP F 192 -7.18 -57.62 6.45
CA ASP F 192 -7.48 -58.07 7.81
C ASP F 192 -7.71 -56.92 8.78
N CYS F 193 -7.35 -55.70 8.41
CA CYS F 193 -7.48 -54.58 9.33
C CYS F 193 -8.94 -54.22 9.56
N ARG F 194 -9.27 -53.91 10.82
CA ARG F 194 -10.60 -53.49 11.18
C ARG F 194 -10.64 -52.14 11.90
N THR F 195 -9.50 -51.63 12.36
CA THR F 195 -9.41 -50.33 12.98
C THR F 195 -8.26 -49.56 12.34
N SER F 196 -8.19 -48.26 12.62
CA SER F 196 -7.07 -47.47 12.12
C SER F 196 -5.76 -47.88 12.77
N ASN F 197 -5.81 -48.41 14.00
CA ASN F 197 -4.59 -48.87 14.65
C ASN F 197 -4.07 -50.14 13.97
N ASP F 198 -4.96 -51.00 13.48
CA ASP F 198 -4.51 -52.18 12.75
C ASP F 198 -3.69 -51.78 11.54
N VAL F 199 -4.10 -50.72 10.83
CA VAL F 199 -3.36 -50.26 9.66
C VAL F 199 -2.01 -49.69 10.08
N LEU F 200 -1.97 -48.95 11.20
CA LEU F 200 -0.71 -48.42 11.67
C LEU F 200 0.28 -49.53 12.02
N VAL F 201 -0.23 -50.63 12.57
CA VAL F 201 0.65 -51.75 12.91
C VAL F 201 1.19 -52.41 11.64
N GLN F 202 0.32 -52.63 10.65
CA GLN F 202 0.76 -53.24 9.40
C GLN F 202 1.72 -52.34 8.65
N GLU F 203 1.50 -51.03 8.70
CA GLU F 203 2.41 -50.10 8.03
C GLU F 203 3.81 -50.17 8.63
N ALA F 204 3.91 -50.33 9.95
CA ALA F 204 5.21 -50.44 10.59
C ALA F 204 5.94 -51.69 10.13
N MET F 205 5.24 -52.83 10.09
CA MET F 205 5.85 -54.07 9.65
C MET F 205 6.35 -53.98 8.22
N MET F 206 5.56 -53.39 7.34
CA MET F 206 5.93 -53.27 5.93
C MET F 206 7.16 -52.36 5.77
N THR F 207 7.16 -51.22 6.46
CA THR F 207 8.24 -50.25 6.30
C THR F 207 9.56 -50.78 6.87
N LYS F 208 9.49 -51.59 7.94
CA LYS F 208 10.72 -52.17 8.50
C LYS F 208 11.38 -53.09 7.48
N ALA F 209 10.59 -53.96 6.85
CA ALA F 209 11.15 -54.82 5.82
C ALA F 209 11.56 -54.03 4.59
N LEU F 210 10.85 -52.93 4.30
CA LEU F 210 11.18 -52.12 3.14
C LEU F 210 12.47 -51.33 3.34
N TYR F 211 12.75 -50.91 4.57
CA TYR F 211 14.02 -50.26 4.85
C TYR F 211 15.18 -51.22 4.63
N ARG F 212 15.05 -52.45 5.11
CA ARG F 212 16.10 -53.44 4.93
C ARG F 212 16.32 -53.75 3.45
N LEU F 213 15.24 -53.82 2.69
CA LEU F 213 15.38 -54.10 1.26
C LEU F 213 16.13 -52.96 0.56
N ALA F 214 15.83 -51.71 0.94
CA ALA F 214 16.52 -50.58 0.33
C ALA F 214 17.97 -50.52 0.77
N ALA F 215 18.23 -50.83 2.05
CA ALA F 215 19.60 -50.83 2.55
C ALA F 215 20.46 -51.87 1.82
N ASN F 216 19.94 -53.09 1.69
CA ASN F 216 20.69 -54.13 0.98
C ASN F 216 20.84 -53.78 -0.49
N ALA F 217 19.89 -53.05 -1.06
CA ALA F 217 19.94 -52.72 -2.48
C ALA F 217 21.16 -51.88 -2.84
N VAL F 218 21.70 -51.12 -1.88
CA VAL F 218 22.85 -50.27 -2.14
C VAL F 218 24.09 -50.75 -1.37
N SER F 219 23.99 -51.91 -0.71
CA SER F 219 25.09 -52.43 0.11
C SER F 219 25.43 -51.46 1.23
N TYR F 220 24.39 -50.98 1.91
CA TYR F 220 24.58 -49.99 2.96
C TYR F 220 25.17 -50.60 4.22
N GLY F 221 24.84 -51.85 4.50
CA GLY F 221 25.25 -52.47 5.74
C GLY F 221 24.15 -52.38 6.78
N ASP F 222 24.54 -52.26 8.06
CA ASP F 222 23.55 -52.19 9.13
C ASP F 222 22.79 -50.88 9.08
N PHE F 223 21.47 -50.96 9.29
CA PHE F 223 20.63 -49.78 9.27
C PHE F 223 19.47 -49.94 10.25
N THR F 224 19.23 -48.91 11.05
CA THR F 224 18.06 -48.84 11.90
C THR F 224 17.46 -47.45 11.78
N ARG F 225 16.16 -47.38 11.51
CA ARG F 225 15.49 -46.10 11.30
C ARG F 225 15.44 -45.32 12.61
N ALA F 226 15.94 -44.08 12.58
CA ALA F 226 15.84 -43.17 13.71
C ALA F 226 14.46 -42.52 13.68
N LYS F 227 13.57 -42.97 14.57
CA LYS F 227 12.20 -42.46 14.55
C LYS F 227 12.12 -41.02 15.03
N ARG F 228 12.84 -40.68 16.09
CA ARG F 228 12.77 -39.32 16.63
C ARG F 228 13.42 -38.30 15.71
N GLY F 229 14.37 -38.72 14.88
CA GLY F 229 15.12 -37.81 14.03
C GLY F 229 16.53 -37.53 14.50
N GLY F 230 16.99 -38.21 15.55
CA GLY F 230 18.33 -38.02 16.05
C GLY F 230 19.32 -39.00 15.45
N GLY F 231 19.25 -39.20 14.14
CA GLY F 231 20.15 -40.09 13.44
C GLY F 231 21.32 -39.32 12.85
N THR F 232 22.52 -39.89 13.01
CA THR F 232 23.73 -39.27 12.51
C THR F 232 24.15 -39.77 11.13
N ASP F 233 23.79 -41.00 10.78
CA ASP F 233 24.15 -41.55 9.49
C ASP F 233 23.38 -40.87 8.36
N LEU F 234 23.98 -40.90 7.17
CA LEU F 234 23.41 -40.17 6.04
C LEU F 234 22.03 -40.70 5.64
N ALA F 235 21.79 -42.00 5.81
CA ALA F 235 20.50 -42.57 5.40
C ALA F 235 19.35 -41.99 6.22
N ASN F 236 19.49 -41.97 7.55
CA ASN F 236 18.44 -41.41 8.39
C ASN F 236 18.28 -39.92 8.14
N ARG F 237 19.38 -39.20 7.93
CA ARG F 237 19.32 -37.77 7.70
C ARG F 237 18.59 -37.45 6.41
N PHE F 238 18.86 -38.20 5.35
CA PHE F 238 18.18 -37.96 4.07
C PHE F 238 16.72 -38.38 4.13
N LEU F 239 16.43 -39.47 4.85
CA LEU F 239 15.04 -39.87 5.02
C LEU F 239 14.23 -38.81 5.76
N ASP F 240 14.84 -38.17 6.76
CA ASP F 240 14.15 -37.10 7.49
C ASP F 240 13.92 -35.89 6.58
N HIS F 241 14.95 -35.47 5.85
CA HIS F 241 14.82 -34.29 5.01
C HIS F 241 13.90 -34.55 3.83
N GLY F 242 13.94 -35.75 3.25
CA GLY F 242 13.06 -36.06 2.14
C GLY F 242 11.59 -36.10 2.53
N ASN F 243 11.30 -36.46 3.78
CA ASN F 243 9.92 -36.50 4.23
C ASN F 243 9.30 -35.11 4.26
N TYR F 244 10.04 -34.10 4.73
CA TYR F 244 9.51 -32.75 4.76
C TYR F 244 9.37 -32.17 3.36
N LEU F 245 10.19 -32.63 2.41
CA LEU F 245 9.94 -32.28 1.01
C LEU F 245 8.63 -32.89 0.53
N ALA F 246 8.35 -34.14 0.91
CA ALA F 246 7.10 -34.77 0.53
C ALA F 246 5.90 -34.09 1.22
N TYR F 247 6.09 -33.64 2.46
CA TYR F 247 5.02 -32.93 3.17
C TYR F 247 4.64 -31.64 2.44
N GLY F 248 5.63 -30.88 1.98
CA GLY F 248 5.31 -29.67 1.25
C GLY F 248 4.54 -29.96 -0.03
N LEU F 249 4.86 -31.07 -0.70
CA LEU F 249 4.12 -31.46 -1.88
C LEU F 249 2.71 -31.94 -1.50
N ALA F 250 2.60 -32.67 -0.40
CA ALA F 250 1.28 -33.11 0.04
C ALA F 250 0.41 -31.93 0.49
N ALA F 251 1.02 -30.90 1.08
CA ALA F 251 0.26 -29.72 1.45
C ALA F 251 -0.31 -29.01 0.22
N VAL F 252 0.44 -29.02 -0.89
CA VAL F 252 -0.05 -28.43 -2.13
C VAL F 252 -1.22 -29.25 -2.67
N SER F 253 -1.15 -30.58 -2.56
CA SER F 253 -2.20 -31.42 -3.14
C SER F 253 -3.53 -31.18 -2.45
N THR F 254 -3.54 -31.19 -1.12
CA THR F 254 -4.78 -30.97 -0.41
C THR F 254 -5.31 -29.55 -0.62
N TRP F 255 -4.42 -28.58 -0.76
CA TRP F 255 -4.86 -27.21 -0.96
C TRP F 255 -5.53 -27.04 -2.32
N VAL F 256 -4.90 -27.55 -3.38
CA VAL F 256 -5.45 -27.43 -4.73
C VAL F 256 -6.89 -27.94 -4.78
N LEU F 257 -7.17 -29.05 -4.10
CA LEU F 257 -8.49 -29.64 -4.07
C LEU F 257 -9.36 -29.07 -2.95
N GLY F 258 -8.91 -28.01 -2.29
CA GLY F 258 -9.69 -27.37 -1.23
C GLY F 258 -9.95 -28.27 -0.03
N LEU F 259 -9.04 -29.21 0.25
CA LEU F 259 -9.22 -30.13 1.37
C LEU F 259 -8.43 -29.62 2.56
N PRO F 260 -9.06 -29.36 3.70
CA PRO F 260 -8.31 -28.88 4.87
C PRO F 260 -7.42 -29.96 5.46
N HIS F 261 -6.23 -29.52 5.89
CA HIS F 261 -5.20 -30.45 6.37
C HIS F 261 -5.66 -31.27 7.56
N GLY F 262 -6.65 -30.80 8.31
CA GLY F 262 -7.06 -31.51 9.50
C GLY F 262 -7.99 -32.69 9.30
N LEU F 263 -8.45 -32.95 8.08
CA LEU F 263 -9.39 -34.04 7.82
C LEU F 263 -8.63 -35.27 7.36
N ALA F 264 -7.82 -35.80 8.28
CA ALA F 264 -6.98 -36.94 8.02
C ALA F 264 -7.76 -38.24 8.10
N VAL F 265 -7.16 -39.31 7.58
CA VAL F 265 -7.80 -40.61 7.56
C VAL F 265 -7.02 -41.68 8.32
N LEU F 266 -5.72 -41.50 8.52
CA LEU F 266 -4.89 -42.50 9.21
C LEU F 266 -4.04 -41.88 10.30
N HIS F 267 -3.28 -40.85 9.94
CA HIS F 267 -2.37 -40.15 10.85
C HIS F 267 -3.02 -38.96 11.53
N GLY F 268 -4.35 -38.93 11.63
CA GLY F 268 -5.00 -37.81 12.28
C GLY F 268 -4.79 -37.80 13.78
N LYS F 269 -4.83 -38.96 14.42
CA LYS F 269 -4.66 -39.01 15.86
C LYS F 269 -3.22 -38.65 16.21
N THR F 270 -3.07 -37.85 17.27
CA THR F 270 -1.78 -37.43 17.82
C THR F 270 -0.95 -36.57 16.87
N ARG F 271 -1.46 -36.24 15.69
CA ARG F 271 -0.70 -35.45 14.72
C ARG F 271 -1.58 -34.36 14.13
N ARG F 272 -1.14 -33.11 14.28
CA ARG F 272 -1.85 -31.98 13.68
C ARG F 272 -1.47 -31.85 12.21
N GLY F 273 -2.46 -31.56 11.38
CA GLY F 273 -2.26 -31.52 9.95
C GLY F 273 -2.12 -32.91 9.36
N GLY F 274 -2.93 -33.86 9.84
CA GLY F 274 -2.70 -35.26 9.53
C GLY F 274 -2.81 -35.58 8.05
N LEU F 275 -3.79 -34.97 7.36
CA LEU F 275 -4.01 -35.34 5.97
C LEU F 275 -2.77 -35.09 5.12
N VAL F 276 -1.94 -34.12 5.49
CA VAL F 276 -0.67 -33.93 4.79
C VAL F 276 0.20 -35.17 4.92
N PHE F 277 0.23 -35.77 6.11
CA PHE F 277 1.05 -36.96 6.31
C PHE F 277 0.47 -38.15 5.57
N ASP F 278 -0.85 -38.29 5.58
CA ASP F 278 -1.48 -39.39 4.85
C ASP F 278 -1.18 -39.29 3.36
N VAL F 279 -1.30 -38.11 2.79
CA VAL F 279 -1.06 -37.92 1.37
C VAL F 279 0.42 -38.09 1.04
N ALA F 280 1.31 -37.72 1.96
CA ALA F 280 2.74 -37.90 1.71
C ALA F 280 3.13 -39.37 1.63
N ASP F 281 2.44 -40.25 2.37
CA ASP F 281 2.73 -41.67 2.30
C ASP F 281 2.52 -42.26 0.91
N LEU F 282 1.77 -41.56 0.05
CA LEU F 282 1.50 -42.11 -1.28
C LEU F 282 2.78 -42.21 -2.12
N ILE F 283 3.75 -41.33 -1.88
CA ILE F 283 4.93 -41.25 -2.73
C ILE F 283 6.23 -41.32 -1.96
N LYS F 284 6.18 -41.33 -0.62
CA LYS F 284 7.39 -41.22 0.19
C LYS F 284 8.28 -42.45 0.05
N ASP F 285 7.72 -43.65 0.27
CA ASP F 285 8.52 -44.86 0.15
C ASP F 285 8.88 -45.16 -1.30
N ALA F 286 8.04 -44.74 -2.25
CA ALA F 286 8.29 -45.07 -3.65
C ALA F 286 9.33 -44.18 -4.28
N LEU F 287 9.47 -42.94 -3.81
CA LEU F 287 10.37 -41.97 -4.43
C LEU F 287 11.50 -41.53 -3.49
N VAL F 288 11.18 -41.20 -2.24
CA VAL F 288 12.20 -40.67 -1.35
C VAL F 288 13.11 -41.77 -0.82
N LEU F 289 12.52 -42.90 -0.43
CA LEU F 289 13.32 -43.95 0.21
C LEU F 289 14.47 -44.43 -0.66
N PRO F 290 14.28 -44.78 -1.94
CA PRO F 290 15.45 -45.19 -2.74
C PRO F 290 16.49 -44.11 -2.91
N GLN F 291 16.07 -42.85 -3.11
CA GLN F 291 17.03 -41.76 -3.31
C GLN F 291 17.82 -41.47 -2.05
N ALA F 292 17.27 -41.77 -0.87
CA ALA F 292 18.00 -41.52 0.35
C ALA F 292 19.22 -42.44 0.45
N PHE F 293 19.01 -43.75 0.23
CA PHE F 293 20.11 -44.70 0.35
C PHE F 293 21.12 -44.55 -0.78
N ILE F 294 20.68 -44.20 -1.99
CA ILE F 294 21.60 -43.96 -3.09
C ILE F 294 22.51 -42.79 -2.76
N ALA F 295 21.93 -41.66 -2.35
CA ALA F 295 22.73 -40.48 -2.04
C ALA F 295 23.67 -40.73 -0.88
N ALA F 296 23.27 -41.60 0.06
CA ALA F 296 24.14 -41.92 1.20
C ALA F 296 25.42 -42.62 0.74
N MET F 297 25.28 -43.63 -0.13
CA MET F 297 26.42 -44.39 -0.60
C MET F 297 27.28 -43.62 -1.59
N GLU F 298 26.78 -42.53 -2.15
CA GLU F 298 27.58 -41.68 -3.04
C GLU F 298 28.26 -40.53 -2.30
N GLY F 299 28.07 -40.41 -1.00
CA GLY F 299 28.71 -39.37 -0.22
C GLY F 299 28.30 -37.96 -0.59
N GLU F 300 27.01 -37.74 -0.83
CA GLU F 300 26.52 -36.44 -1.24
C GLU F 300 26.05 -35.63 -0.02
N ASP F 301 25.90 -34.32 -0.23
CA ASP F 301 25.41 -33.41 0.79
C ASP F 301 23.89 -33.25 0.67
N GLU F 302 23.31 -32.47 1.59
CA GLU F 302 21.86 -32.35 1.63
C GLU F 302 21.32 -31.75 0.34
N GLN F 303 21.98 -30.74 -0.21
CA GLN F 303 21.49 -30.11 -1.43
C GLN F 303 21.50 -31.09 -2.60
N GLU F 304 22.56 -31.90 -2.71
CA GLU F 304 22.61 -32.90 -3.78
C GLU F 304 21.51 -33.94 -3.61
N PHE F 305 21.23 -34.34 -2.36
CA PHE F 305 20.12 -35.25 -2.14
C PHE F 305 18.78 -34.58 -2.38
N ARG F 306 18.68 -33.27 -2.13
CA ARG F 306 17.46 -32.56 -2.41
C ARG F 306 17.18 -32.53 -3.91
N GLN F 307 18.23 -32.32 -4.71
CA GLN F 307 18.06 -32.30 -6.15
C GLN F 307 17.60 -33.66 -6.67
N ARG F 308 17.97 -34.75 -5.99
CA ARG F 308 17.47 -36.06 -6.39
C ARG F 308 15.97 -36.18 -6.14
N CYS F 309 15.51 -35.76 -4.96
CA CYS F 309 14.10 -35.90 -4.63
C CYS F 309 13.23 -35.04 -5.53
N LEU F 310 13.60 -33.78 -5.73
CA LEU F 310 12.81 -32.91 -6.61
C LEU F 310 12.79 -33.47 -8.02
N THR F 311 13.94 -33.94 -8.51
CA THR F 311 13.98 -34.55 -9.83
C THR F 311 13.09 -35.78 -9.89
N ALA F 312 13.14 -36.62 -8.85
CA ALA F 312 12.26 -37.78 -8.80
C ALA F 312 10.79 -37.35 -8.72
N PHE F 313 10.49 -36.30 -7.93
CA PHE F 313 9.13 -35.79 -7.86
C PHE F 313 8.66 -35.28 -9.22
N GLN F 314 9.53 -34.58 -9.95
CA GLN F 314 9.14 -34.03 -11.23
C GLN F 314 8.98 -35.13 -12.28
N GLN F 315 9.90 -36.10 -12.30
CA GLN F 315 9.85 -37.13 -13.34
C GLN F 315 8.74 -38.14 -13.08
N SER F 316 8.40 -38.38 -11.82
CA SER F 316 7.33 -39.31 -11.48
C SER F 316 5.97 -38.63 -11.40
N GLU F 317 5.91 -37.31 -11.57
CA GLU F 317 4.68 -36.55 -11.44
C GLU F 317 4.01 -36.83 -10.10
N ALA F 318 4.79 -36.66 -9.02
CA ALA F 318 4.32 -36.99 -7.69
C ALA F 318 3.13 -36.12 -7.28
N LEU F 319 3.14 -34.85 -7.67
CA LEU F 319 2.01 -33.98 -7.36
C LEU F 319 0.75 -34.46 -8.06
N ASP F 320 0.86 -34.87 -9.32
CA ASP F 320 -0.29 -35.41 -10.02
C ASP F 320 -0.76 -36.72 -9.40
N VAL F 321 0.17 -37.51 -8.87
CA VAL F 321 -0.21 -38.76 -8.22
C VAL F 321 -1.05 -38.48 -6.98
N MET F 322 -0.63 -37.49 -6.18
CA MET F 322 -1.34 -37.18 -4.95
C MET F 322 -2.70 -36.54 -5.22
N ILE F 323 -2.75 -35.60 -6.17
CA ILE F 323 -4.02 -34.95 -6.48
C ILE F 323 -5.02 -35.98 -7.04
N GLY F 324 -4.57 -36.81 -7.98
CA GLY F 324 -5.46 -37.80 -8.56
C GLY F 324 -5.92 -38.84 -7.55
N SER F 325 -5.04 -39.21 -6.63
CA SER F 325 -5.38 -40.18 -5.59
C SER F 325 -6.45 -39.61 -4.66
N LEU F 326 -6.30 -38.35 -4.26
CA LEU F 326 -7.31 -37.70 -3.42
C LEU F 326 -8.64 -37.61 -4.16
N GLN F 327 -8.60 -37.31 -5.46
CA GLN F 327 -9.83 -37.21 -6.24
C GLN F 327 -10.56 -38.54 -6.31
N ASP F 328 -9.82 -39.64 -6.52
CA ASP F 328 -10.46 -40.96 -6.59
C ASP F 328 -11.08 -41.35 -5.26
N VAL F 329 -10.34 -41.15 -4.16
CA VAL F 329 -10.88 -41.53 -2.85
C VAL F 329 -12.10 -40.69 -2.51
N ALA F 330 -12.06 -39.39 -2.84
CA ALA F 330 -13.21 -38.52 -2.57
C ALA F 330 -14.45 -39.01 -3.34
N SER F 331 -14.28 -39.33 -4.62
CA SER F 331 -15.41 -39.80 -5.42
C SER F 331 -15.85 -41.21 -5.02
N LYS F 332 -14.91 -42.08 -4.66
CA LYS F 332 -15.27 -43.45 -4.29
C LYS F 332 -16.15 -43.47 -3.05
N LEU F 333 -15.80 -42.67 -2.05
CA LEU F 333 -16.46 -42.73 -0.76
C LEU F 333 -17.47 -41.60 -0.55
N SER F 334 -17.69 -40.75 -1.54
CA SER F 334 -18.66 -39.67 -1.41
C SER F 334 -20.02 -40.22 -1.02
N GLN F 335 -20.72 -39.48 -0.16
CA GLN F 335 -22.06 -39.87 0.27
C GLN F 335 -23.13 -38.90 -0.24
N VAL F 336 -22.76 -38.00 -1.15
CA VAL F 336 -23.73 -37.07 -1.72
C VAL F 336 -24.65 -37.80 -2.69
N VAL F 337 -25.89 -37.34 -2.78
CA VAL F 337 -26.86 -37.93 -3.69
C VAL F 337 -26.49 -37.63 -5.14
#